data_2BHI
# 
_entry.id   2BHI 
# 
_audit_conform.dict_name       mmcif_pdbx.dic 
_audit_conform.dict_version    5.398 
_audit_conform.dict_location   http://mmcif.pdb.org/dictionaries/ascii/mmcif_pdbx.dic 
# 
loop_
_database_2.database_id 
_database_2.database_code 
_database_2.pdbx_database_accession 
_database_2.pdbx_DOI 
PDB   2BHI         pdb_00002bhi 10.2210/pdb2bhi/pdb 
PDBE  EBI-22371    ?            ?                   
WWPDB D_1290022371 ?            ?                   
# 
loop_
_pdbx_audit_revision_history.ordinal 
_pdbx_audit_revision_history.data_content_type 
_pdbx_audit_revision_history.major_revision 
_pdbx_audit_revision_history.minor_revision 
_pdbx_audit_revision_history.revision_date 
1 'Structure model' 1 0 2005-11-28 
2 'Structure model' 1 1 2011-05-08 
3 'Structure model' 1 2 2011-07-13 
4 'Structure model' 1 3 2023-12-13 
5 'Structure model' 1 4 2024-11-13 
# 
_pdbx_audit_revision_details.ordinal             1 
_pdbx_audit_revision_details.revision_ordinal    1 
_pdbx_audit_revision_details.data_content_type   'Structure model' 
_pdbx_audit_revision_details.provider            repository 
_pdbx_audit_revision_details.type                'Initial release' 
_pdbx_audit_revision_details.description         ? 
_pdbx_audit_revision_details.details             ? 
# 
loop_
_pdbx_audit_revision_group.ordinal 
_pdbx_audit_revision_group.revision_ordinal 
_pdbx_audit_revision_group.data_content_type 
_pdbx_audit_revision_group.group 
1 2 'Structure model' 'Version format compliance' 
2 3 'Structure model' 'Version format compliance' 
3 4 'Structure model' 'Data collection'           
4 4 'Structure model' 'Database references'       
5 4 'Structure model' Other                       
6 4 'Structure model' 'Refinement description'    
7 5 'Structure model' 'Structure summary'         
# 
loop_
_pdbx_audit_revision_category.ordinal 
_pdbx_audit_revision_category.revision_ordinal 
_pdbx_audit_revision_category.data_content_type 
_pdbx_audit_revision_category.category 
1 4 'Structure model' chem_comp_atom                
2 4 'Structure model' chem_comp_bond                
3 4 'Structure model' database_2                    
4 4 'Structure model' pdbx_database_status          
5 4 'Structure model' pdbx_initial_refinement_model 
6 5 'Structure model' pdbx_entry_details            
7 5 'Structure model' pdbx_modification_feature     
# 
loop_
_pdbx_audit_revision_item.ordinal 
_pdbx_audit_revision_item.revision_ordinal 
_pdbx_audit_revision_item.data_content_type 
_pdbx_audit_revision_item.item 
1 4 'Structure model' '_database_2.pdbx_DOI'                         
2 4 'Structure model' '_database_2.pdbx_database_accession'          
3 4 'Structure model' '_pdbx_database_status.status_code_sf'         
4 5 'Structure model' '_pdbx_entry_details.has_protein_modification' 
# 
_pdbx_database_status.status_code                     REL 
_pdbx_database_status.entry_id                        2BHI 
_pdbx_database_status.deposit_site                    PDBE 
_pdbx_database_status.process_site                    PDBE 
_pdbx_database_status.SG_entry                        . 
_pdbx_database_status.recvd_initial_deposition_date   2005-01-12 
_pdbx_database_status.pdb_format_compatible           Y 
_pdbx_database_status.status_code_sf                  REL 
_pdbx_database_status.status_code_mr                  ? 
_pdbx_database_status.status_code_cs                  ? 
_pdbx_database_status.methods_development_category    ? 
_pdbx_database_status.status_code_nmr_data            ? 
# 
loop_
_pdbx_database_related.db_name 
_pdbx_database_related.db_id 
_pdbx_database_related.content_type 
_pdbx_database_related.details 
PDB 1H0J unspecified 'STRUCTURAL BASIS OF THE MEMBRANE-INDUCED CARDIOTOXIN A3 OLIGOMERIZATION' 
PDB 1I02 unspecified 'NMR STRUCTURE OF CTX A3 AT NEUTRAL PH (20 STRUCTURES)' 
PDB 1XT3 unspecified 
'STRUCTURE BASIS OF VENOM CITRATE-DEPENDENT HEPARIN SULFATE-MEDIATED CELL SURFACE RETENTION OF COBRA CARDIOTOXIN A3' 
PDB 2CRS unspecified 'CARDIOTOXIN III (NMR, 13 STRUCTURES)' 
PDB 2CRT unspecified 'CARDIOTOXIN III (NMR, MINIMIZED AVERAGE STRUCTURE)' 
# 
loop_
_audit_author.name 
_audit_author.pdbx_ordinal 
'Wang, C.-H.'  1 
'Liu, J.-H.'   2 
'Wu, P.-L.'    3 
'Lee, S.-C.'   4 
'Hsiao, C.-D.' 5 
'Wu, W.-G.'    6 
# 
_citation.id                        primary 
_citation.title                     
;Glycosphingolipid-Facilitated Membrane Insertion and Internalization of Cobra Cardiotoxin: The Sulfatide/Cardiotoxin Complex Structure in a Membrane-Like Environment Suggests a Lipid-Dependent Cell-Penetrating Mechanism for Membrane Binding Polypeptides.
;
_citation.journal_abbrev            J.Biol.Chem. 
_citation.journal_volume            281 
_citation.page_first                656 
_citation.page_last                 ? 
_citation.year                      2006 
_citation.journal_id_ASTM           JBCHA3 
_citation.country                   US 
_citation.journal_id_ISSN           0021-9258 
_citation.journal_id_CSD            0071 
_citation.book_publisher            ? 
_citation.pdbx_database_id_PubMed   16263708 
_citation.pdbx_database_id_DOI      10.1074/JBC.M507880200 
# 
loop_
_citation_author.citation_id 
_citation_author.name 
_citation_author.ordinal 
_citation_author.identifier_ORCID 
primary 'Wang, C.-H.'  1 ? 
primary 'Liu, J.-H.'   2 ? 
primary 'Lee, S.-C.'   3 ? 
primary 'Hsiao, C.-D.' 4 ? 
primary 'Wu, W.-G.'    5 ? 
# 
loop_
_entity.id 
_entity.type 
_entity.src_method 
_entity.pdbx_description 
_entity.formula_weight 
_entity.pdbx_number_of_molecules 
_entity.pdbx_ec 
_entity.pdbx_mutation 
_entity.pdbx_fragment 
_entity.details 
1 polymer     nat 'CYTOTOXIN 3'                         6758.330 2   ? ? ? ? 
2 non-polymer syn SULFOGALACTOCERAMIDE                  908.317  1   ? ? ? ? 
3 non-polymer syn 'HEXAETHYLENE GLYCOL MONODECYL ETHER' 422.596  11  ? ? ? ? 
4 water       nat water                                 18.015   100 ? ? ? ? 
# 
_entity_name_com.entity_id   1 
_entity_name_com.name        'CARDIOTOXIN 3, CTX-3, CARDIOTOXIN ANALOG III, CTX IIICARDIOTOXIN 3' 
# 
_entity_poly.entity_id                      1 
_entity_poly.type                           'polypeptide(L)' 
_entity_poly.nstd_linkage                   no 
_entity_poly.nstd_monomer                   no 
_entity_poly.pdbx_seq_one_letter_code       LKCNKLVPLFYKTCPAGKNLCYKMFMVATPKVPVKRGCIDVCPKSSLLVKYVCCNTDRCN 
_entity_poly.pdbx_seq_one_letter_code_can   LKCNKLVPLFYKTCPAGKNLCYKMFMVATPKVPVKRGCIDVCPKSSLLVKYVCCNTDRCN 
_entity_poly.pdbx_strand_id                 A,B 
_entity_poly.pdbx_target_identifier         ? 
# 
loop_
_pdbx_entity_nonpoly.entity_id 
_pdbx_entity_nonpoly.name 
_pdbx_entity_nonpoly.comp_id 
2 SULFOGALACTOCERAMIDE                  SFT 
3 'HEXAETHYLENE GLYCOL MONODECYL ETHER' C10 
4 water                                 HOH 
# 
loop_
_entity_poly_seq.entity_id 
_entity_poly_seq.num 
_entity_poly_seq.mon_id 
_entity_poly_seq.hetero 
1 1  LEU n 
1 2  LYS n 
1 3  CYS n 
1 4  ASN n 
1 5  LYS n 
1 6  LEU n 
1 7  VAL n 
1 8  PRO n 
1 9  LEU n 
1 10 PHE n 
1 11 TYR n 
1 12 LYS n 
1 13 THR n 
1 14 CYS n 
1 15 PRO n 
1 16 ALA n 
1 17 GLY n 
1 18 LYS n 
1 19 ASN n 
1 20 LEU n 
1 21 CYS n 
1 22 TYR n 
1 23 LYS n 
1 24 MET n 
1 25 PHE n 
1 26 MET n 
1 27 VAL n 
1 28 ALA n 
1 29 THR n 
1 30 PRO n 
1 31 LYS n 
1 32 VAL n 
1 33 PRO n 
1 34 VAL n 
1 35 LYS n 
1 36 ARG n 
1 37 GLY n 
1 38 CYS n 
1 39 ILE n 
1 40 ASP n 
1 41 VAL n 
1 42 CYS n 
1 43 PRO n 
1 44 LYS n 
1 45 SER n 
1 46 SER n 
1 47 LEU n 
1 48 LEU n 
1 49 VAL n 
1 50 LYS n 
1 51 TYR n 
1 52 VAL n 
1 53 CYS n 
1 54 CYS n 
1 55 ASN n 
1 56 THR n 
1 57 ASP n 
1 58 ARG n 
1 59 CYS n 
1 60 ASN n 
# 
_entity_src_nat.entity_id                  1 
_entity_src_nat.pdbx_src_id                1 
_entity_src_nat.pdbx_alt_source_flag       sample 
_entity_src_nat.pdbx_beg_seq_num           ? 
_entity_src_nat.pdbx_end_seq_num           ? 
_entity_src_nat.common_name                'CHINESE COBRA' 
_entity_src_nat.pdbx_organism_scientific   'NAJA ATRA' 
_entity_src_nat.pdbx_ncbi_taxonomy_id      8656 
_entity_src_nat.genus                      ? 
_entity_src_nat.species                    ? 
_entity_src_nat.strain                     ? 
_entity_src_nat.tissue                     ? 
_entity_src_nat.tissue_fraction            ? 
_entity_src_nat.pdbx_secretion             ? 
_entity_src_nat.pdbx_fragment              ? 
_entity_src_nat.pdbx_variant               ? 
_entity_src_nat.pdbx_cell_line             ? 
_entity_src_nat.pdbx_atcc                  ? 
_entity_src_nat.pdbx_cellular_location     ? 
_entity_src_nat.pdbx_organ                 'VENOM GLAND' 
_entity_src_nat.pdbx_organelle             ? 
_entity_src_nat.pdbx_cell                  ? 
_entity_src_nat.pdbx_plasmid_name          ? 
_entity_src_nat.pdbx_plasmid_details       ? 
_entity_src_nat.details                    ? 
# 
loop_
_chem_comp.id 
_chem_comp.type 
_chem_comp.mon_nstd_flag 
_chem_comp.name 
_chem_comp.pdbx_synonyms 
_chem_comp.formula 
_chem_comp.formula_weight 
ALA 'L-peptide linking' y ALANINE                               ?         'C3 H7 N O2'      89.093  
ARG 'L-peptide linking' y ARGININE                              ?         'C6 H15 N4 O2 1'  175.209 
ASN 'L-peptide linking' y ASPARAGINE                            ?         'C4 H8 N2 O3'     132.118 
ASP 'L-peptide linking' y 'ASPARTIC ACID'                       ?         'C4 H7 N O4'      133.103 
C10 non-polymer         . 'HEXAETHYLENE GLYCOL MONODECYL ETHER' ?         'C22 H46 O7'      422.596 
CYS 'L-peptide linking' y CYSTEINE                              ?         'C3 H7 N O2 S'    121.158 
GLY 'peptide linking'   y GLYCINE                               ?         'C2 H5 N O2'      75.067  
HOH non-polymer         . WATER                                 ?         'H2 O'            18.015  
ILE 'L-peptide linking' y ISOLEUCINE                            ?         'C6 H13 N O2'     131.173 
LEU 'L-peptide linking' y LEUCINE                               ?         'C6 H13 N O2'     131.173 
LYS 'L-peptide linking' y LYSINE                                ?         'C6 H15 N2 O2 1'  147.195 
MET 'L-peptide linking' y METHIONINE                            ?         'C5 H11 N O2 S'   149.211 
PHE 'L-peptide linking' y PHENYLALANINE                         ?         'C9 H11 N O2'     165.189 
PRO 'L-peptide linking' y PROLINE                               ?         'C5 H9 N O2'      115.130 
SER 'L-peptide linking' y SERINE                                ?         'C3 H7 N O3'      105.093 
SFT non-polymer         . SULFOGALACTOCERAMIDE                  SULFATIDE 'C48 H93 N O12 S' 908.317 
THR 'L-peptide linking' y THREONINE                             ?         'C4 H9 N O3'      119.119 
TYR 'L-peptide linking' y TYROSINE                              ?         'C9 H11 N O3'     181.189 
VAL 'L-peptide linking' y VALINE                                ?         'C5 H11 N O2'     117.146 
# 
loop_
_pdbx_poly_seq_scheme.asym_id 
_pdbx_poly_seq_scheme.entity_id 
_pdbx_poly_seq_scheme.seq_id 
_pdbx_poly_seq_scheme.mon_id 
_pdbx_poly_seq_scheme.ndb_seq_num 
_pdbx_poly_seq_scheme.pdb_seq_num 
_pdbx_poly_seq_scheme.auth_seq_num 
_pdbx_poly_seq_scheme.pdb_mon_id 
_pdbx_poly_seq_scheme.auth_mon_id 
_pdbx_poly_seq_scheme.pdb_strand_id 
_pdbx_poly_seq_scheme.pdb_ins_code 
_pdbx_poly_seq_scheme.hetero 
A 1 1  LEU 1  1  1  LEU LEU A . n 
A 1 2  LYS 2  2  2  LYS LYS A . n 
A 1 3  CYS 3  3  3  CYS CYS A . n 
A 1 4  ASN 4  4  4  ASN ASN A . n 
A 1 5  LYS 5  5  5  LYS LYS A . n 
A 1 6  LEU 6  6  6  LEU LEU A . n 
A 1 7  VAL 7  7  7  VAL VAL A . n 
A 1 8  PRO 8  8  8  PRO PRO A . n 
A 1 9  LEU 9  9  9  LEU LEU A . n 
A 1 10 PHE 10 10 10 PHE PHE A . n 
A 1 11 TYR 11 11 11 TYR TYR A . n 
A 1 12 LYS 12 12 12 LYS LYS A . n 
A 1 13 THR 13 13 13 THR THR A . n 
A 1 14 CYS 14 14 14 CYS CYS A . n 
A 1 15 PRO 15 15 15 PRO PRO A . n 
A 1 16 ALA 16 16 16 ALA ALA A . n 
A 1 17 GLY 17 17 17 GLY GLY A . n 
A 1 18 LYS 18 18 18 LYS LYS A . n 
A 1 19 ASN 19 19 19 ASN ASN A . n 
A 1 20 LEU 20 20 20 LEU LEU A . n 
A 1 21 CYS 21 21 21 CYS CYS A . n 
A 1 22 TYR 22 22 22 TYR TYR A . n 
A 1 23 LYS 23 23 23 LYS LYS A . n 
A 1 24 MET 24 24 24 MET MET A . n 
A 1 25 PHE 25 25 25 PHE PHE A . n 
A 1 26 MET 26 26 26 MET MET A . n 
A 1 27 VAL 27 27 27 VAL VAL A . n 
A 1 28 ALA 28 28 28 ALA ALA A . n 
A 1 29 THR 29 29 29 THR THR A . n 
A 1 30 PRO 30 30 30 PRO PRO A . n 
A 1 31 LYS 31 31 31 LYS LYS A . n 
A 1 32 VAL 32 32 32 VAL VAL A . n 
A 1 33 PRO 33 33 33 PRO PRO A . n 
A 1 34 VAL 34 34 34 VAL VAL A . n 
A 1 35 LYS 35 35 35 LYS LYS A . n 
A 1 36 ARG 36 36 36 ARG ARG A . n 
A 1 37 GLY 37 37 37 GLY GLY A . n 
A 1 38 CYS 38 38 38 CYS CYS A . n 
A 1 39 ILE 39 39 39 ILE ILE A . n 
A 1 40 ASP 40 40 40 ASP ASP A . n 
A 1 41 VAL 41 41 41 VAL VAL A . n 
A 1 42 CYS 42 42 42 CYS CYS A . n 
A 1 43 PRO 43 43 43 PRO PRO A . n 
A 1 44 LYS 44 44 44 LYS LYS A . n 
A 1 45 SER 45 45 45 SER SER A . n 
A 1 46 SER 46 46 46 SER SER A . n 
A 1 47 LEU 47 47 47 LEU LEU A . n 
A 1 48 LEU 48 48 48 LEU LEU A . n 
A 1 49 VAL 49 49 49 VAL VAL A . n 
A 1 50 LYS 50 50 50 LYS LYS A . n 
A 1 51 TYR 51 51 51 TYR TYR A . n 
A 1 52 VAL 52 52 52 VAL VAL A . n 
A 1 53 CYS 53 53 53 CYS CYS A . n 
A 1 54 CYS 54 54 54 CYS CYS A . n 
A 1 55 ASN 55 55 55 ASN ASN A . n 
A 1 56 THR 56 56 56 THR THR A . n 
A 1 57 ASP 57 57 57 ASP ASP A . n 
A 1 58 ARG 58 58 58 ARG ARG A . n 
A 1 59 CYS 59 59 59 CYS CYS A . n 
A 1 60 ASN 60 60 60 ASN ASN A . n 
B 1 1  LEU 1  1  1  LEU LEU B . n 
B 1 2  LYS 2  2  2  LYS LYS B . n 
B 1 3  CYS 3  3  3  CYS CYS B . n 
B 1 4  ASN 4  4  4  ASN ASN B . n 
B 1 5  LYS 5  5  5  LYS LYS B . n 
B 1 6  LEU 6  6  6  LEU LEU B . n 
B 1 7  VAL 7  7  7  VAL VAL B . n 
B 1 8  PRO 8  8  8  PRO PRO B . n 
B 1 9  LEU 9  9  9  LEU LEU B . n 
B 1 10 PHE 10 10 10 PHE PHE B . n 
B 1 11 TYR 11 11 11 TYR TYR B . n 
B 1 12 LYS 12 12 12 LYS LYS B . n 
B 1 13 THR 13 13 13 THR THR B . n 
B 1 14 CYS 14 14 14 CYS CYS B . n 
B 1 15 PRO 15 15 15 PRO PRO B . n 
B 1 16 ALA 16 16 16 ALA ALA B . n 
B 1 17 GLY 17 17 17 GLY GLY B . n 
B 1 18 LYS 18 18 18 LYS LYS B . n 
B 1 19 ASN 19 19 19 ASN ASN B . n 
B 1 20 LEU 20 20 20 LEU LEU B . n 
B 1 21 CYS 21 21 21 CYS CYS B . n 
B 1 22 TYR 22 22 22 TYR TYR B . n 
B 1 23 LYS 23 23 23 LYS LYS B . n 
B 1 24 MET 24 24 24 MET MET B . n 
B 1 25 PHE 25 25 25 PHE PHE B . n 
B 1 26 MET 26 26 26 MET MET B . n 
B 1 27 VAL 27 27 27 VAL VAL B . n 
B 1 28 ALA 28 28 28 ALA ALA B . n 
B 1 29 THR 29 29 29 THR THR B . n 
B 1 30 PRO 30 30 30 PRO PRO B . n 
B 1 31 LYS 31 31 31 LYS LYS B . n 
B 1 32 VAL 32 32 32 VAL VAL B . n 
B 1 33 PRO 33 33 33 PRO PRO B . n 
B 1 34 VAL 34 34 34 VAL VAL B . n 
B 1 35 LYS 35 35 35 LYS LYS B . n 
B 1 36 ARG 36 36 36 ARG ARG B . n 
B 1 37 GLY 37 37 37 GLY GLY B . n 
B 1 38 CYS 38 38 38 CYS CYS B . n 
B 1 39 ILE 39 39 39 ILE ILE B . n 
B 1 40 ASP 40 40 40 ASP ASP B . n 
B 1 41 VAL 41 41 41 VAL VAL B . n 
B 1 42 CYS 42 42 42 CYS CYS B . n 
B 1 43 PRO 43 43 43 PRO PRO B . n 
B 1 44 LYS 44 44 44 LYS LYS B . n 
B 1 45 SER 45 45 45 SER SER B . n 
B 1 46 SER 46 46 46 SER SER B . n 
B 1 47 LEU 47 47 47 LEU LEU B . n 
B 1 48 LEU 48 48 48 LEU LEU B . n 
B 1 49 VAL 49 49 49 VAL VAL B . n 
B 1 50 LYS 50 50 50 LYS LYS B . n 
B 1 51 TYR 51 51 51 TYR TYR B . n 
B 1 52 VAL 52 52 52 VAL VAL B . n 
B 1 53 CYS 53 53 53 CYS CYS B . n 
B 1 54 CYS 54 54 54 CYS CYS B . n 
B 1 55 ASN 55 55 55 ASN ASN B . n 
B 1 56 THR 56 56 56 THR THR B . n 
B 1 57 ASP 57 57 57 ASP ASP B . n 
B 1 58 ARG 58 58 58 ARG ARG B . n 
B 1 59 CYS 59 59 59 CYS CYS B . n 
B 1 60 ASN 60 60 60 ASN ASN B . n 
# 
loop_
_pdbx_nonpoly_scheme.asym_id 
_pdbx_nonpoly_scheme.entity_id 
_pdbx_nonpoly_scheme.mon_id 
_pdbx_nonpoly_scheme.ndb_seq_num 
_pdbx_nonpoly_scheme.pdb_seq_num 
_pdbx_nonpoly_scheme.auth_seq_num 
_pdbx_nonpoly_scheme.pdb_mon_id 
_pdbx_nonpoly_scheme.auth_mon_id 
_pdbx_nonpoly_scheme.pdb_strand_id 
_pdbx_nonpoly_scheme.pdb_ins_code 
C 2 SFT 1  1061 1061 SFT SFT A . 
D 3 C10 1  1062 1062 C10 C10 A . 
E 3 C10 1  1063 1063 C10 C10 A . 
F 3 C10 1  1064 1064 C10 C10 A . 
G 3 C10 1  1065 1065 C10 C10 A . 
H 3 C10 1  1066 1066 C10 C10 A . 
I 3 C10 1  1067 1067 C10 C10 A . 
J 3 C10 1  1061 1061 C10 C10 B . 
K 3 C10 1  1062 1062 C10 C10 B . 
L 3 C10 1  1063 1063 C10 C10 B . 
M 3 C10 1  1064 1064 C10 C10 B . 
N 3 C10 1  1065 1065 C10 C10 B . 
O 4 HOH 1  2001 2001 HOH HOH A . 
O 4 HOH 2  2002 2002 HOH HOH A . 
O 4 HOH 3  2003 2003 HOH HOH A . 
O 4 HOH 4  2004 2004 HOH HOH A . 
O 4 HOH 5  2005 2005 HOH HOH A . 
O 4 HOH 6  2006 2006 HOH HOH A . 
O 4 HOH 7  2007 2007 HOH HOH A . 
O 4 HOH 8  2008 2008 HOH HOH A . 
O 4 HOH 9  2009 2009 HOH HOH A . 
O 4 HOH 10 2010 2010 HOH HOH A . 
O 4 HOH 11 2011 2011 HOH HOH A . 
O 4 HOH 12 2012 2012 HOH HOH A . 
O 4 HOH 13 2013 2013 HOH HOH A . 
O 4 HOH 14 2014 2014 HOH HOH A . 
O 4 HOH 15 2015 2015 HOH HOH A . 
O 4 HOH 16 2016 2016 HOH HOH A . 
O 4 HOH 17 2017 2017 HOH HOH A . 
O 4 HOH 18 2018 2018 HOH HOH A . 
O 4 HOH 19 2019 2019 HOH HOH A . 
O 4 HOH 20 2020 2020 HOH HOH A . 
O 4 HOH 21 2021 2021 HOH HOH A . 
O 4 HOH 22 2022 2022 HOH HOH A . 
O 4 HOH 23 2023 2023 HOH HOH A . 
O 4 HOH 24 2024 2024 HOH HOH A . 
O 4 HOH 25 2025 2025 HOH HOH A . 
O 4 HOH 26 2026 2026 HOH HOH A . 
O 4 HOH 27 2027 2027 HOH HOH A . 
O 4 HOH 28 2028 2028 HOH HOH A . 
O 4 HOH 29 2029 2029 HOH HOH A . 
O 4 HOH 30 2030 2030 HOH HOH A . 
O 4 HOH 31 2031 2031 HOH HOH A . 
O 4 HOH 32 2032 2032 HOH HOH A . 
O 4 HOH 33 2033 2033 HOH HOH A . 
O 4 HOH 34 2034 2034 HOH HOH A . 
O 4 HOH 35 2035 2035 HOH HOH A . 
O 4 HOH 36 2036 2036 HOH HOH A . 
O 4 HOH 37 2037 2037 HOH HOH A . 
O 4 HOH 38 2038 2038 HOH HOH A . 
O 4 HOH 39 2039 2039 HOH HOH A . 
O 4 HOH 40 2040 2040 HOH HOH A . 
O 4 HOH 41 2041 2041 HOH HOH A . 
O 4 HOH 42 2042 2042 HOH HOH A . 
O 4 HOH 43 2043 2043 HOH HOH A . 
O 4 HOH 44 2044 2044 HOH HOH A . 
O 4 HOH 45 2045 2045 HOH HOH A . 
O 4 HOH 46 2046 2046 HOH HOH A . 
O 4 HOH 47 2047 2047 HOH HOH A . 
O 4 HOH 48 2048 2048 HOH HOH A . 
O 4 HOH 49 2049 2049 HOH HOH A . 
P 4 HOH 1  2001 2001 HOH HOH B . 
P 4 HOH 2  2002 2002 HOH HOH B . 
P 4 HOH 3  2003 2003 HOH HOH B . 
P 4 HOH 4  2004 2004 HOH HOH B . 
P 4 HOH 5  2005 2005 HOH HOH B . 
P 4 HOH 6  2006 2006 HOH HOH B . 
P 4 HOH 7  2007 2007 HOH HOH B . 
P 4 HOH 8  2008 2008 HOH HOH B . 
P 4 HOH 9  2009 2009 HOH HOH B . 
P 4 HOH 10 2010 2010 HOH HOH B . 
P 4 HOH 11 2011 2011 HOH HOH B . 
P 4 HOH 12 2012 2012 HOH HOH B . 
P 4 HOH 13 2013 2013 HOH HOH B . 
P 4 HOH 14 2014 2014 HOH HOH B . 
P 4 HOH 15 2015 2015 HOH HOH B . 
P 4 HOH 16 2016 2016 HOH HOH B . 
P 4 HOH 17 2017 2017 HOH HOH B . 
P 4 HOH 18 2018 2018 HOH HOH B . 
P 4 HOH 19 2019 2019 HOH HOH B . 
P 4 HOH 20 2020 2020 HOH HOH B . 
P 4 HOH 21 2021 2021 HOH HOH B . 
P 4 HOH 22 2022 2022 HOH HOH B . 
P 4 HOH 23 2023 2023 HOH HOH B . 
P 4 HOH 24 2024 2024 HOH HOH B . 
P 4 HOH 25 2025 2025 HOH HOH B . 
P 4 HOH 26 2026 2026 HOH HOH B . 
P 4 HOH 27 2027 2027 HOH HOH B . 
P 4 HOH 28 2028 2028 HOH HOH B . 
P 4 HOH 29 2029 2029 HOH HOH B . 
P 4 HOH 30 2030 2030 HOH HOH B . 
P 4 HOH 31 2031 2031 HOH HOH B . 
P 4 HOH 32 2032 2032 HOH HOH B . 
P 4 HOH 33 2033 2033 HOH HOH B . 
P 4 HOH 34 2034 2034 HOH HOH B . 
P 4 HOH 35 2035 2035 HOH HOH B . 
P 4 HOH 36 2036 2036 HOH HOH B . 
P 4 HOH 37 2037 2037 HOH HOH B . 
P 4 HOH 38 2038 2038 HOH HOH B . 
P 4 HOH 39 2039 2039 HOH HOH B . 
P 4 HOH 40 2040 2040 HOH HOH B . 
P 4 HOH 41 2041 2041 HOH HOH B . 
P 4 HOH 42 2042 2042 HOH HOH B . 
P 4 HOH 43 2043 2043 HOH HOH B . 
P 4 HOH 44 2044 2044 HOH HOH B . 
P 4 HOH 45 2045 2045 HOH HOH B . 
P 4 HOH 46 2046 2046 HOH HOH B . 
P 4 HOH 47 2047 2047 HOH HOH B . 
P 4 HOH 48 2048 2048 HOH HOH B . 
P 4 HOH 49 2049 2049 HOH HOH B . 
P 4 HOH 50 2050 2050 HOH HOH B . 
P 4 HOH 51 2051 2051 HOH HOH B . 
# 
loop_
_pdbx_unobs_or_zero_occ_atoms.id 
_pdbx_unobs_or_zero_occ_atoms.PDB_model_num 
_pdbx_unobs_or_zero_occ_atoms.polymer_flag 
_pdbx_unobs_or_zero_occ_atoms.occupancy_flag 
_pdbx_unobs_or_zero_occ_atoms.auth_asym_id 
_pdbx_unobs_or_zero_occ_atoms.auth_comp_id 
_pdbx_unobs_or_zero_occ_atoms.auth_seq_id 
_pdbx_unobs_or_zero_occ_atoms.PDB_ins_code 
_pdbx_unobs_or_zero_occ_atoms.auth_atom_id 
_pdbx_unobs_or_zero_occ_atoms.label_alt_id 
_pdbx_unobs_or_zero_occ_atoms.label_asym_id 
_pdbx_unobs_or_zero_occ_atoms.label_comp_id 
_pdbx_unobs_or_zero_occ_atoms.label_seq_id 
_pdbx_unobs_or_zero_occ_atoms.label_atom_id 
1   1 N 1 A C10 1064 ? C1  ? F C10 1 C1  
2   1 N 1 A C10 1064 ? C2  ? F C10 1 C2  
3   1 N 1 A C10 1064 ? C3  ? F C10 1 C3  
4   1 N 1 A C10 1064 ? C4  ? F C10 1 C4  
5   1 N 1 A C10 1064 ? C5  ? F C10 1 C5  
6   1 N 1 A C10 1064 ? C6  ? F C10 1 C6  
7   1 N 1 A C10 1064 ? C7  ? F C10 1 C7  
8   1 N 1 A C10 1064 ? C8  ? F C10 1 C8  
9   1 N 1 A C10 1064 ? C9  ? F C10 1 C9  
10  1 N 1 A C10 1064 ? C10 ? F C10 1 C10 
11  1 N 1 A C10 1065 ? C1  ? G C10 1 C1  
12  1 N 1 A C10 1065 ? C2  ? G C10 1 C2  
13  1 N 1 A C10 1065 ? C3  ? G C10 1 C3  
14  1 N 1 A C10 1065 ? C4  ? G C10 1 C4  
15  1 N 1 A C10 1065 ? C5  ? G C10 1 C5  
16  1 N 1 A C10 1065 ? C6  ? G C10 1 C6  
17  1 N 1 A C10 1065 ? C7  ? G C10 1 C7  
18  1 N 1 A C10 1065 ? C8  ? G C10 1 C8  
19  1 N 1 A C10 1065 ? C9  ? G C10 1 C9  
20  1 N 1 A C10 1065 ? C10 ? G C10 1 C10 
21  1 N 1 A C10 1065 ? C27 ? G C10 1 C27 
22  1 N 1 A C10 1065 ? C28 ? G C10 1 C28 
23  1 N 1 A C10 1065 ? O29 ? G C10 1 O29 
24  1 N 1 A C10 1066 ? C1  ? H C10 1 C1  
25  1 N 1 A C10 1066 ? C2  ? H C10 1 C2  
26  1 N 1 A C10 1066 ? C3  ? H C10 1 C3  
27  1 N 1 A C10 1066 ? C4  ? H C10 1 C4  
28  1 N 1 A C10 1066 ? C5  ? H C10 1 C5  
29  1 N 1 A C10 1066 ? C6  ? H C10 1 C6  
30  1 N 1 A C10 1066 ? C7  ? H C10 1 C7  
31  1 N 1 A C10 1066 ? C8  ? H C10 1 C8  
32  1 N 1 A C10 1066 ? C9  ? H C10 1 C9  
33  1 N 1 A C10 1066 ? C10 ? H C10 1 C10 
34  1 N 1 A C10 1066 ? C24 ? H C10 1 C24 
35  1 N 1 A C10 1066 ? C25 ? H C10 1 C25 
36  1 N 1 A C10 1066 ? O26 ? H C10 1 O26 
37  1 N 1 A C10 1066 ? C27 ? H C10 1 C27 
38  1 N 1 A C10 1066 ? C28 ? H C10 1 C28 
39  1 N 1 A C10 1066 ? O29 ? H C10 1 O29 
40  1 N 1 A C10 1067 ? C1  ? I C10 1 C1  
41  1 N 1 A C10 1067 ? C2  ? I C10 1 C2  
42  1 N 1 A C10 1067 ? C3  ? I C10 1 C3  
43  1 N 1 A C10 1067 ? C4  ? I C10 1 C4  
44  1 N 1 A C10 1067 ? C5  ? I C10 1 C5  
45  1 N 1 A C10 1067 ? C6  ? I C10 1 C6  
46  1 N 1 A C10 1067 ? C7  ? I C10 1 C7  
47  1 N 1 A C10 1067 ? C8  ? I C10 1 C8  
48  1 N 1 A C10 1067 ? C9  ? I C10 1 C9  
49  1 N 1 A C10 1067 ? C10 ? I C10 1 C10 
50  1 N 1 A C10 1067 ? C24 ? I C10 1 C24 
51  1 N 1 A C10 1067 ? C25 ? I C10 1 C25 
52  1 N 1 A C10 1067 ? O26 ? I C10 1 O26 
53  1 N 1 A C10 1067 ? C27 ? I C10 1 C27 
54  1 N 1 A C10 1067 ? C28 ? I C10 1 C28 
55  1 N 1 A C10 1067 ? O29 ? I C10 1 O29 
56  1 N 1 B C10 1061 ? C1  ? J C10 1 C1  
57  1 N 1 B C10 1061 ? C2  ? J C10 1 C2  
58  1 N 1 B C10 1061 ? C3  ? J C10 1 C3  
59  1 N 1 B C10 1061 ? C4  ? J C10 1 C4  
60  1 N 1 B C10 1061 ? C5  ? J C10 1 C5  
61  1 N 1 B C10 1061 ? C6  ? J C10 1 C6  
62  1 N 1 B C10 1061 ? C7  ? J C10 1 C7  
63  1 N 1 B C10 1061 ? C8  ? J C10 1 C8  
64  1 N 1 B C10 1061 ? C9  ? J C10 1 C9  
65  1 N 1 B C10 1061 ? C10 ? J C10 1 C10 
66  1 N 1 B C10 1061 ? C27 ? J C10 1 C27 
67  1 N 1 B C10 1061 ? C28 ? J C10 1 C28 
68  1 N 1 B C10 1061 ? O29 ? J C10 1 O29 
69  1 N 1 B C10 1062 ? C1  ? K C10 1 C1  
70  1 N 1 B C10 1062 ? C2  ? K C10 1 C2  
71  1 N 1 B C10 1062 ? C3  ? K C10 1 C3  
72  1 N 1 B C10 1062 ? C4  ? K C10 1 C4  
73  1 N 1 B C10 1062 ? C5  ? K C10 1 C5  
74  1 N 1 B C10 1062 ? C6  ? K C10 1 C6  
75  1 N 1 B C10 1062 ? C7  ? K C10 1 C7  
76  1 N 1 B C10 1062 ? C8  ? K C10 1 C8  
77  1 N 1 B C10 1062 ? C9  ? K C10 1 C9  
78  1 N 1 B C10 1062 ? C10 ? K C10 1 C10 
79  1 N 1 B C10 1062 ? C27 ? K C10 1 C27 
80  1 N 1 B C10 1062 ? C28 ? K C10 1 C28 
81  1 N 1 B C10 1062 ? O29 ? K C10 1 O29 
82  1 N 1 B C10 1063 ? C1  ? L C10 1 C1  
83  1 N 1 B C10 1063 ? C2  ? L C10 1 C2  
84  1 N 1 B C10 1063 ? C3  ? L C10 1 C3  
85  1 N 1 B C10 1063 ? C4  ? L C10 1 C4  
86  1 N 1 B C10 1063 ? C5  ? L C10 1 C5  
87  1 N 1 B C10 1063 ? C6  ? L C10 1 C6  
88  1 N 1 B C10 1063 ? C7  ? L C10 1 C7  
89  1 N 1 B C10 1063 ? C8  ? L C10 1 C8  
90  1 N 1 B C10 1063 ? C9  ? L C10 1 C9  
91  1 N 1 B C10 1063 ? C10 ? L C10 1 C10 
92  1 N 1 B C10 1063 ? C24 ? L C10 1 C24 
93  1 N 1 B C10 1063 ? C25 ? L C10 1 C25 
94  1 N 1 B C10 1063 ? O26 ? L C10 1 O26 
95  1 N 1 B C10 1063 ? C27 ? L C10 1 C27 
96  1 N 1 B C10 1063 ? C28 ? L C10 1 C28 
97  1 N 1 B C10 1063 ? O29 ? L C10 1 O29 
98  1 N 1 B C10 1064 ? C1  ? M C10 1 C1  
99  1 N 1 B C10 1064 ? C2  ? M C10 1 C2  
100 1 N 1 B C10 1064 ? C3  ? M C10 1 C3  
101 1 N 1 B C10 1064 ? C4  ? M C10 1 C4  
102 1 N 1 B C10 1064 ? C5  ? M C10 1 C5  
103 1 N 1 B C10 1064 ? C6  ? M C10 1 C6  
104 1 N 1 B C10 1064 ? C7  ? M C10 1 C7  
105 1 N 1 B C10 1064 ? C8  ? M C10 1 C8  
106 1 N 1 B C10 1064 ? C9  ? M C10 1 C9  
107 1 N 1 B C10 1064 ? C10 ? M C10 1 C10 
108 1 N 1 B C10 1064 ? C21 ? M C10 1 C21 
109 1 N 1 B C10 1064 ? C22 ? M C10 1 C22 
110 1 N 1 B C10 1064 ? O23 ? M C10 1 O23 
111 1 N 1 B C10 1064 ? C24 ? M C10 1 C24 
112 1 N 1 B C10 1064 ? C25 ? M C10 1 C25 
113 1 N 1 B C10 1064 ? O26 ? M C10 1 O26 
114 1 N 1 B C10 1064 ? C27 ? M C10 1 C27 
115 1 N 1 B C10 1064 ? C28 ? M C10 1 C28 
116 1 N 1 B C10 1064 ? O29 ? M C10 1 O29 
117 1 N 1 B C10 1065 ? C1  ? N C10 1 C1  
118 1 N 1 B C10 1065 ? C2  ? N C10 1 C2  
119 1 N 1 B C10 1065 ? C3  ? N C10 1 C3  
120 1 N 1 B C10 1065 ? C4  ? N C10 1 C4  
121 1 N 1 B C10 1065 ? C5  ? N C10 1 C5  
122 1 N 1 B C10 1065 ? C6  ? N C10 1 C6  
123 1 N 1 B C10 1065 ? C7  ? N C10 1 C7  
124 1 N 1 B C10 1065 ? C8  ? N C10 1 C8  
125 1 N 1 B C10 1065 ? C9  ? N C10 1 C9  
126 1 N 1 B C10 1065 ? C10 ? N C10 1 C10 
127 1 N 1 B C10 1065 ? C21 ? N C10 1 C21 
128 1 N 1 B C10 1065 ? C22 ? N C10 1 C22 
129 1 N 1 B C10 1065 ? O23 ? N C10 1 O23 
130 1 N 1 B C10 1065 ? C24 ? N C10 1 C24 
131 1 N 1 B C10 1065 ? C25 ? N C10 1 C25 
132 1 N 1 B C10 1065 ? O26 ? N C10 1 O26 
133 1 N 1 B C10 1065 ? C27 ? N C10 1 C27 
134 1 N 1 B C10 1065 ? C28 ? N C10 1 C28 
135 1 N 1 B C10 1065 ? O29 ? N C10 1 O29 
# 
loop_
_software.name 
_software.classification 
_software.version 
_software.citation_id 
_software.pdbx_ordinal 
CNS      refinement       1.1 ? 1 
HKL-2000 'data reduction' .   ? 2 
HKL-2000 'data scaling'   .   ? 3 
AMoRE    phasing          .   ? 4 
# 
_cell.entry_id           2BHI 
_cell.length_a           63.327 
_cell.length_b           63.327 
_cell.length_c           120.879 
_cell.angle_alpha        90.00 
_cell.angle_beta         90.00 
_cell.angle_gamma        120.00 
_cell.Z_PDB              24 
_cell.pdbx_unique_axis   ? 
# 
_symmetry.entry_id                         2BHI 
_symmetry.space_group_name_H-M             'P 63 2 2' 
_symmetry.pdbx_full_space_group_name_H-M   ? 
_symmetry.cell_setting                     ? 
_symmetry.Int_Tables_number                182 
# 
_exptl.entry_id          2BHI 
_exptl.method            'X-RAY DIFFRACTION' 
_exptl.crystals_number   1 
# 
_exptl_crystal.id                    1 
_exptl_crystal.density_meas          ? 
_exptl_crystal.density_Matthews      2.6 
_exptl_crystal.density_percent_sol   52.2 
_exptl_crystal.description           ? 
# 
_exptl_crystal_grow.crystal_id      1 
_exptl_crystal_grow.method          ? 
_exptl_crystal_grow.temp            ? 
_exptl_crystal_grow.temp_details    ? 
_exptl_crystal_grow.pH              7.00 
_exptl_crystal_grow.pdbx_pH_range   ? 
_exptl_crystal_grow.pdbx_details    
;1.8 M SODIUM MALONATE, 7.5% (V/V) TERT-BUTANOL, 7.5% (V/V) PENTAERYTHRITOL ETHOXYLATE (15/4 EO/OH), 0.08% (W/V) C10E6, 50 MM IMIDAZOLE, AND 50 MM TRIS-HCL, PH 7.0.
;
# 
_diffrn.id                     1 
_diffrn.ambient_temp           100.0 
_diffrn.ambient_temp_details   ? 
_diffrn.crystal_id             1 
# 
_diffrn_detector.diffrn_id              1 
_diffrn_detector.detector               CCD 
_diffrn_detector.type                   'ADSC CCD' 
_diffrn_detector.pdbx_collection_date   2004-04-18 
_diffrn_detector.details                MIRRORS 
# 
_diffrn_radiation.diffrn_id                        1 
_diffrn_radiation.wavelength_id                    1 
_diffrn_radiation.pdbx_monochromatic_or_laue_m_l   M 
_diffrn_radiation.monochromator                    'DCM WITH SAGITTAL FOCUSING' 
_diffrn_radiation.pdbx_diffrn_protocol             'SINGLE WAVELENGTH' 
_diffrn_radiation.pdbx_scattering_type             x-ray 
# 
_diffrn_radiation_wavelength.id           1 
_diffrn_radiation_wavelength.wavelength   1.1271 
_diffrn_radiation_wavelength.wt           1.0 
# 
_diffrn_source.diffrn_id                   1 
_diffrn_source.source                      SYNCHROTRON 
_diffrn_source.type                        'NSRRC BEAMLINE BL17B2' 
_diffrn_source.pdbx_synchrotron_site       NSRRC 
_diffrn_source.pdbx_synchrotron_beamline   BL17B2 
_diffrn_source.pdbx_wavelength             1.1271 
_diffrn_source.pdbx_wavelength_list        ? 
# 
_reflns.pdbx_diffrn_id               1 
_reflns.pdbx_ordinal                 1 
_reflns.entry_id                     2BHI 
_reflns.observed_criterion_sigma_I   2.000 
_reflns.observed_criterion_sigma_F   ? 
_reflns.d_resolution_low             26.500 
_reflns.d_resolution_high            2.300 
_reflns.number_obs                   6821 
_reflns.number_all                   ? 
_reflns.percent_possible_obs         99.8 
_reflns.pdbx_Rmerge_I_obs            0.05000 
_reflns.pdbx_Rsym_value              ? 
_reflns.pdbx_netI_over_sigmaI        34.6000 
_reflns.B_iso_Wilson_estimate        25.9 
_reflns.pdbx_redundancy              6.100 
# 
_reflns_shell.pdbx_diffrn_id         1 
_reflns_shell.pdbx_ordinal           1 
_reflns_shell.d_res_high             2.30 
_reflns_shell.d_res_low              2.40 
_reflns_shell.percent_possible_all   100.0 
_reflns_shell.Rmerge_I_obs           0.34000 
_reflns_shell.pdbx_Rsym_value        ? 
_reflns_shell.meanI_over_sigI_obs    5.100 
_reflns_shell.pdbx_redundancy        5.80 
# 
_refine.pdbx_refine_id                           'X-RAY DIFFRACTION' 
_refine.entry_id                                 2BHI 
_refine.pdbx_diffrn_id                           1 
_refine.pdbx_TLS_residual_ADP_flag               ? 
_refine.ls_number_reflns_obs                     6126 
_refine.ls_number_reflns_all                     ? 
_refine.pdbx_ls_sigma_I                          ? 
_refine.pdbx_ls_sigma_F                          2.0 
_refine.pdbx_data_cutoff_high_absF               521475.44 
_refine.pdbx_data_cutoff_low_absF                ? 
_refine.pdbx_data_cutoff_high_rms_absF           ? 
_refine.ls_d_res_low                             26.47 
_refine.ls_d_res_high                            2.31 
_refine.ls_percent_reflns_obs                    90.0 
_refine.ls_R_factor_obs                          0.219 
_refine.ls_R_factor_all                          ? 
_refine.ls_R_factor_R_work                       0.219 
_refine.ls_R_factor_R_free                       0.222 
_refine.ls_R_factor_R_free_error                 0.010 
_refine.ls_R_factor_R_free_error_details         ? 
_refine.ls_percent_reflns_R_free                 8.2 
_refine.ls_number_reflns_R_free                  501 
_refine.ls_number_parameters                     ? 
_refine.ls_number_restraints                     ? 
_refine.occupancy_min                            ? 
_refine.occupancy_max                            ? 
_refine.correlation_coeff_Fo_to_Fc               ? 
_refine.correlation_coeff_Fo_to_Fc_free          ? 
_refine.B_iso_mean                               40.4 
_refine.aniso_B[1][1]                            2.31 
_refine.aniso_B[2][2]                            2.31 
_refine.aniso_B[3][3]                            -4.63 
_refine.aniso_B[1][2]                            3.08 
_refine.aniso_B[1][3]                            0.00 
_refine.aniso_B[2][3]                            0.00 
_refine.solvent_model_details                    'FLAT MODEL' 
_refine.solvent_model_param_ksol                 0.370974 
_refine.solvent_model_param_bsol                 59.1255 
_refine.pdbx_solvent_vdw_probe_radii             ? 
_refine.pdbx_solvent_ion_probe_radii             ? 
_refine.pdbx_solvent_shrinkage_radii             ? 
_refine.pdbx_ls_cross_valid_method               THROUGHOUT 
_refine.details                                  ? 
_refine.pdbx_starting_model                      'PDB ENTRY 1H0J' 
_refine.pdbx_method_to_determine_struct          'MOLECULAR REPLACEMENT' 
_refine.pdbx_isotropic_thermal_model             RESTRAINED 
_refine.pdbx_stereochemistry_target_values       'MAXIMUM LIKELIHOOD' 
_refine.pdbx_stereochem_target_val_spec_case     ? 
_refine.pdbx_R_Free_selection_details            RANDOM 
_refine.pdbx_overall_ESU_R                       ? 
_refine.pdbx_overall_ESU_R_Free                  ? 
_refine.overall_SU_ML                            ? 
_refine.pdbx_overall_phase_error                 ? 
_refine.overall_SU_B                             ? 
_refine.overall_SU_R_Cruickshank_DPI             ? 
_refine.pdbx_overall_SU_R_free_Cruickshank_DPI   ? 
_refine.pdbx_overall_SU_R_Blow_DPI               ? 
_refine.pdbx_overall_SU_R_free_Blow_DPI          ? 
# 
_refine_analyze.pdbx_refine_id                  'X-RAY DIFFRACTION' 
_refine_analyze.entry_id                        2BHI 
_refine_analyze.Luzzati_coordinate_error_obs    0.25 
_refine_analyze.Luzzati_sigma_a_obs             0.12 
_refine_analyze.Luzzati_d_res_low_obs           5.00 
_refine_analyze.Luzzati_coordinate_error_free   0.25 
_refine_analyze.Luzzati_sigma_a_free            0.13 
_refine_analyze.Luzzati_d_res_low_free          ? 
_refine_analyze.number_disordered_residues      ? 
_refine_analyze.occupancy_sum_hydrogen          ? 
_refine_analyze.occupancy_sum_non_hydrogen      ? 
# 
_refine_hist.pdbx_refine_id                   'X-RAY DIFFRACTION' 
_refine_hist.cycle_id                         LAST 
_refine_hist.pdbx_number_atoms_protein        930 
_refine_hist.pdbx_number_atoms_nucleic_acid   0 
_refine_hist.pdbx_number_atoms_ligand         246 
_refine_hist.number_atoms_solvent             100 
_refine_hist.number_atoms_total               1276 
_refine_hist.d_res_high                       2.31 
_refine_hist.d_res_low                        26.47 
# 
loop_
_refine_ls_restr.type 
_refine_ls_restr.dev_ideal 
_refine_ls_restr.dev_ideal_target 
_refine_ls_restr.weight 
_refine_ls_restr.number 
_refine_ls_restr.pdbx_refine_id 
_refine_ls_restr.pdbx_restraint_function 
c_bond_d                0.008 ?    ? ? 'X-RAY DIFFRACTION' ? 
c_bond_d_na             ?     ?    ? ? 'X-RAY DIFFRACTION' ? 
c_bond_d_prot           ?     ?    ? ? 'X-RAY DIFFRACTION' ? 
c_angle_d               ?     ?    ? ? 'X-RAY DIFFRACTION' ? 
c_angle_d_na            ?     ?    ? ? 'X-RAY DIFFRACTION' ? 
c_angle_d_prot          ?     ?    ? ? 'X-RAY DIFFRACTION' ? 
c_angle_deg             1.7   ?    ? ? 'X-RAY DIFFRACTION' ? 
c_angle_deg_na          ?     ?    ? ? 'X-RAY DIFFRACTION' ? 
c_angle_deg_prot        ?     ?    ? ? 'X-RAY DIFFRACTION' ? 
c_dihedral_angle_d      24.6  ?    ? ? 'X-RAY DIFFRACTION' ? 
c_dihedral_angle_d_na   ?     ?    ? ? 'X-RAY DIFFRACTION' ? 
c_dihedral_angle_d_prot ?     ?    ? ? 'X-RAY DIFFRACTION' ? 
c_improper_angle_d      3.44  ?    ? ? 'X-RAY DIFFRACTION' ? 
c_improper_angle_d_na   ?     ?    ? ? 'X-RAY DIFFRACTION' ? 
c_improper_angle_d_prot ?     ?    ? ? 'X-RAY DIFFRACTION' ? 
c_mcbond_it             1.22  1.50 ? ? 'X-RAY DIFFRACTION' ? 
c_mcangle_it            1.94  2.00 ? ? 'X-RAY DIFFRACTION' ? 
c_scbond_it             1.59  2.00 ? ? 'X-RAY DIFFRACTION' ? 
c_scangle_it            2.27  2.50 ? ? 'X-RAY DIFFRACTION' ? 
# 
_refine_ls_shell.pdbx_refine_id                   'X-RAY DIFFRACTION' 
_refine_ls_shell.pdbx_total_number_of_bins_used   6 
_refine_ls_shell.d_res_high                       2.30 
_refine_ls_shell.d_res_low                        2.44 
_refine_ls_shell.number_reflns_R_work             731 
_refine_ls_shell.R_factor_R_work                  0.206 
_refine_ls_shell.percent_reflns_obs               72.5 
_refine_ls_shell.R_factor_R_free                  0.202 
_refine_ls_shell.R_factor_R_free_error            0.025 
_refine_ls_shell.percent_reflns_R_free            8.4 
_refine_ls_shell.number_reflns_R_free             67 
_refine_ls_shell.number_reflns_all                ? 
_refine_ls_shell.R_factor_all                     ? 
# 
loop_
_pdbx_xplor_file.pdbx_refine_id 
_pdbx_xplor_file.serial_no 
_pdbx_xplor_file.param_file 
_pdbx_xplor_file.topol_file 
'X-RAY DIFFRACTION' 1 PROTEIN_REP.PARAM PROTEIN.TOP 
'X-RAY DIFFRACTION' 2 DNA-RNA_REP.PARAM DNA-RNA.TOP 
'X-RAY DIFFRACTION' 3 WATER_REP.PARAM   WATER.TOP   
'X-RAY DIFFRACTION' 4 ION.PARAM         ION.TOP     
'X-RAY DIFFRACTION' 5 LIGAND.PAR        LIGAND.TOP  
# 
_struct.entry_id                  2BHI 
_struct.title                     'Crystal structure of Taiwan cobra cardiotoxin A3 complexed with sulfogalactoceramide' 
_struct.pdbx_model_details        ? 
_struct.pdbx_CASP_flag            ? 
_struct.pdbx_model_type_details   ? 
# 
_struct_keywords.entry_id        2BHI 
_struct_keywords.pdbx_keywords   CARDIOTOXIN 
_struct_keywords.text            
'CARDIOTOXIN, COBRA CARDIOTOXIN, SULFOGALACTOCERAMIDE SULFATIDE, GLYCOSPHINGOLIPID, MEMBRANE PORE FORMATION, CYTOLYSIS' 
# 
loop_
_struct_asym.id 
_struct_asym.pdbx_blank_PDB_chainid_flag 
_struct_asym.pdbx_modified 
_struct_asym.entity_id 
_struct_asym.details 
A N N 1 ? 
B N N 1 ? 
C N N 2 ? 
D N N 3 ? 
E N N 3 ? 
F N N 3 ? 
G N N 3 ? 
H N N 3 ? 
I N N 3 ? 
J N N 3 ? 
K N N 3 ? 
L N N 3 ? 
M N N 3 ? 
N N N 3 ? 
O N N 4 ? 
P N N 4 ? 
# 
_struct_ref.id                         1 
_struct_ref.db_name                    UNP 
_struct_ref.db_code                    CX3_NAJAT 
_struct_ref.entity_id                  1 
_struct_ref.pdbx_seq_one_letter_code   ? 
_struct_ref.pdbx_align_begin           ? 
_struct_ref.pdbx_db_accession          P01444 
_struct_ref.pdbx_db_isoform            ? 
# 
loop_
_struct_ref_seq.align_id 
_struct_ref_seq.ref_id 
_struct_ref_seq.pdbx_PDB_id_code 
_struct_ref_seq.pdbx_strand_id 
_struct_ref_seq.seq_align_beg 
_struct_ref_seq.pdbx_seq_align_beg_ins_code 
_struct_ref_seq.seq_align_end 
_struct_ref_seq.pdbx_seq_align_end_ins_code 
_struct_ref_seq.pdbx_db_accession 
_struct_ref_seq.db_align_beg 
_struct_ref_seq.pdbx_db_align_beg_ins_code 
_struct_ref_seq.db_align_end 
_struct_ref_seq.pdbx_db_align_end_ins_code 
_struct_ref_seq.pdbx_auth_seq_align_beg 
_struct_ref_seq.pdbx_auth_seq_align_end 
1 1 2BHI A 1 ? 60 ? P01444 22 ? 81 ? 1 60 
2 1 2BHI B 1 ? 60 ? P01444 22 ? 81 ? 1 60 
# 
loop_
_pdbx_struct_assembly.id 
_pdbx_struct_assembly.details 
_pdbx_struct_assembly.method_details 
_pdbx_struct_assembly.oligomeric_details 
_pdbx_struct_assembly.oligomeric_count 
1 author_and_software_defined_assembly PQS monomeric 1 
2 author_and_software_defined_assembly PQS monomeric 1 
# 
loop_
_pdbx_struct_assembly_gen.assembly_id 
_pdbx_struct_assembly_gen.oper_expression 
_pdbx_struct_assembly_gen.asym_id_list 
1 1 A,C,D,E,F,G,H,I,O 
2 1 B,J,K,L,M,N,P     
# 
_pdbx_struct_oper_list.id                   1 
_pdbx_struct_oper_list.type                 'identity operation' 
_pdbx_struct_oper_list.name                 1_555 
_pdbx_struct_oper_list.symmetry_operation   x,y,z 
_pdbx_struct_oper_list.matrix[1][1]         1.0000000000 
_pdbx_struct_oper_list.matrix[1][2]         0.0000000000 
_pdbx_struct_oper_list.matrix[1][3]         0.0000000000 
_pdbx_struct_oper_list.vector[1]            0.0000000000 
_pdbx_struct_oper_list.matrix[2][1]         0.0000000000 
_pdbx_struct_oper_list.matrix[2][2]         1.0000000000 
_pdbx_struct_oper_list.matrix[2][3]         0.0000000000 
_pdbx_struct_oper_list.vector[2]            0.0000000000 
_pdbx_struct_oper_list.matrix[3][1]         0.0000000000 
_pdbx_struct_oper_list.matrix[3][2]         0.0000000000 
_pdbx_struct_oper_list.matrix[3][3]         1.0000000000 
_pdbx_struct_oper_list.vector[3]            0.0000000000 
# 
_struct_biol.id   1 
# 
loop_
_struct_conn.id 
_struct_conn.conn_type_id 
_struct_conn.pdbx_leaving_atom_flag 
_struct_conn.pdbx_PDB_id 
_struct_conn.ptnr1_label_asym_id 
_struct_conn.ptnr1_label_comp_id 
_struct_conn.ptnr1_label_seq_id 
_struct_conn.ptnr1_label_atom_id 
_struct_conn.pdbx_ptnr1_label_alt_id 
_struct_conn.pdbx_ptnr1_PDB_ins_code 
_struct_conn.pdbx_ptnr1_standard_comp_id 
_struct_conn.ptnr1_symmetry 
_struct_conn.ptnr2_label_asym_id 
_struct_conn.ptnr2_label_comp_id 
_struct_conn.ptnr2_label_seq_id 
_struct_conn.ptnr2_label_atom_id 
_struct_conn.pdbx_ptnr2_label_alt_id 
_struct_conn.pdbx_ptnr2_PDB_ins_code 
_struct_conn.ptnr1_auth_asym_id 
_struct_conn.ptnr1_auth_comp_id 
_struct_conn.ptnr1_auth_seq_id 
_struct_conn.ptnr2_auth_asym_id 
_struct_conn.ptnr2_auth_comp_id 
_struct_conn.ptnr2_auth_seq_id 
_struct_conn.ptnr2_symmetry 
_struct_conn.pdbx_ptnr3_label_atom_id 
_struct_conn.pdbx_ptnr3_label_seq_id 
_struct_conn.pdbx_ptnr3_label_comp_id 
_struct_conn.pdbx_ptnr3_label_asym_id 
_struct_conn.pdbx_ptnr3_label_alt_id 
_struct_conn.pdbx_ptnr3_PDB_ins_code 
_struct_conn.details 
_struct_conn.pdbx_dist_value 
_struct_conn.pdbx_value_order 
_struct_conn.pdbx_role 
disulf1 disulf ? ? A CYS 3  SG ? ? ? 1_555 A CYS 21 SG ? ? A CYS 3  A CYS 21 1_555 ? ? ? ? ? ? ? 2.036 ? ? 
disulf2 disulf ? ? A CYS 14 SG ? ? ? 1_555 A CYS 38 SG ? ? A CYS 14 A CYS 38 1_555 ? ? ? ? ? ? ? 2.020 ? ? 
disulf3 disulf ? ? A CYS 42 SG ? ? ? 1_555 A CYS 53 SG ? ? A CYS 42 A CYS 53 1_555 ? ? ? ? ? ? ? 2.035 ? ? 
disulf4 disulf ? ? A CYS 54 SG ? ? ? 1_555 A CYS 59 SG ? ? A CYS 54 A CYS 59 1_555 ? ? ? ? ? ? ? 2.021 ? ? 
disulf5 disulf ? ? B CYS 3  SG ? ? ? 1_555 B CYS 21 SG ? ? B CYS 3  B CYS 21 1_555 ? ? ? ? ? ? ? 2.025 ? ? 
disulf6 disulf ? ? B CYS 14 SG ? ? ? 1_555 B CYS 38 SG ? ? B CYS 14 B CYS 38 1_555 ? ? ? ? ? ? ? 2.032 ? ? 
disulf7 disulf ? ? B CYS 42 SG ? ? ? 1_555 B CYS 53 SG ? ? B CYS 42 B CYS 53 1_555 ? ? ? ? ? ? ? 2.029 ? ? 
disulf8 disulf ? ? B CYS 54 SG ? ? ? 1_555 B CYS 59 SG ? ? B CYS 54 B CYS 59 1_555 ? ? ? ? ? ? ? 2.031 ? ? 
# 
_struct_conn_type.id          disulf 
_struct_conn_type.criteria    ? 
_struct_conn_type.reference   ? 
# 
loop_
_pdbx_modification_feature.ordinal 
_pdbx_modification_feature.label_comp_id 
_pdbx_modification_feature.label_asym_id 
_pdbx_modification_feature.label_seq_id 
_pdbx_modification_feature.label_alt_id 
_pdbx_modification_feature.modified_residue_label_comp_id 
_pdbx_modification_feature.modified_residue_label_asym_id 
_pdbx_modification_feature.modified_residue_label_seq_id 
_pdbx_modification_feature.modified_residue_label_alt_id 
_pdbx_modification_feature.auth_comp_id 
_pdbx_modification_feature.auth_asym_id 
_pdbx_modification_feature.auth_seq_id 
_pdbx_modification_feature.PDB_ins_code 
_pdbx_modification_feature.symmetry 
_pdbx_modification_feature.modified_residue_auth_comp_id 
_pdbx_modification_feature.modified_residue_auth_asym_id 
_pdbx_modification_feature.modified_residue_auth_seq_id 
_pdbx_modification_feature.modified_residue_PDB_ins_code 
_pdbx_modification_feature.modified_residue_symmetry 
_pdbx_modification_feature.comp_id_linking_atom 
_pdbx_modification_feature.modified_residue_id_linking_atom 
_pdbx_modification_feature.modified_residue_id 
_pdbx_modification_feature.ref_pcm_id 
_pdbx_modification_feature.ref_comp_id 
_pdbx_modification_feature.type 
_pdbx_modification_feature.category 
1 CYS A 3  ? CYS A 21 ? CYS A 3  ? 1_555 CYS A 21 ? 1_555 SG SG . . . None 'Disulfide bridge' 
2 CYS A 14 ? CYS A 38 ? CYS A 14 ? 1_555 CYS A 38 ? 1_555 SG SG . . . None 'Disulfide bridge' 
3 CYS A 42 ? CYS A 53 ? CYS A 42 ? 1_555 CYS A 53 ? 1_555 SG SG . . . None 'Disulfide bridge' 
4 CYS A 54 ? CYS A 59 ? CYS A 54 ? 1_555 CYS A 59 ? 1_555 SG SG . . . None 'Disulfide bridge' 
5 CYS B 3  ? CYS B 21 ? CYS B 3  ? 1_555 CYS B 21 ? 1_555 SG SG . . . None 'Disulfide bridge' 
6 CYS B 14 ? CYS B 38 ? CYS B 14 ? 1_555 CYS B 38 ? 1_555 SG SG . . . None 'Disulfide bridge' 
7 CYS B 42 ? CYS B 53 ? CYS B 42 ? 1_555 CYS B 53 ? 1_555 SG SG . . . None 'Disulfide bridge' 
8 CYS B 54 ? CYS B 59 ? CYS B 54 ? 1_555 CYS B 59 ? 1_555 SG SG . . . None 'Disulfide bridge' 
# 
loop_
_struct_sheet.id 
_struct_sheet.type 
_struct_sheet.number_strands 
_struct_sheet.details 
AA ? 2 ? 
AB ? 3 ? 
BA ? 2 ? 
BB ? 3 ? 
# 
loop_
_struct_sheet_order.sheet_id 
_struct_sheet_order.range_id_1 
_struct_sheet_order.range_id_2 
_struct_sheet_order.offset 
_struct_sheet_order.sense 
AA 1 2 ? anti-parallel 
AB 1 2 ? anti-parallel 
AB 2 3 ? anti-parallel 
BA 1 2 ? anti-parallel 
BB 1 2 ? anti-parallel 
BB 2 3 ? anti-parallel 
# 
loop_
_struct_sheet_range.sheet_id 
_struct_sheet_range.id 
_struct_sheet_range.beg_label_comp_id 
_struct_sheet_range.beg_label_asym_id 
_struct_sheet_range.beg_label_seq_id 
_struct_sheet_range.pdbx_beg_PDB_ins_code 
_struct_sheet_range.end_label_comp_id 
_struct_sheet_range.end_label_asym_id 
_struct_sheet_range.end_label_seq_id 
_struct_sheet_range.pdbx_end_PDB_ins_code 
_struct_sheet_range.beg_auth_comp_id 
_struct_sheet_range.beg_auth_asym_id 
_struct_sheet_range.beg_auth_seq_id 
_struct_sheet_range.end_auth_comp_id 
_struct_sheet_range.end_auth_asym_id 
_struct_sheet_range.end_auth_seq_id 
AA 1 LYS A 2  ? ASN A 4  ? LYS A 2  ASN A 4  
AA 2 TYR A 11 ? THR A 13 ? TYR A 11 THR A 13 
AB 1 LYS A 35 ? ILE A 39 ? LYS A 35 ILE A 39 
AB 2 LEU A 20 ? MET A 26 ? LEU A 20 MET A 26 
AB 3 VAL A 49 ? CYS A 54 ? VAL A 49 CYS A 54 
BA 1 LYS B 2  ? ASN B 4  ? LYS B 2  ASN B 4  
BA 2 TYR B 11 ? THR B 13 ? TYR B 11 THR B 13 
BB 1 LYS B 35 ? ILE B 39 ? LYS B 35 ILE B 39 
BB 2 LEU B 20 ? MET B 26 ? LEU B 20 MET B 26 
BB 3 VAL B 49 ? CYS B 54 ? VAL B 49 CYS B 54 
# 
loop_
_pdbx_struct_sheet_hbond.sheet_id 
_pdbx_struct_sheet_hbond.range_id_1 
_pdbx_struct_sheet_hbond.range_id_2 
_pdbx_struct_sheet_hbond.range_1_label_atom_id 
_pdbx_struct_sheet_hbond.range_1_label_comp_id 
_pdbx_struct_sheet_hbond.range_1_label_asym_id 
_pdbx_struct_sheet_hbond.range_1_label_seq_id 
_pdbx_struct_sheet_hbond.range_1_PDB_ins_code 
_pdbx_struct_sheet_hbond.range_1_auth_atom_id 
_pdbx_struct_sheet_hbond.range_1_auth_comp_id 
_pdbx_struct_sheet_hbond.range_1_auth_asym_id 
_pdbx_struct_sheet_hbond.range_1_auth_seq_id 
_pdbx_struct_sheet_hbond.range_2_label_atom_id 
_pdbx_struct_sheet_hbond.range_2_label_comp_id 
_pdbx_struct_sheet_hbond.range_2_label_asym_id 
_pdbx_struct_sheet_hbond.range_2_label_seq_id 
_pdbx_struct_sheet_hbond.range_2_PDB_ins_code 
_pdbx_struct_sheet_hbond.range_2_auth_atom_id 
_pdbx_struct_sheet_hbond.range_2_auth_comp_id 
_pdbx_struct_sheet_hbond.range_2_auth_asym_id 
_pdbx_struct_sheet_hbond.range_2_auth_seq_id 
AA 1 2 N CYS A 3  ? N CYS A 3  O LYS A 12 ? O LYS A 12 
AB 1 2 N ILE A 39 ? N ILE A 39 O LEU A 20 ? O LEU A 20 
AB 2 3 N PHE A 25 ? N PHE A 25 O LYS A 50 ? O LYS A 50 
BA 1 2 N CYS B 3  ? N CYS B 3  O LYS B 12 ? O LYS B 12 
BB 1 2 N ILE B 39 ? N ILE B 39 O LEU B 20 ? O LEU B 20 
BB 2 3 N PHE B 25 ? N PHE B 25 O LYS B 50 ? O LYS B 50 
# 
loop_
_struct_site.id 
_struct_site.pdbx_evidence_code 
_struct_site.pdbx_auth_asym_id 
_struct_site.pdbx_auth_comp_id 
_struct_site.pdbx_auth_seq_id 
_struct_site.pdbx_auth_ins_code 
_struct_site.pdbx_num_residues 
_struct_site.details 
AC1 Software ? ? ? ? 25 'BINDING SITE FOR RESIDUE SFT A1061' 
AC2 Software ? ? ? ? 6  'BINDING SITE FOR RESIDUE C10 A1062' 
AC3 Software ? ? ? ? 8  'BINDING SITE FOR RESIDUE C10 A1063' 
AC4 Software ? ? ? ? 11 'BINDING SITE FOR RESIDUE C10 A1064' 
AC5 Software ? ? ? ? 3  'BINDING SITE FOR RESIDUE C10 A1065' 
AC6 Software ? ? ? ? 3  'BINDING SITE FOR RESIDUE C10 A1066' 
AC7 Software ? ? ? ? 2  'BINDING SITE FOR RESIDUE C10 A1067' 
AC8 Software ? ? ? ? 18 'BINDING SITE FOR RESIDUE C10 B1061' 
AC9 Software ? ? ? ? 8  'BINDING SITE FOR RESIDUE C10 B1062' 
BC1 Software ? ? ? ? 9  'BINDING SITE FOR RESIDUE C10 B1063' 
BC2 Software ? ? ? ? 3  'BINDING SITE FOR RESIDUE C10 B1064' 
BC3 Software ? ? ? ? 6  'BINDING SITE FOR RESIDUE C10 B1065' 
# 
loop_
_struct_site_gen.id 
_struct_site_gen.site_id 
_struct_site_gen.pdbx_num_res 
_struct_site_gen.label_comp_id 
_struct_site_gen.label_asym_id 
_struct_site_gen.label_seq_id 
_struct_site_gen.pdbx_auth_ins_code 
_struct_site_gen.auth_comp_id 
_struct_site_gen.auth_asym_id 
_struct_site_gen.auth_seq_id 
_struct_site_gen.label_atom_id 
_struct_site_gen.label_alt_id 
_struct_site_gen.symmetry 
_struct_site_gen.details 
1   AC1 25 LYS A 12 ? LYS A 12   . ? 1_555 ? 
2   AC1 25 PRO A 15 ? PRO A 15   . ? 1_555 ? 
3   AC1 25 LYS A 18 ? LYS A 18   . ? 1_555 ? 
4   AC1 25 TYR A 22 ? TYR A 22   . ? 1_555 ? 
5   AC1 25 LYS A 35 ? LYS A 35   . ? 1_555 ? 
6   AC1 25 ARG A 36 ? ARG A 36   . ? 1_555 ? 
7   AC1 25 GLY A 37 ? GLY A 37   . ? 1_555 ? 
8   AC1 25 CYS A 38 ? CYS A 38   . ? 1_555 ? 
9   AC1 25 VAL A 41 ? VAL A 41   . ? 1_555 ? 
10  AC1 25 CYS A 42 ? CYS A 42   . ? 1_555 ? 
11  AC1 25 PRO A 43 ? PRO A 43   . ? 1_555 ? 
12  AC1 25 C10 I .  ? C10 A 1067 . ? 1_555 ? 
13  AC1 25 HOH O .  ? HOH A 2006 . ? 1_555 ? 
14  AC1 25 HOH O .  ? HOH A 2044 . ? 1_555 ? 
15  AC1 25 LYS B 2  ? LYS B 2    . ? 1_555 ? 
16  AC1 25 ALA B 16 ? ALA B 16   . ? 1_555 ? 
17  AC1 25 GLY B 17 ? GLY B 17   . ? 1_555 ? 
18  AC1 25 LYS B 18 ? LYS B 18   . ? 1_555 ? 
19  AC1 25 ASP B 40 ? ASP B 40   . ? 1_555 ? 
20  AC1 25 PRO B 43 ? PRO B 43   . ? 1_555 ? 
21  AC1 25 LYS B 44 ? LYS B 44   . ? 1_555 ? 
22  AC1 25 C10 J .  ? C10 B 1061 . ? 1_555 ? 
23  AC1 25 HOH P .  ? HOH B 2016 . ? 1_555 ? 
24  AC1 25 HOH P .  ? HOH B 2017 . ? 1_555 ? 
25  AC1 25 HOH P .  ? HOH B 2045 . ? 1_555 ? 
26  AC2 6  VAL A 7  ? VAL A 7    . ? 1_555 ? 
27  AC2 6  TYR A 11 ? TYR A 11   . ? 1_555 ? 
28  AC2 6  LYS A 12 ? LYS A 12   . ? 1_555 ? 
29  AC2 6  THR A 13 ? THR A 13   . ? 1_555 ? 
30  AC2 6  PHE B 10 ? PHE B 10   . ? 1_555 ? 
31  AC2 6  TYR B 11 ? TYR B 11   . ? 1_555 ? 
32  AC3 8  TYR A 11 ? TYR A 11   . ? 1_555 ? 
33  AC3 8  LYS A 44 ? LYS A 44   . ? 1_555 ? 
34  AC3 8  SER A 46 ? SER A 46   . ? 1_555 ? 
35  AC3 8  LEU A 47 ? LEU A 47   . ? 1_555 ? 
36  AC3 8  HOH O .  ? HOH A 2045 . ? 1_555 ? 
37  AC3 8  HOH O .  ? HOH A 2046 . ? 1_555 ? 
38  AC3 8  LEU B 6  ? LEU B 6    . ? 1_555 ? 
39  AC3 8  VAL B 7  ? VAL B 7    . ? 1_555 ? 
40  AC4 11 ASN A 4  ? ASN A 4    . ? 1_555 ? 
41  AC4 11 PRO A 8  ? PRO A 8    . ? 1_555 ? 
42  AC4 11 VAL A 27 ? VAL A 27   . ? 1_555 ? 
43  AC4 11 PRO A 30 ? PRO A 30   . ? 1_555 ? 
44  AC4 11 LYS A 50 ? LYS A 50   . ? 1_555 ? 
45  AC4 11 ARG A 58 ? ARG A 58   . ? 1_555 ? 
46  AC4 11 HOH O .  ? HOH A 2038 . ? 1_555 ? 
47  AC4 11 HOH O .  ? HOH A 2039 . ? 1_555 ? 
48  AC4 11 HOH O .  ? HOH A 2047 . ? 1_555 ? 
49  AC4 11 VAL B 32 ? VAL B 32   . ? 1_555 ? 
50  AC4 11 C10 L .  ? C10 B 1063 . ? 1_555 ? 
51  AC5 3  PRO A 8  ? PRO A 8    . ? 1_555 ? 
52  AC5 3  ARG A 36 ? ARG A 36   . ? 1_555 ? 
53  AC5 3  HOH O .  ? HOH A 2048 . ? 1_555 ? 
54  AC6 3  LYS A 23 ? LYS A 23   . ? 1_555 ? 
55  AC6 3  LYS A 31 ? LYS A 31   . ? 1_555 ? 
56  AC6 3  VAL A 52 ? VAL A 52   . ? 1_555 ? 
57  AC7 2  SFT C .  ? SFT A 1061 . ? 1_555 ? 
58  AC7 2  HOH O .  ? HOH A 2049 . ? 1_555 ? 
59  AC8 18 MET A 24 ? MET A 24   . ? 1_555 ? 
60  AC8 18 LYS A 35 ? LYS A 35   . ? 1_555 ? 
61  AC8 18 ILE A 39 ? ILE A 39   . ? 1_555 ? 
62  AC8 18 PRO A 43 ? PRO A 43   . ? 1_555 ? 
63  AC8 18 TYR A 51 ? TYR A 51   . ? 1_555 ? 
64  AC8 18 SFT C .  ? SFT A 1061 . ? 1_555 ? 
65  AC8 18 LYS B 12 ? LYS B 12   . ? 1_555 ? 
66  AC8 18 PRO B 15 ? PRO B 15   . ? 1_555 ? 
67  AC8 18 LYS B 18 ? LYS B 18   . ? 1_555 ? 
68  AC8 18 TYR B 22 ? TYR B 22   . ? 1_555 ? 
69  AC8 18 LYS B 35 ? LYS B 35   . ? 1_555 ? 
70  AC8 18 CYS B 38 ? CYS B 38   . ? 1_555 ? 
71  AC8 18 PRO B 43 ? PRO B 43   . ? 1_555 ? 
72  AC8 18 TYR B 51 ? TYR B 51   . ? 1_555 ? 
73  AC8 18 HOH P .  ? HOH B 2017 . ? 1_555 ? 
74  AC8 18 HOH P .  ? HOH B 2020 . ? 1_555 ? 
75  AC8 18 HOH P .  ? HOH B 2045 . ? 1_555 ? 
76  AC8 18 HOH P .  ? HOH B 2046 . ? 1_555 ? 
77  AC9 8  VAL A 32 ? VAL A 32   . ? 1_555 ? 
78  AC9 8  VAL A 34 ? VAL A 34   . ? 1_555 ? 
79  AC9 8  MET B 26 ? MET B 26   . ? 1_555 ? 
80  AC9 8  VAL B 27 ? VAL B 27   . ? 1_555 ? 
81  AC9 8  ALA B 28 ? ALA B 28   . ? 1_555 ? 
82  AC9 8  LYS B 31 ? LYS B 31   . ? 1_555 ? 
83  AC9 8  LEU B 48 ? LEU B 48   . ? 1_555 ? 
84  AC9 8  C10 L .  ? C10 B 1063 . ? 1_555 ? 
85  BC1 9  C10 F .  ? C10 A 1064 . ? 1_555 ? 
86  BC1 9  LEU B 6  ? LEU B 6    . ? 1_555 ? 
87  BC1 9  LYS B 23 ? LYS B 23   . ? 1_555 ? 
88  BC1 9  LYS B 31 ? LYS B 31   . ? 1_555 ? 
89  BC1 9  ARG B 36 ? ARG B 36   . ? 1_555 ? 
90  BC1 9  LYS B 50 ? LYS B 50   . ? 1_555 ? 
91  BC1 9  C10 K .  ? C10 B 1062 . ? 1_555 ? 
92  BC1 9  HOH P .  ? HOH B 2025 . ? 1_555 ? 
93  BC1 9  HOH P .  ? HOH B 2034 . ? 1_555 ? 
94  BC2 3  PHE B 25 ? PHE B 25   . ? 1_555 ? 
95  BC2 3  PRO B 30 ? PRO B 30   . ? 1_555 ? 
96  BC2 3  HOH P .  ? HOH B 2048 . ? 1_555 ? 
97  BC3 6  LEU B 20 ? LEU B 20   . ? 1_555 ? 
98  BC3 6  ASN B 55 ? ASN B 55   . ? 1_555 ? 
99  BC3 6  THR B 56 ? THR B 56   . ? 1_555 ? 
100 BC3 6  HOH P .  ? HOH B 2036 . ? 1_555 ? 
101 BC3 6  HOH P .  ? HOH B 2037 . ? 1_555 ? 
102 BC3 6  HOH P .  ? HOH B 2049 . ? 1_555 ? 
# 
_pdbx_entry_details.entry_id                   2BHI 
_pdbx_entry_details.compound_details           'BELONGS TO THE SNAKE TOXIN FAMILY.' 
_pdbx_entry_details.source_details             ? 
_pdbx_entry_details.nonpolymer_details         ? 
_pdbx_entry_details.sequence_details           ? 
_pdbx_entry_details.has_ligand_of_interest     ? 
_pdbx_entry_details.has_protein_modification   Y 
# 
_pdbx_validate_symm_contact.id                1 
_pdbx_validate_symm_contact.PDB_model_num     1 
_pdbx_validate_symm_contact.auth_atom_id_1    O 
_pdbx_validate_symm_contact.auth_asym_id_1    A 
_pdbx_validate_symm_contact.auth_comp_id_1    HOH 
_pdbx_validate_symm_contact.auth_seq_id_1     2004 
_pdbx_validate_symm_contact.PDB_ins_code_1    ? 
_pdbx_validate_symm_contact.label_alt_id_1    ? 
_pdbx_validate_symm_contact.site_symmetry_1   1_555 
_pdbx_validate_symm_contact.auth_atom_id_2    O 
_pdbx_validate_symm_contact.auth_asym_id_2    A 
_pdbx_validate_symm_contact.auth_comp_id_2    HOH 
_pdbx_validate_symm_contact.auth_seq_id_2     2004 
_pdbx_validate_symm_contact.PDB_ins_code_2    ? 
_pdbx_validate_symm_contact.label_alt_id_2    ? 
_pdbx_validate_symm_contact.site_symmetry_2   12_545 
_pdbx_validate_symm_contact.dist              1.68 
# 
loop_
_pdbx_validate_torsion.id 
_pdbx_validate_torsion.PDB_model_num 
_pdbx_validate_torsion.auth_comp_id 
_pdbx_validate_torsion.auth_asym_id 
_pdbx_validate_torsion.auth_seq_id 
_pdbx_validate_torsion.PDB_ins_code 
_pdbx_validate_torsion.label_alt_id 
_pdbx_validate_torsion.phi 
_pdbx_validate_torsion.psi 
1 1 PRO A 8  ? ? -46.01  -8.31   
2 1 PRO A 30 ? ? -65.05  0.89    
3 1 PRO B 8  ? ? -56.25  11.48   
4 1 PRO B 30 ? ? -25.85  -108.85 
5 1 SER B 46 ? ? -122.97 -159.18 
# 
loop_
_pdbx_struct_special_symmetry.id 
_pdbx_struct_special_symmetry.PDB_model_num 
_pdbx_struct_special_symmetry.auth_asym_id 
_pdbx_struct_special_symmetry.auth_comp_id 
_pdbx_struct_special_symmetry.auth_seq_id 
_pdbx_struct_special_symmetry.PDB_ins_code 
_pdbx_struct_special_symmetry.label_asym_id 
_pdbx_struct_special_symmetry.label_comp_id 
_pdbx_struct_special_symmetry.label_seq_id 
1 1 A HOH 2005 ? O HOH . 
2 1 A HOH 2013 ? O HOH . 
3 1 A HOH 2032 ? O HOH . 
4 1 B HOH 2003 ? P HOH . 
5 1 B HOH 2011 ? P HOH . 
6 1 B HOH 2051 ? P HOH . 
# 
loop_
_chem_comp_atom.comp_id 
_chem_comp_atom.atom_id 
_chem_comp_atom.type_symbol 
_chem_comp_atom.pdbx_aromatic_flag 
_chem_comp_atom.pdbx_stereo_config 
_chem_comp_atom.pdbx_ordinal 
ALA N      N N N 1   
ALA CA     C N S 2   
ALA C      C N N 3   
ALA O      O N N 4   
ALA CB     C N N 5   
ALA OXT    O N N 6   
ALA H      H N N 7   
ALA H2     H N N 8   
ALA HA     H N N 9   
ALA HB1    H N N 10  
ALA HB2    H N N 11  
ALA HB3    H N N 12  
ALA HXT    H N N 13  
ARG N      N N N 14  
ARG CA     C N S 15  
ARG C      C N N 16  
ARG O      O N N 17  
ARG CB     C N N 18  
ARG CG     C N N 19  
ARG CD     C N N 20  
ARG NE     N N N 21  
ARG CZ     C N N 22  
ARG NH1    N N N 23  
ARG NH2    N N N 24  
ARG OXT    O N N 25  
ARG H      H N N 26  
ARG H2     H N N 27  
ARG HA     H N N 28  
ARG HB2    H N N 29  
ARG HB3    H N N 30  
ARG HG2    H N N 31  
ARG HG3    H N N 32  
ARG HD2    H N N 33  
ARG HD3    H N N 34  
ARG HE     H N N 35  
ARG HH11   H N N 36  
ARG HH12   H N N 37  
ARG HH21   H N N 38  
ARG HH22   H N N 39  
ARG HXT    H N N 40  
ASN N      N N N 41  
ASN CA     C N S 42  
ASN C      C N N 43  
ASN O      O N N 44  
ASN CB     C N N 45  
ASN CG     C N N 46  
ASN OD1    O N N 47  
ASN ND2    N N N 48  
ASN OXT    O N N 49  
ASN H      H N N 50  
ASN H2     H N N 51  
ASN HA     H N N 52  
ASN HB2    H N N 53  
ASN HB3    H N N 54  
ASN HD21   H N N 55  
ASN HD22   H N N 56  
ASN HXT    H N N 57  
ASP N      N N N 58  
ASP CA     C N S 59  
ASP C      C N N 60  
ASP O      O N N 61  
ASP CB     C N N 62  
ASP CG     C N N 63  
ASP OD1    O N N 64  
ASP OD2    O N N 65  
ASP OXT    O N N 66  
ASP H      H N N 67  
ASP H2     H N N 68  
ASP HA     H N N 69  
ASP HB2    H N N 70  
ASP HB3    H N N 71  
ASP HD2    H N N 72  
ASP HXT    H N N 73  
C10 C1     C N N 74  
C10 C2     C N N 75  
C10 C3     C N N 76  
C10 C4     C N N 77  
C10 C5     C N N 78  
C10 C6     C N N 79  
C10 C7     C N N 80  
C10 C8     C N N 81  
C10 C9     C N N 82  
C10 C10    C N N 83  
C10 O11    O N N 84  
C10 C12    C N N 85  
C10 C13    C N N 86  
C10 O14    O N N 87  
C10 C15    C N N 88  
C10 C16    C N N 89  
C10 O17    O N N 90  
C10 C18    C N N 91  
C10 C19    C N N 92  
C10 O20    O N N 93  
C10 C21    C N N 94  
C10 C22    C N N 95  
C10 O23    O N N 96  
C10 C24    C N N 97  
C10 C25    C N N 98  
C10 O26    O N N 99  
C10 C27    C N N 100 
C10 C28    C N N 101 
C10 O29    O N N 102 
C10 H1C1   H N N 103 
C10 H1C2   H N N 104 
C10 H1C3   H N N 105 
C10 H2C1   H N N 106 
C10 H2C2   H N N 107 
C10 H3C1   H N N 108 
C10 H3C2   H N N 109 
C10 H4C1   H N N 110 
C10 H4C2   H N N 111 
C10 H5C1   H N N 112 
C10 H5C2   H N N 113 
C10 H6C1   H N N 114 
C10 H6C2   H N N 115 
C10 H7C1   H N N 116 
C10 H7C2   H N N 117 
C10 H8C1   H N N 118 
C10 H8C2   H N N 119 
C10 H9C1   H N N 120 
C10 H9C2   H N N 121 
C10 H101   H N N 122 
C10 H102   H N N 123 
C10 H121   H N N 124 
C10 H122   H N N 125 
C10 H131   H N N 126 
C10 H132   H N N 127 
C10 H151   H N N 128 
C10 H152   H N N 129 
C10 H161   H N N 130 
C10 H162   H N N 131 
C10 H181   H N N 132 
C10 H182   H N N 133 
C10 H191   H N N 134 
C10 H192   H N N 135 
C10 H211   H N N 136 
C10 H212   H N N 137 
C10 H221   H N N 138 
C10 H222   H N N 139 
C10 H241   H N N 140 
C10 H242   H N N 141 
C10 H251   H N N 142 
C10 H252   H N N 143 
C10 H271   H N N 144 
C10 H272   H N N 145 
C10 H281   H N N 146 
C10 H282   H N N 147 
C10 H29    H N N 148 
CYS N      N N N 149 
CYS CA     C N R 150 
CYS C      C N N 151 
CYS O      O N N 152 
CYS CB     C N N 153 
CYS SG     S N N 154 
CYS OXT    O N N 155 
CYS H      H N N 156 
CYS H2     H N N 157 
CYS HA     H N N 158 
CYS HB2    H N N 159 
CYS HB3    H N N 160 
CYS HG     H N N 161 
CYS HXT    H N N 162 
GLY N      N N N 163 
GLY CA     C N N 164 
GLY C      C N N 165 
GLY O      O N N 166 
GLY OXT    O N N 167 
GLY H      H N N 168 
GLY H2     H N N 169 
GLY HA2    H N N 170 
GLY HA3    H N N 171 
GLY HXT    H N N 172 
HOH O      O N N 173 
HOH H1     H N N 174 
HOH H2     H N N 175 
ILE N      N N N 176 
ILE CA     C N S 177 
ILE C      C N N 178 
ILE O      O N N 179 
ILE CB     C N S 180 
ILE CG1    C N N 181 
ILE CG2    C N N 182 
ILE CD1    C N N 183 
ILE OXT    O N N 184 
ILE H      H N N 185 
ILE H2     H N N 186 
ILE HA     H N N 187 
ILE HB     H N N 188 
ILE HG12   H N N 189 
ILE HG13   H N N 190 
ILE HG21   H N N 191 
ILE HG22   H N N 192 
ILE HG23   H N N 193 
ILE HD11   H N N 194 
ILE HD12   H N N 195 
ILE HD13   H N N 196 
ILE HXT    H N N 197 
LEU N      N N N 198 
LEU CA     C N S 199 
LEU C      C N N 200 
LEU O      O N N 201 
LEU CB     C N N 202 
LEU CG     C N N 203 
LEU CD1    C N N 204 
LEU CD2    C N N 205 
LEU OXT    O N N 206 
LEU H      H N N 207 
LEU H2     H N N 208 
LEU HA     H N N 209 
LEU HB2    H N N 210 
LEU HB3    H N N 211 
LEU HG     H N N 212 
LEU HD11   H N N 213 
LEU HD12   H N N 214 
LEU HD13   H N N 215 
LEU HD21   H N N 216 
LEU HD22   H N N 217 
LEU HD23   H N N 218 
LEU HXT    H N N 219 
LYS N      N N N 220 
LYS CA     C N S 221 
LYS C      C N N 222 
LYS O      O N N 223 
LYS CB     C N N 224 
LYS CG     C N N 225 
LYS CD     C N N 226 
LYS CE     C N N 227 
LYS NZ     N N N 228 
LYS OXT    O N N 229 
LYS H      H N N 230 
LYS H2     H N N 231 
LYS HA     H N N 232 
LYS HB2    H N N 233 
LYS HB3    H N N 234 
LYS HG2    H N N 235 
LYS HG3    H N N 236 
LYS HD2    H N N 237 
LYS HD3    H N N 238 
LYS HE2    H N N 239 
LYS HE3    H N N 240 
LYS HZ1    H N N 241 
LYS HZ2    H N N 242 
LYS HZ3    H N N 243 
LYS HXT    H N N 244 
MET N      N N N 245 
MET CA     C N S 246 
MET C      C N N 247 
MET O      O N N 248 
MET CB     C N N 249 
MET CG     C N N 250 
MET SD     S N N 251 
MET CE     C N N 252 
MET OXT    O N N 253 
MET H      H N N 254 
MET H2     H N N 255 
MET HA     H N N 256 
MET HB2    H N N 257 
MET HB3    H N N 258 
MET HG2    H N N 259 
MET HG3    H N N 260 
MET HE1    H N N 261 
MET HE2    H N N 262 
MET HE3    H N N 263 
MET HXT    H N N 264 
PHE N      N N N 265 
PHE CA     C N S 266 
PHE C      C N N 267 
PHE O      O N N 268 
PHE CB     C N N 269 
PHE CG     C Y N 270 
PHE CD1    C Y N 271 
PHE CD2    C Y N 272 
PHE CE1    C Y N 273 
PHE CE2    C Y N 274 
PHE CZ     C Y N 275 
PHE OXT    O N N 276 
PHE H      H N N 277 
PHE H2     H N N 278 
PHE HA     H N N 279 
PHE HB2    H N N 280 
PHE HB3    H N N 281 
PHE HD1    H N N 282 
PHE HD2    H N N 283 
PHE HE1    H N N 284 
PHE HE2    H N N 285 
PHE HZ     H N N 286 
PHE HXT    H N N 287 
PRO N      N N N 288 
PRO CA     C N S 289 
PRO C      C N N 290 
PRO O      O N N 291 
PRO CB     C N N 292 
PRO CG     C N N 293 
PRO CD     C N N 294 
PRO OXT    O N N 295 
PRO H      H N N 296 
PRO HA     H N N 297 
PRO HB2    H N N 298 
PRO HB3    H N N 299 
PRO HG2    H N N 300 
PRO HG3    H N N 301 
PRO HD2    H N N 302 
PRO HD3    H N N 303 
PRO HXT    H N N 304 
SER N      N N N 305 
SER CA     C N S 306 
SER C      C N N 307 
SER O      O N N 308 
SER CB     C N N 309 
SER OG     O N N 310 
SER OXT    O N N 311 
SER H      H N N 312 
SER H2     H N N 313 
SER HA     H N N 314 
SER HB2    H N N 315 
SER HB3    H N N 316 
SER HG     H N N 317 
SER HXT    H N N 318 
SFT C42    C N N 319 
SFT C32    C N N 320 
SFT C22    C N N 321 
SFT CCA    C N N 322 
SFT C02    C N N 323 
SFT C91    C N N 324 
SFT C81    C N N 325 
SFT C71    C N N 326 
SFT C61    C N N 327 
SFT C51    C N N 328 
SFT C41    C N N 329 
SFT C31    C N N 330 
SFT C21    C N N 331 
SFT CBA    C N N 332 
SFT C01    C N N 333 
SFT "C9'"  C N N 334 
SFT "C8'"  C N N 335 
SFT "C7'"  C N N 336 
SFT "C6'"  C N N 337 
SFT "C5'"  C N N 338 
SFT "C4'"  C N N 339 
SFT "C3'"  C N N 340 
SFT "C2'"  C N R 341 
SFT "O2'"  O N N 342 
SFT "C1'"  C N N 343 
SFT "O1'"  O N N 344 
SFT N1     N N N 345 
SFT C2     C N S 346 
SFT C1     C N N 347 
SFT O1     O N N 348 
SFT C1B    C N R 349 
SFT C2B    C N R 350 
SFT O2B    O N N 351 
SFT "O5'"  O N N 352 
SFT C5B    C N R 353 
SFT C6B    C N N 354 
SFT "O6'"  O N N 355 
SFT C4B    C N S 356 
SFT "O4'"  O N N 357 
SFT C3B    C N S 358 
SFT "O3'"  O N N 359 
SFT S      S N N 360 
SFT O3S    O N N 361 
SFT O1S    O N N 362 
SFT O2S    O N N 363 
SFT C3     C N R 364 
SFT O2     O N N 365 
SFT C4     C N N 366 
SFT C5     C N N 367 
SFT C6     C N N 368 
SFT C7     C N N 369 
SFT C8     C N N 370 
SFT C9     C N N 371 
SFT C10    C N N 372 
SFT C11    C N N 373 
SFT C12    C N N 374 
SFT C13    C N N 375 
SFT C14    C N N 376 
SFT C15    C N N 377 
SFT C16    C N N 378 
SFT C17    C N N 379 
SFT C18    C N N 380 
SFT "H2'1" H N N 381 
SFT "H2'2" H N N 382 
SFT "H2'3" H N N 383 
SFT H2A1   H N N 384 
SFT H2A2   H N N 385 
SFT H2B1   H N N 386 
SFT H2B2   H N N 387 
SFT H2C1   H N N 388 
SFT H2C2   H N N 389 
SFT H2D1   H N N 390 
SFT H2D2   H N N 391 
SFT "H1'1" H N N 392 
SFT "H1'2" H N N 393 
SFT H1A1   H N N 394 
SFT H1A2   H N N 395 
SFT H1B1   H N N 396 
SFT H1B2   H N N 397 
SFT H1C1   H N N 398 
SFT H1C2   H N N 399 
SFT H1D1   H N N 400 
SFT H1D2   H N N 401 
SFT H1E1   H N N 402 
SFT H1E2   H N N 403 
SFT H1F1   H N N 404 
SFT H1F2   H N N 405 
SFT H1G1   H N N 406 
SFT H1G2   H N N 407 
SFT H1H1   H N N 408 
SFT H1H2   H N N 409 
SFT H1I1   H N N 410 
SFT H1I2   H N N 411 
SFT "H9'1" H N N 412 
SFT "H9'2" H N N 413 
SFT "H8'1" H N N 414 
SFT "H8'2" H N N 415 
SFT "H7'1" H N N 416 
SFT "H7'2" H N N 417 
SFT "H6'1" H N N 418 
SFT "H6'2" H N N 419 
SFT "H5'1" H N N 420 
SFT "H5'2" H N N 421 
SFT "H4'1" H N N 422 
SFT "H4'2" H N N 423 
SFT "H3'1" H N N 424 
SFT "H3'2" H N N 425 
SFT "H2'"  H N N 426 
SFT HA     H N N 427 
SFT H1     H N N 428 
SFT H2     H N N 429 
SFT HA1    H N N 430 
SFT HB2    H N N 431 
SFT "H1'"  H N N 432 
SFT H2B    H N N 433 
SFT HB     H N N 434 
SFT "H5'"  H N N 435 
SFT H6A1   H N N 436 
SFT H6A2   H N N 437 
SFT "H6'"  H N N 438 
SFT "H4'"  H N N 439 
SFT HC     H N N 440 
SFT "H3'"  H N N 441 
SFT H1S    H N N 442 
SFT H3     H N N 443 
SFT HD     H N N 444 
SFT H4     H N N 445 
SFT H5     H N N 446 
SFT H6C1   H N N 447 
SFT H6C2   H N N 448 
SFT H7C1   H N N 449 
SFT H7C2   H N N 450 
SFT H8C1   H N N 451 
SFT H8C2   H N N 452 
SFT H9C1   H N N 453 
SFT H9C2   H N N 454 
SFT H101   H N N 455 
SFT H102   H N N 456 
SFT H111   H N N 457 
SFT H112   H N N 458 
SFT H121   H N N 459 
SFT H122   H N N 460 
SFT H131   H N N 461 
SFT H132   H N N 462 
SFT H141   H N N 463 
SFT H142   H N N 464 
SFT H151   H N N 465 
SFT H152   H N N 466 
SFT H161   H N N 467 
SFT H162   H N N 468 
SFT H171   H N N 469 
SFT H172   H N N 470 
SFT H181   H N N 471 
SFT H182   H N N 472 
SFT H183   H N N 473 
THR N      N N N 474 
THR CA     C N S 475 
THR C      C N N 476 
THR O      O N N 477 
THR CB     C N R 478 
THR OG1    O N N 479 
THR CG2    C N N 480 
THR OXT    O N N 481 
THR H      H N N 482 
THR H2     H N N 483 
THR HA     H N N 484 
THR HB     H N N 485 
THR HG1    H N N 486 
THR HG21   H N N 487 
THR HG22   H N N 488 
THR HG23   H N N 489 
THR HXT    H N N 490 
TYR N      N N N 491 
TYR CA     C N S 492 
TYR C      C N N 493 
TYR O      O N N 494 
TYR CB     C N N 495 
TYR CG     C Y N 496 
TYR CD1    C Y N 497 
TYR CD2    C Y N 498 
TYR CE1    C Y N 499 
TYR CE2    C Y N 500 
TYR CZ     C Y N 501 
TYR OH     O N N 502 
TYR OXT    O N N 503 
TYR H      H N N 504 
TYR H2     H N N 505 
TYR HA     H N N 506 
TYR HB2    H N N 507 
TYR HB3    H N N 508 
TYR HD1    H N N 509 
TYR HD2    H N N 510 
TYR HE1    H N N 511 
TYR HE2    H N N 512 
TYR HH     H N N 513 
TYR HXT    H N N 514 
VAL N      N N N 515 
VAL CA     C N S 516 
VAL C      C N N 517 
VAL O      O N N 518 
VAL CB     C N N 519 
VAL CG1    C N N 520 
VAL CG2    C N N 521 
VAL OXT    O N N 522 
VAL H      H N N 523 
VAL H2     H N N 524 
VAL HA     H N N 525 
VAL HB     H N N 526 
VAL HG11   H N N 527 
VAL HG12   H N N 528 
VAL HG13   H N N 529 
VAL HG21   H N N 530 
VAL HG22   H N N 531 
VAL HG23   H N N 532 
VAL HXT    H N N 533 
# 
loop_
_chem_comp_bond.comp_id 
_chem_comp_bond.atom_id_1 
_chem_comp_bond.atom_id_2 
_chem_comp_bond.value_order 
_chem_comp_bond.pdbx_aromatic_flag 
_chem_comp_bond.pdbx_stereo_config 
_chem_comp_bond.pdbx_ordinal 
ALA N     CA     sing N N 1   
ALA N     H      sing N N 2   
ALA N     H2     sing N N 3   
ALA CA    C      sing N N 4   
ALA CA    CB     sing N N 5   
ALA CA    HA     sing N N 6   
ALA C     O      doub N N 7   
ALA C     OXT    sing N N 8   
ALA CB    HB1    sing N N 9   
ALA CB    HB2    sing N N 10  
ALA CB    HB3    sing N N 11  
ALA OXT   HXT    sing N N 12  
ARG N     CA     sing N N 13  
ARG N     H      sing N N 14  
ARG N     H2     sing N N 15  
ARG CA    C      sing N N 16  
ARG CA    CB     sing N N 17  
ARG CA    HA     sing N N 18  
ARG C     O      doub N N 19  
ARG C     OXT    sing N N 20  
ARG CB    CG     sing N N 21  
ARG CB    HB2    sing N N 22  
ARG CB    HB3    sing N N 23  
ARG CG    CD     sing N N 24  
ARG CG    HG2    sing N N 25  
ARG CG    HG3    sing N N 26  
ARG CD    NE     sing N N 27  
ARG CD    HD2    sing N N 28  
ARG CD    HD3    sing N N 29  
ARG NE    CZ     sing N N 30  
ARG NE    HE     sing N N 31  
ARG CZ    NH1    sing N N 32  
ARG CZ    NH2    doub N N 33  
ARG NH1   HH11   sing N N 34  
ARG NH1   HH12   sing N N 35  
ARG NH2   HH21   sing N N 36  
ARG NH2   HH22   sing N N 37  
ARG OXT   HXT    sing N N 38  
ASN N     CA     sing N N 39  
ASN N     H      sing N N 40  
ASN N     H2     sing N N 41  
ASN CA    C      sing N N 42  
ASN CA    CB     sing N N 43  
ASN CA    HA     sing N N 44  
ASN C     O      doub N N 45  
ASN C     OXT    sing N N 46  
ASN CB    CG     sing N N 47  
ASN CB    HB2    sing N N 48  
ASN CB    HB3    sing N N 49  
ASN CG    OD1    doub N N 50  
ASN CG    ND2    sing N N 51  
ASN ND2   HD21   sing N N 52  
ASN ND2   HD22   sing N N 53  
ASN OXT   HXT    sing N N 54  
ASP N     CA     sing N N 55  
ASP N     H      sing N N 56  
ASP N     H2     sing N N 57  
ASP CA    C      sing N N 58  
ASP CA    CB     sing N N 59  
ASP CA    HA     sing N N 60  
ASP C     O      doub N N 61  
ASP C     OXT    sing N N 62  
ASP CB    CG     sing N N 63  
ASP CB    HB2    sing N N 64  
ASP CB    HB3    sing N N 65  
ASP CG    OD1    doub N N 66  
ASP CG    OD2    sing N N 67  
ASP OD2   HD2    sing N N 68  
ASP OXT   HXT    sing N N 69  
C10 C1    C2     sing N N 70  
C10 C1    H1C1   sing N N 71  
C10 C1    H1C2   sing N N 72  
C10 C1    H1C3   sing N N 73  
C10 C2    C3     sing N N 74  
C10 C2    H2C1   sing N N 75  
C10 C2    H2C2   sing N N 76  
C10 C3    C4     sing N N 77  
C10 C3    H3C1   sing N N 78  
C10 C3    H3C2   sing N N 79  
C10 C4    C5     sing N N 80  
C10 C4    H4C1   sing N N 81  
C10 C4    H4C2   sing N N 82  
C10 C5    C6     sing N N 83  
C10 C5    H5C1   sing N N 84  
C10 C5    H5C2   sing N N 85  
C10 C6    C7     sing N N 86  
C10 C6    H6C1   sing N N 87  
C10 C6    H6C2   sing N N 88  
C10 C7    C8     sing N N 89  
C10 C7    H7C1   sing N N 90  
C10 C7    H7C2   sing N N 91  
C10 C8    C9     sing N N 92  
C10 C8    H8C1   sing N N 93  
C10 C8    H8C2   sing N N 94  
C10 C9    C10    sing N N 95  
C10 C9    H9C1   sing N N 96  
C10 C9    H9C2   sing N N 97  
C10 C10   O11    sing N N 98  
C10 C10   H101   sing N N 99  
C10 C10   H102   sing N N 100 
C10 O11   C12    sing N N 101 
C10 C12   C13    sing N N 102 
C10 C12   H121   sing N N 103 
C10 C12   H122   sing N N 104 
C10 C13   O14    sing N N 105 
C10 C13   H131   sing N N 106 
C10 C13   H132   sing N N 107 
C10 O14   C15    sing N N 108 
C10 C15   C16    sing N N 109 
C10 C15   H151   sing N N 110 
C10 C15   H152   sing N N 111 
C10 C16   O17    sing N N 112 
C10 C16   H161   sing N N 113 
C10 C16   H162   sing N N 114 
C10 O17   C18    sing N N 115 
C10 C18   C19    sing N N 116 
C10 C18   H181   sing N N 117 
C10 C18   H182   sing N N 118 
C10 C19   O20    sing N N 119 
C10 C19   H191   sing N N 120 
C10 C19   H192   sing N N 121 
C10 O20   C21    sing N N 122 
C10 C21   C22    sing N N 123 
C10 C21   H211   sing N N 124 
C10 C21   H212   sing N N 125 
C10 C22   O23    sing N N 126 
C10 C22   H221   sing N N 127 
C10 C22   H222   sing N N 128 
C10 O23   C24    sing N N 129 
C10 C24   C25    sing N N 130 
C10 C24   H241   sing N N 131 
C10 C24   H242   sing N N 132 
C10 C25   O26    sing N N 133 
C10 C25   H251   sing N N 134 
C10 C25   H252   sing N N 135 
C10 O26   C27    sing N N 136 
C10 C27   C28    sing N N 137 
C10 C27   H271   sing N N 138 
C10 C27   H272   sing N N 139 
C10 C28   O29    sing N N 140 
C10 C28   H281   sing N N 141 
C10 C28   H282   sing N N 142 
C10 O29   H29    sing N N 143 
CYS N     CA     sing N N 144 
CYS N     H      sing N N 145 
CYS N     H2     sing N N 146 
CYS CA    C      sing N N 147 
CYS CA    CB     sing N N 148 
CYS CA    HA     sing N N 149 
CYS C     O      doub N N 150 
CYS C     OXT    sing N N 151 
CYS CB    SG     sing N N 152 
CYS CB    HB2    sing N N 153 
CYS CB    HB3    sing N N 154 
CYS SG    HG     sing N N 155 
CYS OXT   HXT    sing N N 156 
GLY N     CA     sing N N 157 
GLY N     H      sing N N 158 
GLY N     H2     sing N N 159 
GLY CA    C      sing N N 160 
GLY CA    HA2    sing N N 161 
GLY CA    HA3    sing N N 162 
GLY C     O      doub N N 163 
GLY C     OXT    sing N N 164 
GLY OXT   HXT    sing N N 165 
HOH O     H1     sing N N 166 
HOH O     H2     sing N N 167 
ILE N     CA     sing N N 168 
ILE N     H      sing N N 169 
ILE N     H2     sing N N 170 
ILE CA    C      sing N N 171 
ILE CA    CB     sing N N 172 
ILE CA    HA     sing N N 173 
ILE C     O      doub N N 174 
ILE C     OXT    sing N N 175 
ILE CB    CG1    sing N N 176 
ILE CB    CG2    sing N N 177 
ILE CB    HB     sing N N 178 
ILE CG1   CD1    sing N N 179 
ILE CG1   HG12   sing N N 180 
ILE CG1   HG13   sing N N 181 
ILE CG2   HG21   sing N N 182 
ILE CG2   HG22   sing N N 183 
ILE CG2   HG23   sing N N 184 
ILE CD1   HD11   sing N N 185 
ILE CD1   HD12   sing N N 186 
ILE CD1   HD13   sing N N 187 
ILE OXT   HXT    sing N N 188 
LEU N     CA     sing N N 189 
LEU N     H      sing N N 190 
LEU N     H2     sing N N 191 
LEU CA    C      sing N N 192 
LEU CA    CB     sing N N 193 
LEU CA    HA     sing N N 194 
LEU C     O      doub N N 195 
LEU C     OXT    sing N N 196 
LEU CB    CG     sing N N 197 
LEU CB    HB2    sing N N 198 
LEU CB    HB3    sing N N 199 
LEU CG    CD1    sing N N 200 
LEU CG    CD2    sing N N 201 
LEU CG    HG     sing N N 202 
LEU CD1   HD11   sing N N 203 
LEU CD1   HD12   sing N N 204 
LEU CD1   HD13   sing N N 205 
LEU CD2   HD21   sing N N 206 
LEU CD2   HD22   sing N N 207 
LEU CD2   HD23   sing N N 208 
LEU OXT   HXT    sing N N 209 
LYS N     CA     sing N N 210 
LYS N     H      sing N N 211 
LYS N     H2     sing N N 212 
LYS CA    C      sing N N 213 
LYS CA    CB     sing N N 214 
LYS CA    HA     sing N N 215 
LYS C     O      doub N N 216 
LYS C     OXT    sing N N 217 
LYS CB    CG     sing N N 218 
LYS CB    HB2    sing N N 219 
LYS CB    HB3    sing N N 220 
LYS CG    CD     sing N N 221 
LYS CG    HG2    sing N N 222 
LYS CG    HG3    sing N N 223 
LYS CD    CE     sing N N 224 
LYS CD    HD2    sing N N 225 
LYS CD    HD3    sing N N 226 
LYS CE    NZ     sing N N 227 
LYS CE    HE2    sing N N 228 
LYS CE    HE3    sing N N 229 
LYS NZ    HZ1    sing N N 230 
LYS NZ    HZ2    sing N N 231 
LYS NZ    HZ3    sing N N 232 
LYS OXT   HXT    sing N N 233 
MET N     CA     sing N N 234 
MET N     H      sing N N 235 
MET N     H2     sing N N 236 
MET CA    C      sing N N 237 
MET CA    CB     sing N N 238 
MET CA    HA     sing N N 239 
MET C     O      doub N N 240 
MET C     OXT    sing N N 241 
MET CB    CG     sing N N 242 
MET CB    HB2    sing N N 243 
MET CB    HB3    sing N N 244 
MET CG    SD     sing N N 245 
MET CG    HG2    sing N N 246 
MET CG    HG3    sing N N 247 
MET SD    CE     sing N N 248 
MET CE    HE1    sing N N 249 
MET CE    HE2    sing N N 250 
MET CE    HE3    sing N N 251 
MET OXT   HXT    sing N N 252 
PHE N     CA     sing N N 253 
PHE N     H      sing N N 254 
PHE N     H2     sing N N 255 
PHE CA    C      sing N N 256 
PHE CA    CB     sing N N 257 
PHE CA    HA     sing N N 258 
PHE C     O      doub N N 259 
PHE C     OXT    sing N N 260 
PHE CB    CG     sing N N 261 
PHE CB    HB2    sing N N 262 
PHE CB    HB3    sing N N 263 
PHE CG    CD1    doub Y N 264 
PHE CG    CD2    sing Y N 265 
PHE CD1   CE1    sing Y N 266 
PHE CD1   HD1    sing N N 267 
PHE CD2   CE2    doub Y N 268 
PHE CD2   HD2    sing N N 269 
PHE CE1   CZ     doub Y N 270 
PHE CE1   HE1    sing N N 271 
PHE CE2   CZ     sing Y N 272 
PHE CE2   HE2    sing N N 273 
PHE CZ    HZ     sing N N 274 
PHE OXT   HXT    sing N N 275 
PRO N     CA     sing N N 276 
PRO N     CD     sing N N 277 
PRO N     H      sing N N 278 
PRO CA    C      sing N N 279 
PRO CA    CB     sing N N 280 
PRO CA    HA     sing N N 281 
PRO C     O      doub N N 282 
PRO C     OXT    sing N N 283 
PRO CB    CG     sing N N 284 
PRO CB    HB2    sing N N 285 
PRO CB    HB3    sing N N 286 
PRO CG    CD     sing N N 287 
PRO CG    HG2    sing N N 288 
PRO CG    HG3    sing N N 289 
PRO CD    HD2    sing N N 290 
PRO CD    HD3    sing N N 291 
PRO OXT   HXT    sing N N 292 
SER N     CA     sing N N 293 
SER N     H      sing N N 294 
SER N     H2     sing N N 295 
SER CA    C      sing N N 296 
SER CA    CB     sing N N 297 
SER CA    HA     sing N N 298 
SER C     O      doub N N 299 
SER C     OXT    sing N N 300 
SER CB    OG     sing N N 301 
SER CB    HB2    sing N N 302 
SER CB    HB3    sing N N 303 
SER OG    HG     sing N N 304 
SER OXT   HXT    sing N N 305 
SFT C42   C32    sing N N 306 
SFT C42   "H2'1" sing N N 307 
SFT C42   "H2'2" sing N N 308 
SFT C42   "H2'3" sing N N 309 
SFT C32   C22    sing N N 310 
SFT C32   H2A1   sing N N 311 
SFT C32   H2A2   sing N N 312 
SFT C22   CCA    sing N N 313 
SFT C22   H2B1   sing N N 314 
SFT C22   H2B2   sing N N 315 
SFT CCA   C02    sing N N 316 
SFT CCA   H2C1   sing N N 317 
SFT CCA   H2C2   sing N N 318 
SFT C02   C91    sing N N 319 
SFT C02   H2D1   sing N N 320 
SFT C02   H2D2   sing N N 321 
SFT C91   C81    sing N N 322 
SFT C91   "H1'1" sing N N 323 
SFT C91   "H1'2" sing N N 324 
SFT C81   C71    sing N N 325 
SFT C81   H1A1   sing N N 326 
SFT C81   H1A2   sing N N 327 
SFT C71   C61    sing N N 328 
SFT C71   H1B1   sing N N 329 
SFT C71   H1B2   sing N N 330 
SFT C61   C51    sing N N 331 
SFT C61   H1C1   sing N N 332 
SFT C61   H1C2   sing N N 333 
SFT C51   C41    sing N N 334 
SFT C51   H1D1   sing N N 335 
SFT C51   H1D2   sing N N 336 
SFT C41   C31    sing N N 337 
SFT C41   H1E1   sing N N 338 
SFT C41   H1E2   sing N N 339 
SFT C31   C21    sing N N 340 
SFT C31   H1F1   sing N N 341 
SFT C31   H1F2   sing N N 342 
SFT C21   CBA    sing N N 343 
SFT C21   H1G1   sing N N 344 
SFT C21   H1G2   sing N N 345 
SFT CBA   C01    sing N N 346 
SFT CBA   H1H1   sing N N 347 
SFT CBA   H1H2   sing N N 348 
SFT C01   "C9'"  sing N N 349 
SFT C01   H1I1   sing N N 350 
SFT C01   H1I2   sing N N 351 
SFT "C9'" "C8'"  sing N N 352 
SFT "C9'" "H9'1" sing N N 353 
SFT "C9'" "H9'2" sing N N 354 
SFT "C8'" "C7'"  sing N N 355 
SFT "C8'" "H8'1" sing N N 356 
SFT "C8'" "H8'2" sing N N 357 
SFT "C7'" "C6'"  sing N N 358 
SFT "C7'" "H7'1" sing N N 359 
SFT "C7'" "H7'2" sing N N 360 
SFT "C6'" "C5'"  sing N N 361 
SFT "C6'" "H6'1" sing N N 362 
SFT "C6'" "H6'2" sing N N 363 
SFT "C5'" "C4'"  sing N N 364 
SFT "C5'" "H5'1" sing N N 365 
SFT "C5'" "H5'2" sing N N 366 
SFT "C4'" "C3'"  sing N N 367 
SFT "C4'" "H4'1" sing N N 368 
SFT "C4'" "H4'2" sing N N 369 
SFT "C3'" "C2'"  sing N N 370 
SFT "C3'" "H3'1" sing N N 371 
SFT "C3'" "H3'2" sing N N 372 
SFT "C2'" "O2'"  sing N N 373 
SFT "C2'" "C1'"  sing N N 374 
SFT "C2'" "H2'"  sing N N 375 
SFT "O2'" HA     sing N N 376 
SFT "C1'" "O1'"  doub N N 377 
SFT "C1'" N1     sing N N 378 
SFT N1    C2     sing N N 379 
SFT N1    H1     sing N N 380 
SFT C2    C1     sing N N 381 
SFT C2    C3     sing N N 382 
SFT C2    H2     sing N N 383 
SFT C1    O1     sing N N 384 
SFT C1    HA1    sing N N 385 
SFT C1    HB2    sing N N 386 
SFT O1    C1B    sing N N 387 
SFT C1B   C2B    sing N N 388 
SFT C1B   "O5'"  sing N N 389 
SFT C1B   "H1'"  sing N N 390 
SFT C2B   O2B    sing N N 391 
SFT C2B   C3B    sing N N 392 
SFT C2B   H2B    sing N N 393 
SFT O2B   HB     sing N N 394 
SFT "O5'" C5B    sing N N 395 
SFT C5B   C6B    sing N N 396 
SFT C5B   C4B    sing N N 397 
SFT C5B   "H5'"  sing N N 398 
SFT C6B   "O6'"  sing N N 399 
SFT C6B   H6A1   sing N N 400 
SFT C6B   H6A2   sing N N 401 
SFT "O6'" "H6'"  sing N N 402 
SFT C4B   "O4'"  sing N N 403 
SFT C4B   C3B    sing N N 404 
SFT C4B   "H4'"  sing N N 405 
SFT "O4'" HC     sing N N 406 
SFT C3B   "O3'"  sing N N 407 
SFT C3B   "H3'"  sing N N 408 
SFT "O3'" S      sing N N 409 
SFT S     O3S    doub N N 410 
SFT S     O1S    sing N N 411 
SFT S     O2S    doub N N 412 
SFT O1S   H1S    sing N N 413 
SFT C3    O2     sing N N 414 
SFT C3    C4     sing N N 415 
SFT C3    H3     sing N N 416 
SFT O2    HD     sing N N 417 
SFT C4    C5     doub N E 418 
SFT C4    H4     sing N N 419 
SFT C5    C6     sing N N 420 
SFT C5    H5     sing N N 421 
SFT C6    C7     sing N N 422 
SFT C6    H6C1   sing N N 423 
SFT C6    H6C2   sing N N 424 
SFT C7    C8     sing N N 425 
SFT C7    H7C1   sing N N 426 
SFT C7    H7C2   sing N N 427 
SFT C8    C9     sing N N 428 
SFT C8    H8C1   sing N N 429 
SFT C8    H8C2   sing N N 430 
SFT C9    C10    sing N N 431 
SFT C9    H9C1   sing N N 432 
SFT C9    H9C2   sing N N 433 
SFT C10   C11    sing N N 434 
SFT C10   H101   sing N N 435 
SFT C10   H102   sing N N 436 
SFT C11   C12    sing N N 437 
SFT C11   H111   sing N N 438 
SFT C11   H112   sing N N 439 
SFT C12   C13    sing N N 440 
SFT C12   H121   sing N N 441 
SFT C12   H122   sing N N 442 
SFT C13   C14    sing N N 443 
SFT C13   H131   sing N N 444 
SFT C13   H132   sing N N 445 
SFT C14   C15    sing N N 446 
SFT C14   H141   sing N N 447 
SFT C14   H142   sing N N 448 
SFT C15   C16    sing N N 449 
SFT C15   H151   sing N N 450 
SFT C15   H152   sing N N 451 
SFT C16   C17    sing N N 452 
SFT C16   H161   sing N N 453 
SFT C16   H162   sing N N 454 
SFT C17   C18    sing N N 455 
SFT C17   H171   sing N N 456 
SFT C17   H172   sing N N 457 
SFT C18   H181   sing N N 458 
SFT C18   H182   sing N N 459 
SFT C18   H183   sing N N 460 
THR N     CA     sing N N 461 
THR N     H      sing N N 462 
THR N     H2     sing N N 463 
THR CA    C      sing N N 464 
THR CA    CB     sing N N 465 
THR CA    HA     sing N N 466 
THR C     O      doub N N 467 
THR C     OXT    sing N N 468 
THR CB    OG1    sing N N 469 
THR CB    CG2    sing N N 470 
THR CB    HB     sing N N 471 
THR OG1   HG1    sing N N 472 
THR CG2   HG21   sing N N 473 
THR CG2   HG22   sing N N 474 
THR CG2   HG23   sing N N 475 
THR OXT   HXT    sing N N 476 
TYR N     CA     sing N N 477 
TYR N     H      sing N N 478 
TYR N     H2     sing N N 479 
TYR CA    C      sing N N 480 
TYR CA    CB     sing N N 481 
TYR CA    HA     sing N N 482 
TYR C     O      doub N N 483 
TYR C     OXT    sing N N 484 
TYR CB    CG     sing N N 485 
TYR CB    HB2    sing N N 486 
TYR CB    HB3    sing N N 487 
TYR CG    CD1    doub Y N 488 
TYR CG    CD2    sing Y N 489 
TYR CD1   CE1    sing Y N 490 
TYR CD1   HD1    sing N N 491 
TYR CD2   CE2    doub Y N 492 
TYR CD2   HD2    sing N N 493 
TYR CE1   CZ     doub Y N 494 
TYR CE1   HE1    sing N N 495 
TYR CE2   CZ     sing Y N 496 
TYR CE2   HE2    sing N N 497 
TYR CZ    OH     sing N N 498 
TYR OH    HH     sing N N 499 
TYR OXT   HXT    sing N N 500 
VAL N     CA     sing N N 501 
VAL N     H      sing N N 502 
VAL N     H2     sing N N 503 
VAL CA    C      sing N N 504 
VAL CA    CB     sing N N 505 
VAL CA    HA     sing N N 506 
VAL C     O      doub N N 507 
VAL C     OXT    sing N N 508 
VAL CB    CG1    sing N N 509 
VAL CB    CG2    sing N N 510 
VAL CB    HB     sing N N 511 
VAL CG1   HG11   sing N N 512 
VAL CG1   HG12   sing N N 513 
VAL CG1   HG13   sing N N 514 
VAL CG2   HG21   sing N N 515 
VAL CG2   HG22   sing N N 516 
VAL CG2   HG23   sing N N 517 
VAL OXT   HXT    sing N N 518 
# 
_pdbx_initial_refinement_model.id               1 
_pdbx_initial_refinement_model.entity_id_list   ? 
_pdbx_initial_refinement_model.type             'experimental model' 
_pdbx_initial_refinement_model.source_name      PDB 
_pdbx_initial_refinement_model.accession_code   1H0J 
_pdbx_initial_refinement_model.details          'PDB ENTRY 1H0J' 
# 
_atom_sites.entry_id                    2BHI 
_atom_sites.fract_transf_matrix[1][1]   0.00550146 
_atom_sites.fract_transf_matrix[1][2]   0.01352527 
_atom_sites.fract_transf_matrix[1][3]   -0.01092138 
_atom_sites.fract_transf_matrix[2][1]   0.01565920 
_atom_sites.fract_transf_matrix[2][2]   0.00868991 
_atom_sites.fract_transf_matrix[2][3]   0.00342836 
_atom_sites.fract_transf_matrix[3][1]   0.00405917 
_atom_sites.fract_transf_matrix[3][2]   -0.00545573 
_atom_sites.fract_transf_matrix[3][3]   -0.00471176 
_atom_sites.fract_transf_vector[1]      0.485102 
_atom_sites.fract_transf_vector[2]      0.019651 
_atom_sites.fract_transf_vector[3]      0.136432 
# 
loop_
_atom_type.symbol 
C 
N 
O 
S 
# 
loop_
_atom_site.group_PDB 
_atom_site.id 
_atom_site.type_symbol 
_atom_site.label_atom_id 
_atom_site.label_alt_id 
_atom_site.label_comp_id 
_atom_site.label_asym_id 
_atom_site.label_entity_id 
_atom_site.label_seq_id 
_atom_site.pdbx_PDB_ins_code 
_atom_site.Cartn_x 
_atom_site.Cartn_y 
_atom_site.Cartn_z 
_atom_site.occupancy 
_atom_site.B_iso_or_equiv 
_atom_site.pdbx_formal_charge 
_atom_site.auth_seq_id 
_atom_site.auth_comp_id 
_atom_site.auth_asym_id 
_atom_site.auth_atom_id 
_atom_site.pdbx_PDB_model_num 
ATOM   1    N N     . LEU A 1 1  ? -8.338  -6.294  -17.642 1.00 34.75 ? 1    LEU A N     1 
ATOM   2    C CA    . LEU A 1 1  ? -9.010  -5.732  -16.428 1.00 34.10 ? 1    LEU A CA    1 
ATOM   3    C C     . LEU A 1 1  ? -8.876  -4.223  -16.357 1.00 35.03 ? 1    LEU A C     1 
ATOM   4    O O     . LEU A 1 1  ? -7.840  -3.658  -16.702 1.00 36.83 ? 1    LEU A O     1 
ATOM   5    C CB    . LEU A 1 1  ? -8.408  -6.345  -15.154 1.00 32.94 ? 1    LEU A CB    1 
ATOM   6    C CG    . LEU A 1 1  ? -8.932  -5.775  -13.828 1.00 29.29 ? 1    LEU A CG    1 
ATOM   7    C CD1   . LEU A 1 1  ? -10.408 -6.142  -13.675 1.00 28.52 ? 1    LEU A CD1   1 
ATOM   8    C CD2   . LEU A 1 1  ? -8.121  -6.308  -12.660 1.00 25.80 ? 1    LEU A CD2   1 
ATOM   9    N N     . LYS A 1 2  ? -9.925  -3.565  -15.892 1.00 35.40 ? 2    LYS A N     1 
ATOM   10   C CA    . LYS A 1 2  ? -9.894  -2.119  -15.774 1.00 37.00 ? 2    LYS A CA    1 
ATOM   11   C C     . LYS A 1 2  ? -10.160 -1.762  -14.326 1.00 34.46 ? 2    LYS A C     1 
ATOM   12   O O     . LYS A 1 2  ? -10.938 -2.428  -13.658 1.00 35.28 ? 2    LYS A O     1 
ATOM   13   C CB    . LYS A 1 2  ? -10.946 -1.481  -16.697 1.00 39.94 ? 2    LYS A CB    1 
ATOM   14   C CG    . LYS A 1 2  ? -10.623 -1.661  -18.184 1.00 43.15 ? 2    LYS A CG    1 
ATOM   15   C CD    . LYS A 1 2  ? -11.711 -1.093  -19.092 1.00 46.85 ? 2    LYS A CD    1 
ATOM   16   C CE    . LYS A 1 2  ? -11.229 -1.049  -20.536 1.00 48.09 ? 2    LYS A CE    1 
ATOM   17   N NZ    . LYS A 1 2  ? -10.745 -2.383  -20.993 1.00 48.95 ? 2    LYS A NZ    1 
ATOM   18   N N     . CYS A 1 3  ? -9.488  -0.722  -13.845 1.00 33.07 ? 3    CYS A N     1 
ATOM   19   C CA    . CYS A 1 3  ? -9.648  -0.280  -12.471 1.00 30.99 ? 3    CYS A CA    1 
ATOM   20   C C     . CYS A 1 3  ? -9.812  1.223   -12.411 1.00 31.58 ? 3    CYS A C     1 
ATOM   21   O O     . CYS A 1 3  ? -9.270  1.938   -13.248 1.00 34.44 ? 3    CYS A O     1 
ATOM   22   C CB    . CYS A 1 3  ? -8.418  -0.661  -11.649 1.00 29.66 ? 3    CYS A CB    1 
ATOM   23   S SG    . CYS A 1 3  ? -8.017  -2.430  -11.601 1.00 28.46 ? 3    CYS A SG    1 
ATOM   24   N N     . ASN A 1 4  ? -10.545 1.716   -11.421 1.00 30.96 ? 4    ASN A N     1 
ATOM   25   C CA    . ASN A 1 4  ? -10.701 3.158   -11.300 1.00 31.95 ? 4    ASN A CA    1 
ATOM   26   C C     . ASN A 1 4  ? -9.449  3.748   -10.650 1.00 33.13 ? 4    ASN A C     1 
ATOM   27   O O     . ASN A 1 4  ? -8.720  3.046   -9.951  1.00 31.28 ? 4    ASN A O     1 
ATOM   28   C CB    . ASN A 1 4  ? -11.924 3.499   -10.446 1.00 30.78 ? 4    ASN A CB    1 
ATOM   29   C CG    . ASN A 1 4  ? -13.212 2.960   -11.032 1.00 32.04 ? 4    ASN A CG    1 
ATOM   30   O OD1   . ASN A 1 4  ? -13.444 3.041   -12.237 1.00 32.03 ? 4    ASN A OD1   1 
ATOM   31   N ND2   . ASN A 1 4  ? -14.064 2.424   -10.177 1.00 31.64 ? 4    ASN A ND2   1 
ATOM   32   N N     . LYS A 1 5  ? -9.209  5.037   -10.882 1.00 34.19 ? 5    LYS A N     1 
ATOM   33   C CA    . LYS A 1 5  ? -8.068  5.727   -10.293 1.00 35.49 ? 5    LYS A CA    1 
ATOM   34   C C     . LYS A 1 5  ? -8.594  6.537   -9.109  1.00 36.01 ? 5    LYS A C     1 
ATOM   35   O O     . LYS A 1 5  ? -9.783  6.465   -8.803  1.00 36.32 ? 5    LYS A O     1 
ATOM   36   C CB    . LYS A 1 5  ? -7.396  6.645   -11.321 1.00 35.99 ? 5    LYS A CB    1 
ATOM   37   C CG    . LYS A 1 5  ? -6.761  5.896   -12.492 1.00 37.40 ? 5    LYS A CG    1 
ATOM   38   C CD    . LYS A 1 5  ? -6.006  6.859   -13.396 1.00 40.11 ? 5    LYS A CD    1 
ATOM   39   C CE    . LYS A 1 5  ? -5.343  6.154   -14.571 1.00 40.48 ? 5    LYS A CE    1 
ATOM   40   N NZ    . LYS A 1 5  ? -4.837  7.146   -15.576 1.00 41.22 ? 5    LYS A NZ    1 
ATOM   41   N N     . LEU A 1 6  ? -7.725  7.300   -8.446  1.00 34.79 ? 6    LEU A N     1 
ATOM   42   C CA    . LEU A 1 6  ? -8.144  8.087   -7.287  1.00 35.63 ? 6    LEU A CA    1 
ATOM   43   C C     . LEU A 1 6  ? -9.475  8.788   -7.527  1.00 37.53 ? 6    LEU A C     1 
ATOM   44   O O     . LEU A 1 6  ? -10.369 8.737   -6.678  1.00 37.95 ? 6    LEU A O     1 
ATOM   45   C CB    . LEU A 1 6  ? -7.062  9.107   -6.906  1.00 33.84 ? 6    LEU A CB    1 
ATOM   46   C CG    . LEU A 1 6  ? -7.282  9.936   -5.641  1.00 34.21 ? 6    LEU A CG    1 
ATOM   47   C CD1   . LEU A 1 6  ? -7.604  9.020   -4.489  1.00 33.68 ? 6    LEU A CD1   1 
ATOM   48   C CD2   . LEU A 1 6  ? -6.038  10.763  -5.324  1.00 34.58 ? 6    LEU A CD2   1 
ATOM   49   N N     . VAL A 1 7  ? -9.608  9.447   -8.675  1.00 38.64 ? 7    VAL A N     1 
ATOM   50   C CA    . VAL A 1 7  ? -10.867 10.110  -9.014  1.00 40.74 ? 7    VAL A CA    1 
ATOM   51   C C     . VAL A 1 7  ? -11.566 9.083   -9.893  1.00 41.11 ? 7    VAL A C     1 
ATOM   52   O O     . VAL A 1 7  ? -11.315 9.018   -11.093 1.00 40.74 ? 7    VAL A O     1 
ATOM   53   C CB    . VAL A 1 7  ? -10.636 11.408  -9.815  1.00 41.15 ? 7    VAL A CB    1 
ATOM   54   C CG1   . VAL A 1 7  ? -11.978 12.084  -10.084 1.00 39.85 ? 7    VAL A CG1   1 
ATOM   55   C CG2   . VAL A 1 7  ? -9.708  12.346  -9.043  1.00 39.69 ? 7    VAL A CG2   1 
ATOM   56   N N     . PRO A 1 8  ? -12.462 8.273   -9.298  1.00 43.20 ? 8    PRO A N     1 
ATOM   57   C CA    . PRO A 1 8  ? -13.221 7.205   -9.961  1.00 44.09 ? 8    PRO A CA    1 
ATOM   58   C C     . PRO A 1 8  ? -13.911 7.447   -11.313 1.00 46.01 ? 8    PRO A C     1 
ATOM   59   O O     . PRO A 1 8  ? -14.413 6.499   -11.925 1.00 46.24 ? 8    PRO A O     1 
ATOM   60   C CB    . PRO A 1 8  ? -14.182 6.741   -8.865  1.00 43.87 ? 8    PRO A CB    1 
ATOM   61   C CG    . PRO A 1 8  ? -14.406 7.974   -8.070  1.00 44.08 ? 8    PRO A CG    1 
ATOM   62   C CD    . PRO A 1 8  ? -13.026 8.562   -7.968  1.00 42.93 ? 8    PRO A CD    1 
ATOM   63   N N     . LEU A 1 9  ? -13.949 8.690   -11.791 1.00 46.60 ? 9    LEU A N     1 
ATOM   64   C CA    . LEU A 1 9  ? -14.545 8.938   -13.101 1.00 47.51 ? 9    LEU A CA    1 
ATOM   65   C C     . LEU A 1 9  ? -13.491 8.570   -14.146 1.00 47.07 ? 9    LEU A C     1 
ATOM   66   O O     . LEU A 1 9  ? -13.798 8.324   -15.312 1.00 47.90 ? 9    LEU A O     1 
ATOM   67   C CB    . LEU A 1 9  ? -14.960 10.407  -13.256 1.00 50.06 ? 9    LEU A CB    1 
ATOM   68   C CG    . LEU A 1 9  ? -16.421 10.762  -12.935 1.00 51.71 ? 9    LEU A CG    1 
ATOM   69   C CD1   . LEU A 1 9  ? -16.718 10.570  -11.451 1.00 51.36 ? 9    LEU A CD1   1 
ATOM   70   C CD2   . LEU A 1 9  ? -16.677 12.207  -13.343 1.00 53.69 ? 9    LEU A CD2   1 
ATOM   71   N N     . PHE A 1 10 ? -12.239 8.530   -13.706 1.00 45.49 ? 10   PHE A N     1 
ATOM   72   C CA    . PHE A 1 10 ? -11.122 8.166   -14.564 1.00 44.74 ? 10   PHE A CA    1 
ATOM   73   C C     . PHE A 1 10 ? -10.710 6.735   -14.205 1.00 43.82 ? 10   PHE A C     1 
ATOM   74   O O     . PHE A 1 10 ? -10.803 6.333   -13.047 1.00 41.64 ? 10   PHE A O     1 
ATOM   75   C CB    . PHE A 1 10 ? -9.969  9.137   -14.330 1.00 46.86 ? 10   PHE A CB    1 
ATOM   76   C CG    . PHE A 1 10 ? -10.291 10.541  -14.721 1.00 48.04 ? 10   PHE A CG    1 
ATOM   77   C CD1   . PHE A 1 10 ? -10.178 10.949  -16.046 1.00 49.22 ? 10   PHE A CD1   1 
ATOM   78   C CD2   . PHE A 1 10 ? -10.759 11.443  -13.781 1.00 49.24 ? 10   PHE A CD2   1 
ATOM   79   C CE1   . PHE A 1 10 ? -10.529 12.230  -16.424 1.00 48.79 ? 10   PHE A CE1   1 
ATOM   80   C CE2   . PHE A 1 10 ? -11.116 12.729  -14.148 1.00 49.74 ? 10   PHE A CE2   1 
ATOM   81   C CZ    . PHE A 1 10 ? -10.999 13.119  -15.472 1.00 49.68 ? 10   PHE A CZ    1 
ATOM   82   N N     . TYR A 1 11 ? -10.279 5.960   -15.196 1.00 43.81 ? 11   TYR A N     1 
ATOM   83   C CA    . TYR A 1 11 ? -9.872  4.576   -14.951 1.00 43.76 ? 11   TYR A CA    1 
ATOM   84   C C     . TYR A 1 11 ? -8.698  4.202   -15.841 1.00 43.17 ? 11   TYR A C     1 
ATOM   85   O O     . TYR A 1 11 ? -8.291  4.988   -16.687 1.00 43.79 ? 11   TYR A O     1 
ATOM   86   C CB    . TYR A 1 11 ? -11.053 3.635   -15.207 1.00 43.53 ? 11   TYR A CB    1 
ATOM   87   C CG    . TYR A 1 11 ? -11.580 3.680   -16.618 1.00 44.70 ? 11   TYR A CG    1 
ATOM   88   C CD1   . TYR A 1 11 ? -11.041 2.859   -17.614 1.00 44.92 ? 11   TYR A CD1   1 
ATOM   89   C CD2   . TYR A 1 11 ? -12.624 4.549   -16.963 1.00 46.13 ? 11   TYR A CD2   1 
ATOM   90   C CE1   . TYR A 1 11 ? -11.531 2.894   -18.920 1.00 46.30 ? 11   TYR A CE1   1 
ATOM   91   C CE2   . TYR A 1 11 ? -13.121 4.598   -18.268 1.00 45.49 ? 11   TYR A CE2   1 
ATOM   92   C CZ    . TYR A 1 11 ? -12.570 3.766   -19.235 1.00 45.84 ? 11   TYR A CZ    1 
ATOM   93   O OH    . TYR A 1 11 ? -13.064 3.789   -20.514 1.00 47.04 ? 11   TYR A OH    1 
ATOM   94   N N     . LYS A 1 12 ? -8.146  3.009   -15.648 1.00 43.23 ? 12   LYS A N     1 
ATOM   95   C CA    . LYS A 1 12 ? -7.021  2.571   -16.467 1.00 42.76 ? 12   LYS A CA    1 
ATOM   96   C C     . LYS A 1 12 ? -7.106  1.080   -16.759 1.00 41.46 ? 12   LYS A C     1 
ATOM   97   O O     . LYS A 1 12 ? -7.913  0.375   -16.171 1.00 42.44 ? 12   LYS A O     1 
ATOM   98   C CB    . LYS A 1 12 ? -5.697  2.856   -15.758 1.00 42.75 ? 12   LYS A CB    1 
ATOM   99   C CG    . LYS A 1 12 ? -5.417  1.920   -14.591 1.00 45.69 ? 12   LYS A CG    1 
ATOM   100  C CD    . LYS A 1 12 ? -3.988  2.028   -14.097 1.00 46.64 ? 12   LYS A CD    1 
ATOM   101  C CE    . LYS A 1 12 ? -3.749  3.279   -13.270 1.00 48.49 ? 12   LYS A CE    1 
ATOM   102  N NZ    . LYS A 1 12 ? -2.288  3.414   -12.993 1.00 50.35 ? 12   LYS A NZ    1 
ATOM   103  N N     . THR A 1 13 ? -6.261  0.613   -17.673 1.00 40.54 ? 13   THR A N     1 
ATOM   104  C CA    . THR A 1 13 ? -6.201  -0.798  -18.020 1.00 38.48 ? 13   THR A CA    1 
ATOM   105  C C     . THR A 1 13 ? -4.932  -1.373  -17.392 1.00 37.38 ? 13   THR A C     1 
ATOM   106  O O     . THR A 1 13 ? -3.833  -0.860  -17.590 1.00 37.85 ? 13   THR A O     1 
ATOM   107  C CB    . THR A 1 13 ? -6.185  -0.999  -19.549 1.00 39.48 ? 13   THR A CB    1 
ATOM   108  O OG1   . THR A 1 13 ? -7.467  -0.635  -20.082 1.00 38.49 ? 13   THR A OG1   1 
ATOM   109  C CG2   . THR A 1 13 ? -5.872  -2.453  -19.900 1.00 38.81 ? 13   THR A CG2   1 
ATOM   110  N N     . CYS A 1 14 ? -5.098  -2.441  -16.628 1.00 35.05 ? 14   CYS A N     1 
ATOM   111  C CA    . CYS A 1 14 ? -3.984  -3.057  -15.931 1.00 35.06 ? 14   CYS A CA    1 
ATOM   112  C C     . CYS A 1 14 ? -2.944  -3.741  -16.810 1.00 34.93 ? 14   CYS A C     1 
ATOM   113  O O     . CYS A 1 14 ? -3.261  -4.294  -17.855 1.00 34.93 ? 14   CYS A O     1 
ATOM   114  C CB    . CYS A 1 14 ? -4.499  -4.079  -14.914 1.00 33.90 ? 14   CYS A CB    1 
ATOM   115  S SG    . CYS A 1 14 ? -5.707  -3.485  -13.681 1.00 35.31 ? 14   CYS A SG    1 
ATOM   116  N N     . PRO A 1 15 ? -1.670  -3.691  -16.389 1.00 34.90 ? 15   PRO A N     1 
ATOM   117  C CA    . PRO A 1 15 ? -0.634  -4.354  -17.191 1.00 35.66 ? 15   PRO A CA    1 
ATOM   118  C C     . PRO A 1 15 ? -0.720  -5.838  -16.877 1.00 35.91 ? 15   PRO A C     1 
ATOM   119  O O     . PRO A 1 15 ? -1.394  -6.228  -15.916 1.00 36.35 ? 15   PRO A O     1 
ATOM   120  C CB    . PRO A 1 15 ? 0.652   -3.736  -16.664 1.00 35.80 ? 15   PRO A CB    1 
ATOM   121  C CG    . PRO A 1 15 ? 0.335   -3.503  -15.218 1.00 35.40 ? 15   PRO A CG    1 
ATOM   122  C CD    . PRO A 1 15 ? -1.084  -2.952  -15.259 1.00 34.80 ? 15   PRO A CD    1 
ATOM   123  N N     . ALA A 1 16 ? -0.053  -6.668  -17.675 1.00 35.83 ? 16   ALA A N     1 
ATOM   124  C CA    . ALA A 1 16 ? -0.062  -8.111  -17.438 1.00 34.17 ? 16   ALA A CA    1 
ATOM   125  C C     . ALA A 1 16 ? 0.438   -8.410  -16.024 1.00 34.50 ? 16   ALA A C     1 
ATOM   126  O O     . ALA A 1 16 ? 1.377   -7.780  -15.538 1.00 33.29 ? 16   ALA A O     1 
ATOM   127  C CB    . ALA A 1 16 ? 0.827   -8.808  -18.452 1.00 35.30 ? 16   ALA A CB    1 
ATOM   128  N N     . GLY A 1 17 ? -0.189  -9.376  -15.359 1.00 34.23 ? 17   GLY A N     1 
ATOM   129  C CA    . GLY A 1 17 ? 0.237   -9.708  -14.014 1.00 33.71 ? 17   GLY A CA    1 
ATOM   130  C C     . GLY A 1 17 ? -0.499  -8.982  -12.895 1.00 32.40 ? 17   GLY A C     1 
ATOM   131  O O     . GLY A 1 17 ? -0.343  -9.349  -11.727 1.00 32.38 ? 17   GLY A O     1 
ATOM   132  N N     . LYS A 1 18 ? -1.274  -7.951  -13.220 1.00 30.26 ? 18   LYS A N     1 
ATOM   133  C CA    . LYS A 1 18 ? -2.038  -7.249  -12.191 1.00 30.62 ? 18   LYS A CA    1 
ATOM   134  C C     . LYS A 1 18 ? -3.509  -7.530  -12.433 1.00 30.24 ? 18   LYS A C     1 
ATOM   135  O O     . LYS A 1 18 ? -4.184  -6.812  -13.163 1.00 30.77 ? 18   LYS A O     1 
ATOM   136  C CB    . LYS A 1 18 ? -1.758  -5.749  -12.217 1.00 30.00 ? 18   LYS A CB    1 
ATOM   137  C CG    . LYS A 1 18 ? -0.350  -5.442  -11.741 1.00 32.76 ? 18   LYS A CG    1 
ATOM   138  C CD    . LYS A 1 18 ? -0.100  -3.966  -11.571 1.00 34.52 ? 18   LYS A CD    1 
ATOM   139  C CE    . LYS A 1 18 ? 1.256   -3.732  -10.933 1.00 35.82 ? 18   LYS A CE    1 
ATOM   140  N NZ    . LYS A 1 18 ? 1.494   -2.284  -10.729 1.00 38.32 ? 18   LYS A NZ    1 
ATOM   141  N N     . ASN A 1 19 ? -4.012  -8.586  -11.804 1.00 30.72 ? 19   ASN A N     1 
ATOM   142  C CA    . ASN A 1 19 ? -5.396  -8.964  -12.016 1.00 31.01 ? 19   ASN A CA    1 
ATOM   143  C C     . ASN A 1 19 ? -6.325  -8.653  -10.855 1.00 29.69 ? 19   ASN A C     1 
ATOM   144  O O     . ASN A 1 19 ? -7.308  -9.350  -10.599 1.00 28.80 ? 19   ASN A O     1 
ATOM   145  C CB    . ASN A 1 19 ? -5.422  -10.441 -12.437 1.00 30.37 ? 19   ASN A CB    1 
ATOM   146  C CG    . ASN A 1 19 ? -4.567  -10.679 -13.683 1.00 32.32 ? 19   ASN A CG    1 
ATOM   147  O OD1   . ASN A 1 19 ? -4.809  -10.086 -14.734 1.00 33.61 ? 19   ASN A OD1   1 
ATOM   148  N ND2   . ASN A 1 19 ? -3.555  -11.527 -13.564 1.00 32.81 ? 19   ASN A ND2   1 
ATOM   149  N N     . LEU A 1 20 ? -6.005  -7.557  -10.178 1.00 29.68 ? 20   LEU A N     1 
ATOM   150  C CA    . LEU A 1 20 ? -6.795  -7.078  -9.068  1.00 27.27 ? 20   LEU A CA    1 
ATOM   151  C C     . LEU A 1 20 ? -6.888  -5.565  -9.090  1.00 27.61 ? 20   LEU A C     1 
ATOM   152  O O     . LEU A 1 20 ? -5.940  -4.878  -9.478  1.00 27.96 ? 20   LEU A O     1 
ATOM   153  C CB    . LEU A 1 20 ? -6.156  -7.474  -7.742  1.00 27.66 ? 20   LEU A CB    1 
ATOM   154  C CG    . LEU A 1 20 ? -6.056  -8.934  -7.287  1.00 27.56 ? 20   LEU A CG    1 
ATOM   155  C CD1   . LEU A 1 20 ? -5.287  -8.959  -5.962  1.00 27.76 ? 20   LEU A CD1   1 
ATOM   156  C CD2   . LEU A 1 20 ? -7.472  -9.560  -7.147  1.00 27.95 ? 20   LEU A CD2   1 
ATOM   157  N N     . CYS A 1 21 ? -8.045  -5.045  -8.698  1.00 26.86 ? 21   CYS A N     1 
ATOM   158  C CA    . CYS A 1 21 ? -8.196  -3.601  -8.547  1.00 27.43 ? 21   CYS A CA    1 
ATOM   159  C C     . CYS A 1 21 ? -8.192  -3.482  -7.033  1.00 27.02 ? 21   CYS A C     1 
ATOM   160  O O     . CYS A 1 21 ? -8.449  -4.470  -6.344  1.00 27.08 ? 21   CYS A O     1 
ATOM   161  C CB    . CYS A 1 21 ? -9.536  -3.094  -9.088  1.00 26.88 ? 21   CYS A CB    1 
ATOM   162  S SG    . CYS A 1 21 ? -9.728  -3.265  -10.880 1.00 28.33 ? 21   CYS A SG    1 
ATOM   163  N N     . TYR A 1 22 ? -7.869  -2.299  -6.520  1.00 26.96 ? 22   TYR A N     1 
ATOM   164  C CA    . TYR A 1 22 ? -7.877  -2.071  -5.083  1.00 24.66 ? 22   TYR A CA    1 
ATOM   165  C C     . TYR A 1 22 ? -8.233  -0.629  -4.738  1.00 26.95 ? 22   TYR A C     1 
ATOM   166  O O     . TYR A 1 22 ? -8.099  0.293   -5.560  1.00 25.64 ? 22   TYR A O     1 
ATOM   167  C CB    . TYR A 1 22 ? -6.513  -2.396  -4.443  1.00 25.87 ? 22   TYR A CB    1 
ATOM   168  C CG    . TYR A 1 22 ? -5.447  -1.346  -4.687  1.00 24.89 ? 22   TYR A CG    1 
ATOM   169  C CD1   . TYR A 1 22 ? -4.727  -1.322  -5.882  1.00 24.43 ? 22   TYR A CD1   1 
ATOM   170  C CD2   . TYR A 1 22 ? -5.209  -0.344  -3.748  1.00 25.40 ? 22   TYR A CD2   1 
ATOM   171  C CE1   . TYR A 1 22 ? -3.789  -0.324  -6.144  1.00 26.08 ? 22   TYR A CE1   1 
ATOM   172  C CE2   . TYR A 1 22 ? -4.276  0.665   -3.986  1.00 25.93 ? 22   TYR A CE2   1 
ATOM   173  C CZ    . TYR A 1 22 ? -3.572  0.664   -5.188  1.00 27.53 ? 22   TYR A CZ    1 
ATOM   174  O OH    . TYR A 1 22 ? -2.654  1.650   -5.429  1.00 28.81 ? 22   TYR A OH    1 
ATOM   175  N N     . LYS A 1 23 ? -8.653  -0.464  -3.489  1.00 27.35 ? 23   LYS A N     1 
ATOM   176  C CA    . LYS A 1 23 ? -9.018  0.808   -2.904  1.00 30.06 ? 23   LYS A CA    1 
ATOM   177  C C     . LYS A 1 23 ? -8.355  0.737   -1.528  1.00 30.13 ? 23   LYS A C     1 
ATOM   178  O O     . LYS A 1 23 ? -8.486  -0.259  -0.838  1.00 30.47 ? 23   LYS A O     1 
ATOM   179  C CB    . LYS A 1 23 ? -10.546 0.900   -2.762  1.00 31.73 ? 23   LYS A CB    1 
ATOM   180  C CG    . LYS A 1 23 ? -11.029 2.119   -2.012  1.00 36.85 ? 23   LYS A CG    1 
ATOM   181  C CD    . LYS A 1 23 ? -12.545 2.281   -2.098  1.00 36.97 ? 23   LYS A CD    1 
ATOM   182  C CE    . LYS A 1 23 ? -13.282 1.109   -1.475  1.00 36.79 ? 23   LYS A CE    1 
ATOM   183  N NZ    . LYS A 1 23 ? -14.743 1.253   -1.673  1.00 38.07 ? 23   LYS A NZ    1 
ATOM   184  N N     . MET A 1 24 ? -7.623  1.777   -1.150  1.00 30.56 ? 24   MET A N     1 
ATOM   185  C CA    . MET A 1 24 ? -6.935  1.823   0.136   1.00 30.22 ? 24   MET A CA    1 
ATOM   186  C C     . MET A 1 24 ? -7.507  2.966   0.940   1.00 31.24 ? 24   MET A C     1 
ATOM   187  O O     . MET A 1 24 ? -7.909  3.972   0.375   1.00 34.00 ? 24   MET A O     1 
ATOM   188  C CB    . MET A 1 24 ? -5.430  2.082   -0.067  1.00 30.49 ? 24   MET A CB    1 
ATOM   189  C CG    . MET A 1 24 ? -4.623  2.303   1.210   1.00 32.29 ? 24   MET A CG    1 
ATOM   190  S SD    . MET A 1 24 ? -2.960  3.051   0.931   1.00 36.99 ? 24   MET A SD    1 
ATOM   191  C CE    . MET A 1 24 ? -2.539  2.346   -0.553  1.00 32.84 ? 24   MET A CE    1 
ATOM   192  N N     . PHE A 1 25 ? -7.547  2.824   2.255   1.00 32.45 ? 25   PHE A N     1 
ATOM   193  C CA    . PHE A 1 25 ? -8.035  3.909   3.088   1.00 33.59 ? 25   PHE A CA    1 
ATOM   194  C C     . PHE A 1 25 ? -7.658  3.716   4.542   1.00 33.28 ? 25   PHE A C     1 
ATOM   195  O O     . PHE A 1 25 ? -7.381  2.594   4.993   1.00 32.56 ? 25   PHE A O     1 
ATOM   196  C CB    . PHE A 1 25 ? -9.549  4.074   2.940   1.00 34.30 ? 25   PHE A CB    1 
ATOM   197  C CG    . PHE A 1 25 ? -10.314 2.814   3.125   1.00 34.25 ? 25   PHE A CG    1 
ATOM   198  C CD1   . PHE A 1 25 ? -10.726 2.411   4.390   1.00 35.55 ? 25   PHE A CD1   1 
ATOM   199  C CD2   . PHE A 1 25 ? -10.637 2.027   2.023   1.00 34.54 ? 25   PHE A CD2   1 
ATOM   200  C CE1   . PHE A 1 25 ? -11.461 1.232   4.559   1.00 36.08 ? 25   PHE A CE1   1 
ATOM   201  C CE2   . PHE A 1 25 ? -11.363 0.856   2.171   1.00 35.12 ? 25   PHE A CE2   1 
ATOM   202  C CZ    . PHE A 1 25 ? -11.779 0.456   3.444   1.00 35.57 ? 25   PHE A CZ    1 
ATOM   203  N N     . MET A 1 26 ? -7.618  4.837   5.253   1.00 34.34 ? 26   MET A N     1 
ATOM   204  C CA    . MET A 1 26 ? -7.281  4.877   6.668   1.00 34.92 ? 26   MET A CA    1 
ATOM   205  C C     . MET A 1 26 ? -8.491  4.318   7.420   1.00 35.29 ? 26   MET A C     1 
ATOM   206  O O     . MET A 1 26 ? -9.628  4.707   7.148   1.00 32.95 ? 26   MET A O     1 
ATOM   207  C CB    . MET A 1 26 ? -6.995  6.329   7.071   1.00 35.87 ? 26   MET A CB    1 
ATOM   208  C CG    . MET A 1 26 ? -5.912  6.501   8.128   1.00 40.84 ? 26   MET A CG    1 
ATOM   209  S SD    . MET A 1 26 ? -6.546  7.120   9.711   1.00 47.57 ? 26   MET A SD    1 
ATOM   210  C CE    . MET A 1 26 ? -6.691  5.540   10.626  1.00 42.01 ? 26   MET A CE    1 
ATOM   211  N N     . VAL A 1 27 ? -8.249  3.408   8.359   1.00 36.10 ? 27   VAL A N     1 
ATOM   212  C CA    . VAL A 1 27 ? -9.335  2.777   9.108   1.00 38.79 ? 27   VAL A CA    1 
ATOM   213  C C     . VAL A 1 27 ? -10.347 3.714   9.768   1.00 39.94 ? 27   VAL A C     1 
ATOM   214  O O     . VAL A 1 27 ? -11.527 3.383   9.849   1.00 40.73 ? 27   VAL A O     1 
ATOM   215  C CB    . VAL A 1 27 ? -8.786  1.803   10.180  1.00 38.82 ? 27   VAL A CB    1 
ATOM   216  C CG1   . VAL A 1 27 ? -9.925  1.181   10.957  1.00 39.45 ? 27   VAL A CG1   1 
ATOM   217  C CG2   . VAL A 1 27 ? -7.980  0.694   9.501   1.00 41.05 ? 27   VAL A CG2   1 
ATOM   218  N N     . ALA A 1 28 ? -9.897  4.880   10.221  1.00 40.05 ? 28   ALA A N     1 
ATOM   219  C CA    . ALA A 1 28 ? -10.777 5.843   10.885  1.00 40.96 ? 28   ALA A CA    1 
ATOM   220  C C     . ALA A 1 28 ? -11.589 6.724   9.922   1.00 41.82 ? 28   ALA A C     1 
ATOM   221  O O     . ALA A 1 28 ? -12.477 7.465   10.346  1.00 41.94 ? 28   ALA A O     1 
ATOM   222  C CB    . ALA A 1 28 ? -9.947  6.724   11.823  1.00 41.50 ? 28   ALA A CB    1 
ATOM   223  N N     . THR A 1 29 ? -11.293 6.649   8.630   1.00 40.95 ? 29   THR A N     1 
ATOM   224  C CA    . THR A 1 29 ? -12.013 7.454   7.650   1.00 40.75 ? 29   THR A CA    1 
ATOM   225  C C     . THR A 1 29 ? -12.211 6.638   6.374   1.00 40.35 ? 29   THR A C     1 
ATOM   226  O O     . THR A 1 29 ? -11.726 7.004   5.306   1.00 38.84 ? 29   THR A O     1 
ATOM   227  C CB    . THR A 1 29 ? -11.222 8.748   7.332   1.00 39.52 ? 29   THR A CB    1 
ATOM   228  O OG1   . THR A 1 29 ? -9.917  8.402   6.861   1.00 40.56 ? 29   THR A OG1   1 
ATOM   229  C CG2   . THR A 1 29 ? -11.082 9.617   8.579   1.00 39.87 ? 29   THR A CG2   1 
ATOM   230  N N     . PRO A 1 30 ? -12.961 5.530   6.472   1.00 40.99 ? 30   PRO A N     1 
ATOM   231  C CA    . PRO A 1 30 ? -13.225 4.641   5.337   1.00 42.38 ? 30   PRO A CA    1 
ATOM   232  C C     . PRO A 1 30 ? -14.036 5.166   4.154   1.00 43.98 ? 30   PRO A C     1 
ATOM   233  O O     . PRO A 1 30 ? -14.277 4.432   3.201   1.00 45.57 ? 30   PRO A O     1 
ATOM   234  C CB    . PRO A 1 30 ? -13.881 3.438   6.000   1.00 42.12 ? 30   PRO A CB    1 
ATOM   235  C CG    . PRO A 1 30 ? -14.650 4.073   7.127   1.00 43.72 ? 30   PRO A CG    1 
ATOM   236  C CD    . PRO A 1 30 ? -13.688 5.090   7.678   1.00 41.04 ? 30   PRO A CD    1 
ATOM   237  N N     . LYS A 1 31 ? -14.456 6.422   4.195   1.00 45.21 ? 31   LYS A N     1 
ATOM   238  C CA    . LYS A 1 31 ? -15.222 6.967   3.083   1.00 46.55 ? 31   LYS A CA    1 
ATOM   239  C C     . LYS A 1 31 ? -14.346 7.843   2.205   1.00 46.73 ? 31   LYS A C     1 
ATOM   240  O O     . LYS A 1 31 ? -14.793 8.368   1.186   1.00 47.16 ? 31   LYS A O     1 
ATOM   241  C CB    . LYS A 1 31 ? -16.428 7.754   3.600   1.00 48.12 ? 31   LYS A CB    1 
ATOM   242  C CG    . LYS A 1 31 ? -17.595 6.851   3.951   1.00 50.19 ? 31   LYS A CG    1 
ATOM   243  C CD    . LYS A 1 31 ? -18.661 7.560   4.766   1.00 52.88 ? 31   LYS A CD    1 
ATOM   244  C CE    . LYS A 1 31 ? -19.805 6.607   5.075   1.00 54.55 ? 31   LYS A CE    1 
ATOM   245  N NZ    . LYS A 1 31 ? -19.298 5.264   5.504   1.00 56.61 ? 31   LYS A NZ    1 
ATOM   246  N N     . VAL A 1 32 ? -13.087 7.987   2.599   1.00 45.72 ? 32   VAL A N     1 
ATOM   247  C CA    . VAL A 1 32 ? -12.159 8.790   1.831   1.00 45.56 ? 32   VAL A CA    1 
ATOM   248  C C     . VAL A 1 32 ? -11.033 7.910   1.297   1.00 44.16 ? 32   VAL A C     1 
ATOM   249  O O     . VAL A 1 32 ? -9.989  7.765   1.933   1.00 45.04 ? 32   VAL A O     1 
ATOM   250  C CB    . VAL A 1 32 ? -11.536 9.927   2.687   1.00 46.07 ? 32   VAL A CB    1 
ATOM   251  C CG1   . VAL A 1 32 ? -10.877 10.944  1.782   1.00 46.50 ? 32   VAL A CG1   1 
ATOM   252  C CG2   . VAL A 1 32 ? -12.601 10.602  3.526   1.00 46.84 ? 32   VAL A CG2   1 
ATOM   253  N N     . PRO A 1 33 ? -11.239 7.279   0.134   1.00 42.37 ? 33   PRO A N     1 
ATOM   254  C CA    . PRO A 1 33 ? -10.143 6.447   -0.370  1.00 40.67 ? 33   PRO A CA    1 
ATOM   255  C C     . PRO A 1 33 ? -8.943  7.339   -0.673  1.00 39.19 ? 33   PRO A C     1 
ATOM   256  O O     . PRO A 1 33 ? -9.098  8.407   -1.264  1.00 39.69 ? 33   PRO A O     1 
ATOM   257  C CB    . PRO A 1 33 ? -10.743 5.819   -1.623  1.00 40.62 ? 33   PRO A CB    1 
ATOM   258  C CG    . PRO A 1 33 ? -12.222 5.706   -1.252  1.00 41.08 ? 33   PRO A CG    1 
ATOM   259  C CD    . PRO A 1 33 ? -12.484 7.044   -0.617  1.00 41.66 ? 33   PRO A CD    1 
ATOM   260  N N     . VAL A 1 34 ? -7.747  6.927   -0.263  1.00 37.48 ? 34   VAL A N     1 
ATOM   261  C CA    . VAL A 1 34 ? -6.569  7.750   -0.525  1.00 35.14 ? 34   VAL A CA    1 
ATOM   262  C C     . VAL A 1 34 ? -5.773  7.220   -1.700  1.00 34.07 ? 34   VAL A C     1 
ATOM   263  O O     . VAL A 1 34 ? -4.876  7.883   -2.215  1.00 35.15 ? 34   VAL A O     1 
ATOM   264  C CB    . VAL A 1 34 ? -5.656  7.849   0.732   1.00 33.87 ? 34   VAL A CB    1 
ATOM   265  C CG1   . VAL A 1 34 ? -6.275  8.798   1.742   1.00 33.61 ? 34   VAL A CG1   1 
ATOM   266  C CG2   . VAL A 1 34 ? -5.491  6.483   1.366   1.00 34.17 ? 34   VAL A CG2   1 
ATOM   267  N N     . LYS A 1 35 ? -6.113  6.023   -2.150  1.00 34.37 ? 35   LYS A N     1 
ATOM   268  C CA    . LYS A 1 35 ? -5.396  5.440   -3.269  1.00 32.68 ? 35   LYS A CA    1 
ATOM   269  C C     . LYS A 1 35 ? -6.264  4.387   -3.935  1.00 31.35 ? 35   LYS A C     1 
ATOM   270  O O     . LYS A 1 35 ? -7.028  3.708   -3.262  1.00 30.33 ? 35   LYS A O     1 
ATOM   271  C CB    . LYS A 1 35 ? -4.092  4.831   -2.765  1.00 32.79 ? 35   LYS A CB    1 
ATOM   272  C CG    . LYS A 1 35 ? -3.034  4.728   -3.816  1.00 34.37 ? 35   LYS A CG    1 
ATOM   273  C CD    . LYS A 1 35 ? -1.733  4.205   -3.245  1.00 35.27 ? 35   LYS A CD    1 
ATOM   274  C CE    . LYS A 1 35 ? -0.742  3.989   -4.371  1.00 36.63 ? 35   LYS A CE    1 
ATOM   275  N NZ    . LYS A 1 35 ? 0.477   3.296   -3.930  1.00 39.00 ? 35   LYS A NZ    1 
ATOM   276  N N     . ARG A 1 36 ? -6.142  4.273   -5.254  1.00 30.84 ? 36   ARG A N     1 
ATOM   277  C CA    . ARG A 1 36 ? -6.908  3.323   -6.067  1.00 30.93 ? 36   ARG A CA    1 
ATOM   278  C C     . ARG A 1 36 ? -6.156  2.965   -7.342  1.00 30.81 ? 36   ARG A C     1 
ATOM   279  O O     . ARG A 1 36 ? -5.460  3.808   -7.900  1.00 32.51 ? 36   ARG A O     1 
ATOM   280  C CB    . ARG A 1 36 ? -8.263  3.916   -6.465  1.00 30.66 ? 36   ARG A CB    1 
ATOM   281  C CG    . ARG A 1 36 ? -9.356  3.691   -5.452  1.00 34.53 ? 36   ARG A CG    1 
ATOM   282  C CD    . ARG A 1 36 ? -10.741 3.790   -6.066  1.00 35.41 ? 36   ARG A CD    1 
ATOM   283  N NE    . ARG A 1 36 ? -11.269 5.130   -5.912  1.00 38.63 ? 36   ARG A NE    1 
ATOM   284  C CZ    . ARG A 1 36 ? -12.469 5.419   -5.417  1.00 40.20 ? 36   ARG A CZ    1 
ATOM   285  N NH1   . ARG A 1 36 ? -12.846 6.683   -5.317  1.00 41.83 ? 36   ARG A NH1   1 
ATOM   286  N NH2   . ARG A 1 36 ? -13.294 4.452   -5.033  1.00 40.45 ? 36   ARG A NH2   1 
ATOM   287  N N     . GLY A 1 37 ? -6.308  1.724   -7.807  1.00 30.14 ? 37   GLY A N     1 
ATOM   288  C CA    . GLY A 1 37 ? -5.635  1.297   -9.023  1.00 29.28 ? 37   GLY A CA    1 
ATOM   289  C C     . GLY A 1 37 ? -5.558  -0.213  -9.195  1.00 29.04 ? 37   GLY A C     1 
ATOM   290  O O     . GLY A 1 37 ? -6.392  -0.956  -8.666  1.00 28.37 ? 37   GLY A O     1 
ATOM   291  N N     . CYS A 1 38 ? -4.562  -0.649  -9.960  1.00 29.68 ? 38   CYS A N     1 
ATOM   292  C CA    . CYS A 1 38 ? -4.290  -2.068  -10.234 1.00 30.24 ? 38   CYS A CA    1 
ATOM   293  C C     . CYS A 1 38 ? -3.165  -2.554  -9.335  1.00 30.22 ? 38   CYS A C     1 
ATOM   294  O O     . CYS A 1 38 ? -2.249  -1.789  -9.001  1.00 28.30 ? 38   CYS A O     1 
ATOM   295  C CB    . CYS A 1 38 ? -3.798  -2.275  -11.666 1.00 30.99 ? 38   CYS A CB    1 
ATOM   296  S SG    . CYS A 1 38 ? -4.928  -1.758  -12.980 1.00 33.35 ? 38   CYS A SG    1 
ATOM   297  N N     . ILE A 1 39 ? -3.238  -3.830  -8.955  1.00 29.01 ? 39   ILE A N     1 
ATOM   298  C CA    . ILE A 1 39 ? -2.213  -4.443  -8.138  1.00 28.72 ? 39   ILE A CA    1 
ATOM   299  C C     . ILE A 1 39 ? -2.189  -5.951  -8.391  1.00 29.65 ? 39   ILE A C     1 
ATOM   300  O O     . ILE A 1 39 ? -3.137  -6.519  -8.946  1.00 29.41 ? 39   ILE A O     1 
ATOM   301  C CB    . ILE A 1 39 ? -2.426  -4.137  -6.646  1.00 30.44 ? 39   ILE A CB    1 
ATOM   302  C CG1   . ILE A 1 39 ? -1.105  -4.306  -5.895  1.00 31.50 ? 39   ILE A CG1   1 
ATOM   303  C CG2   . ILE A 1 39 ? -3.470  -5.046  -6.066  1.00 31.54 ? 39   ILE A CG2   1 
ATOM   304  C CD1   . ILE A 1 39 ? -1.143  -3.778  -4.470  1.00 34.62 ? 39   ILE A CD1   1 
ATOM   305  N N     . ASP A 1 40 ? -1.101  -6.600  -7.995  1.00 30.55 ? 40   ASP A N     1 
ATOM   306  C CA    . ASP A 1 40 ? -0.961  -8.034  -8.221  1.00 32.16 ? 40   ASP A CA    1 
ATOM   307  C C     . ASP A 1 40 ? -1.389  -8.889  -7.033  1.00 31.36 ? 40   ASP A C     1 
ATOM   308  O O     . ASP A 1 40 ? -1.942  -9.972  -7.206  1.00 33.43 ? 40   ASP A O     1 
ATOM   309  C CB    . ASP A 1 40 ? 0.488   -8.353  -8.625  1.00 33.03 ? 40   ASP A CB    1 
ATOM   310  C CG    . ASP A 1 40 ? 1.495   -7.967  -7.560  1.00 34.18 ? 40   ASP A CG    1 
ATOM   311  O OD1   . ASP A 1 40 ? 1.227   -7.027  -6.774  1.00 35.07 ? 40   ASP A OD1   1 
ATOM   312  O OD2   . ASP A 1 40 ? 2.563   -8.609  -7.515  1.00 37.62 ? 40   ASP A OD2   1 
ATOM   313  N N     . VAL A 1 41 ? -1.130  -8.400  -5.831  1.00 31.14 ? 41   VAL A N     1 
ATOM   314  C CA    . VAL A 1 41 ? -1.504  -9.113  -4.633  1.00 29.59 ? 41   VAL A CA    1 
ATOM   315  C C     . VAL A 1 41 ? -2.229  -8.103  -3.775  1.00 28.59 ? 41   VAL A C     1 
ATOM   316  O O     . VAL A 1 41 ? -1.876  -6.931  -3.789  1.00 29.80 ? 41   VAL A O     1 
ATOM   317  C CB    . VAL A 1 41 ? -0.264  -9.633  -3.876  1.00 30.89 ? 41   VAL A CB    1 
ATOM   318  C CG1   . VAL A 1 41 ? -0.706  -10.387 -2.633  1.00 29.24 ? 41   VAL A CG1   1 
ATOM   319  C CG2   . VAL A 1 41 ? 0.560   -10.527 -4.780  1.00 30.12 ? 41   VAL A CG2   1 
ATOM   320  N N     . CYS A 1 42 ? -3.251  -8.536  -3.046  1.00 30.17 ? 42   CYS A N     1 
ATOM   321  C CA    . CYS A 1 42 ? -3.977  -7.603  -2.201  1.00 30.36 ? 42   CYS A CA    1 
ATOM   322  C C     . CYS A 1 42 ? -3.120  -7.343  -1.001  1.00 30.94 ? 42   CYS A C     1 
ATOM   323  O O     . CYS A 1 42 ? -2.771  -8.271  -0.277  1.00 29.30 ? 42   CYS A O     1 
ATOM   324  C CB    . CYS A 1 42 ? -5.320  -8.169  -1.723  1.00 30.16 ? 42   CYS A CB    1 
ATOM   325  S SG    . CYS A 1 42 ? -6.401  -6.884  -1.003  1.00 28.23 ? 42   CYS A SG    1 
ATOM   326  N N     . PRO A 1 43 ? -2.769  -6.066  -0.773  1.00 32.94 ? 43   PRO A N     1 
ATOM   327  C CA    . PRO A 1 43 ? -1.931  -5.719  0.374   1.00 33.39 ? 43   PRO A CA    1 
ATOM   328  C C     . PRO A 1 43 ? -2.562  -6.171  1.687   1.00 34.38 ? 43   PRO A C     1 
ATOM   329  O O     . PRO A 1 43 ? -3.785  -6.269  1.810   1.00 36.20 ? 43   PRO A O     1 
ATOM   330  C CB    . PRO A 1 43 ? -1.824  -4.198  0.273   1.00 33.53 ? 43   PRO A CB    1 
ATOM   331  C CG    . PRO A 1 43 ? -1.989  -3.935  -1.207  1.00 30.58 ? 43   PRO A CG    1 
ATOM   332  C CD    . PRO A 1 43 ? -3.099  -4.877  -1.573  1.00 31.91 ? 43   PRO A CD    1 
ATOM   333  N N     . LYS A 1 44 ? -1.706  -6.451  2.659   1.00 36.06 ? 44   LYS A N     1 
ATOM   334  C CA    . LYS A 1 44 ? -2.121  -6.886  3.991   1.00 37.65 ? 44   LYS A CA    1 
ATOM   335  C C     . LYS A 1 44 ? -2.751  -5.718  4.773   1.00 36.29 ? 44   LYS A C     1 
ATOM   336  O O     . LYS A 1 44 ? -2.122  -4.676  4.970   1.00 36.24 ? 44   LYS A O     1 
ATOM   337  C CB    . LYS A 1 44 ? -0.882  -7.430  4.729   1.00 39.21 ? 44   LYS A CB    1 
ATOM   338  C CG    . LYS A 1 44 ? -0.968  -7.446  6.248   1.00 41.95 ? 44   LYS A CG    1 
ATOM   339  C CD    . LYS A 1 44 ? 0.428   -7.618  6.862   1.00 43.78 ? 44   LYS A CD    1 
ATOM   340  C CE    . LYS A 1 44 ? 0.441   -7.271  8.360   1.00 45.94 ? 44   LYS A CE    1 
ATOM   341  N NZ    . LYS A 1 44 ? -0.055  -5.885  8.657   1.00 44.04 ? 44   LYS A NZ    1 
ATOM   342  N N     . SER A 1 45 ? -3.999  -5.875  5.201   1.00 35.76 ? 45   SER A N     1 
ATOM   343  C CA    . SER A 1 45 ? -4.630  -4.811  5.968   1.00 36.25 ? 45   SER A CA    1 
ATOM   344  C C     . SER A 1 45 ? -4.002  -4.795  7.357   1.00 37.19 ? 45   SER A C     1 
ATOM   345  O O     . SER A 1 45 ? -3.724  -5.844  7.942   1.00 37.16 ? 45   SER A O     1 
ATOM   346  C CB    . SER A 1 45 ? -6.143  -5.020  6.070   1.00 36.07 ? 45   SER A CB    1 
ATOM   347  O OG    . SER A 1 45 ? -6.786  -4.680  4.846   1.00 35.77 ? 45   SER A OG    1 
ATOM   348  N N     . SER A 1 46 ? -3.745  -3.602  7.872   1.00 36.82 ? 46   SER A N     1 
ATOM   349  C CA    . SER A 1 46 ? -3.150  -3.481  9.187   1.00 37.30 ? 46   SER A CA    1 
ATOM   350  C C     . SER A 1 46 ? -4.117  -2.733  10.085  1.00 37.76 ? 46   SER A C     1 
ATOM   351  O O     . SER A 1 46 ? -5.242  -2.425  9.695   1.00 36.90 ? 46   SER A O     1 
ATOM   352  C CB    . SER A 1 46 ? -1.819  -2.726  9.100   1.00 36.93 ? 46   SER A CB    1 
ATOM   353  O OG    . SER A 1 46 ? -2.021  -1.372  8.740   1.00 35.41 ? 46   SER A OG    1 
ATOM   354  N N     . LEU A 1 47 ? -3.659  -2.445  11.290  1.00 37.76 ? 47   LEU A N     1 
ATOM   355  C CA    . LEU A 1 47 ? -4.444  -1.731  12.284  1.00 38.43 ? 47   LEU A CA    1 
ATOM   356  C C     . LEU A 1 47 ? -5.023  -0.398  11.803  1.00 37.52 ? 47   LEU A C     1 
ATOM   357  O O     . LEU A 1 47 ? -6.193  -0.091  12.060  1.00 36.81 ? 47   LEU A O     1 
ATOM   358  C CB    . LEU A 1 47 ? -3.562  -1.479  13.511  1.00 39.70 ? 47   LEU A CB    1 
ATOM   359  C CG    . LEU A 1 47 ? -4.086  -0.632  14.674  1.00 41.64 ? 47   LEU A CG    1 
ATOM   360  C CD1   . LEU A 1 47 ? -5.377  -1.243  15.237  1.00 43.58 ? 47   LEU A CD1   1 
ATOM   361  C CD2   . LEU A 1 47 ? -3.007  -0.556  15.759  1.00 42.05 ? 47   LEU A CD2   1 
ATOM   362  N N     . LEU A 1 48 ? -4.200  0.390   11.108  1.00 34.93 ? 48   LEU A N     1 
ATOM   363  C CA    . LEU A 1 48 ? -4.610  1.708   10.651  1.00 33.43 ? 48   LEU A CA    1 
ATOM   364  C C     . LEU A 1 48 ? -4.975  1.826   9.174   1.00 32.50 ? 48   LEU A C     1 
ATOM   365  O O     . LEU A 1 48 ? -5.692  2.755   8.774   1.00 32.51 ? 48   LEU A O     1 
ATOM   366  C CB    . LEU A 1 48 ? -3.492  2.708   10.964  1.00 34.20 ? 48   LEU A CB    1 
ATOM   367  C CG    . LEU A 1 48 ? -3.018  2.805   12.421  1.00 33.82 ? 48   LEU A CG    1 
ATOM   368  C CD1   . LEU A 1 48 ? -1.848  3.772   12.508  1.00 35.83 ? 48   LEU A CD1   1 
ATOM   369  C CD2   . LEU A 1 48 ? -4.160  3.290   13.308  1.00 34.00 ? 48   LEU A CD2   1 
ATOM   370  N N     . VAL A 1 49 ? -4.488  0.895   8.361   1.00 31.15 ? 49   VAL A N     1 
ATOM   371  C CA    . VAL A 1 49 ? -4.745  0.953   6.932   1.00 29.02 ? 49   VAL A CA    1 
ATOM   372  C C     . VAL A 1 49 ? -5.499  -0.268  6.419   1.00 29.33 ? 49   VAL A C     1 
ATOM   373  O O     . VAL A 1 49 ? -5.083  -1.397  6.630   1.00 28.82 ? 49   VAL A O     1 
ATOM   374  C CB    . VAL A 1 49 ? -3.408  1.103   6.153   1.00 27.15 ? 49   VAL A CB    1 
ATOM   375  C CG1   . VAL A 1 49 ? -3.671  1.306   4.682   1.00 25.44 ? 49   VAL A CG1   1 
ATOM   376  C CG2   . VAL A 1 49 ? -2.599  2.282   6.716   1.00 28.08 ? 49   VAL A CG2   1 
ATOM   377  N N     . LYS A 1 50 ? -6.609  -0.043  5.731   1.00 30.74 ? 50   LYS A N     1 
ATOM   378  C CA    . LYS A 1 50 ? -7.376  -1.162  5.201   1.00 32.36 ? 50   LYS A CA    1 
ATOM   379  C C     . LYS A 1 50 ? -7.378  -1.139  3.679   1.00 32.01 ? 50   LYS A C     1 
ATOM   380  O O     . LYS A 1 50 ? -7.325  -0.086  3.055   1.00 31.19 ? 50   LYS A O     1 
ATOM   381  C CB    . LYS A 1 50 ? -8.820  -1.147  5.743   1.00 33.46 ? 50   LYS A CB    1 
ATOM   382  C CG    . LYS A 1 50 ? -9.687  -2.269  5.150   1.00 39.76 ? 50   LYS A CG    1 
ATOM   383  C CD    . LYS A 1 50 ? -11.195 -2.107  5.422   1.00 41.17 ? 50   LYS A CD    1 
ATOM   384  C CE    . LYS A 1 50 ? -12.001 -3.202  4.708   1.00 42.01 ? 50   LYS A CE    1 
ATOM   385  N NZ    . LYS A 1 50 ? -13.481 -2.972  4.771   1.00 43.18 ? 50   LYS A NZ    1 
ATOM   386  N N     . TYR A 1 51 ? -7.424  -2.319  3.083   1.00 32.23 ? 51   TYR A N     1 
ATOM   387  C CA    . TYR A 1 51 ? -7.426  -2.438  1.639   1.00 32.05 ? 51   TYR A CA    1 
ATOM   388  C C     . TYR A 1 51 ? -8.624  -3.254  1.204   1.00 31.71 ? 51   TYR A C     1 
ATOM   389  O O     . TYR A 1 51 ? -8.952  -4.271  1.823   1.00 32.45 ? 51   TYR A O     1 
ATOM   390  C CB    . TYR A 1 51 ? -6.170  -3.162  1.154   1.00 31.98 ? 51   TYR A CB    1 
ATOM   391  C CG    . TYR A 1 51 ? -4.877  -2.439  1.400   1.00 33.74 ? 51   TYR A CG    1 
ATOM   392  C CD1   . TYR A 1 51 ? -4.276  -1.685  0.386   1.00 34.00 ? 51   TYR A CD1   1 
ATOM   393  C CD2   . TYR A 1 51 ? -4.264  -2.478  2.657   1.00 33.58 ? 51   TYR A CD2   1 
ATOM   394  C CE1   . TYR A 1 51 ? -3.102  -0.981  0.618   1.00 33.16 ? 51   TYR A CE1   1 
ATOM   395  C CE2   . TYR A 1 51 ? -3.094  -1.787  2.902   1.00 34.47 ? 51   TYR A CE2   1 
ATOM   396  C CZ    . TYR A 1 51 ? -2.524  -1.041  1.881   1.00 34.35 ? 51   TYR A CZ    1 
ATOM   397  O OH    . TYR A 1 51 ? -1.396  -0.323  2.128   1.00 35.26 ? 51   TYR A OH    1 
ATOM   398  N N     . VAL A 1 52 ? -9.298  -2.801  0.158   1.00 30.88 ? 52   VAL A N     1 
ATOM   399  C CA    . VAL A 1 52 ? -10.407 -3.574  -0.382  1.00 29.68 ? 52   VAL A CA    1 
ATOM   400  C C     . VAL A 1 52 ? -9.985  -3.928  -1.803  1.00 27.60 ? 52   VAL A C     1 
ATOM   401  O O     . VAL A 1 52 ? -9.726  -3.042  -2.610  1.00 26.36 ? 52   VAL A O     1 
ATOM   402  C CB    . VAL A 1 52 ? -11.724 -2.778  -0.429  1.00 29.93 ? 52   VAL A CB    1 
ATOM   403  C CG1   . VAL A 1 52 ? -12.787 -3.592  -1.148  1.00 32.25 ? 52   VAL A CG1   1 
ATOM   404  C CG2   . VAL A 1 52 ? -12.208 -2.472  0.981   1.00 31.48 ? 52   VAL A CG2   1 
ATOM   405  N N     . CYS A 1 53 ? -9.894  -5.222  -2.095  1.00 27.29 ? 53   CYS A N     1 
ATOM   406  C CA    . CYS A 1 53 ? -9.511  -5.678  -3.423  1.00 26.81 ? 53   CYS A CA    1 
ATOM   407  C C     . CYS A 1 53 ? -10.654 -6.427  -4.115  1.00 26.54 ? 53   CYS A C     1 
ATOM   408  O O     . CYS A 1 53 ? -11.490 -7.047  -3.470  1.00 25.49 ? 53   CYS A O     1 
ATOM   409  C CB    . CYS A 1 53 ? -8.280  -6.579  -3.337  1.00 25.83 ? 53   CYS A CB    1 
ATOM   410  S SG    . CYS A 1 53 ? -6.821  -5.744  -2.636  1.00 28.14 ? 53   CYS A SG    1 
ATOM   411  N N     . CYS A 1 54 ? -10.669 -6.379  -5.441  1.00 26.03 ? 54   CYS A N     1 
ATOM   412  C CA    . CYS A 1 54 ? -11.712 -7.036  -6.209  1.00 26.98 ? 54   CYS A CA    1 
ATOM   413  C C     . CYS A 1 54 ? -11.157 -7.328  -7.598  1.00 26.24 ? 54   CYS A C     1 
ATOM   414  O O     . CYS A 1 54 ? -10.105 -6.804  -7.961  1.00 25.19 ? 54   CYS A O     1 
ATOM   415  C CB    . CYS A 1 54 ? -12.941 -6.131  -6.276  1.00 27.16 ? 54   CYS A CB    1 
ATOM   416  S SG    . CYS A 1 54 ? -12.550 -4.423  -6.747  1.00 30.07 ? 54   CYS A SG    1 
ATOM   417  N N     . ASN A 1 55 ? -11.847 -8.169  -8.367  1.00 25.90 ? 55   ASN A N     1 
ATOM   418  C CA    . ASN A 1 55 ? -11.316 -8.532  -9.672  1.00 26.32 ? 55   ASN A CA    1 
ATOM   419  C C     . ASN A 1 55 ? -12.215 -8.454  -10.884 1.00 26.65 ? 55   ASN A C     1 
ATOM   420  O O     . ASN A 1 55 ? -12.143 -9.311  -11.755 1.00 28.46 ? 55   ASN A O     1 
ATOM   421  C CB    . ASN A 1 55 ? -10.706 -9.932  -9.615  1.00 27.37 ? 55   ASN A CB    1 
ATOM   422  C CG    . ASN A 1 55 ? -11.679 -10.964 -9.114  1.00 28.44 ? 55   ASN A CG    1 
ATOM   423  O OD1   . ASN A 1 55 ? -12.899 -10.773 -9.181  1.00 30.09 ? 55   ASN A OD1   1 
ATOM   424  N ND2   . ASN A 1 55 ? -11.159 -12.082 -8.630  1.00 27.87 ? 55   ASN A ND2   1 
ATOM   425  N N     . THR A 1 56 ? -13.061 -7.441  -10.939 1.00 28.01 ? 56   THR A N     1 
ATOM   426  C CA    . THR A 1 56 ? -13.911 -7.229  -12.098 1.00 29.99 ? 56   THR A CA    1 
ATOM   427  C C     . THR A 1 56 ? -13.750 -5.755  -12.453 1.00 30.60 ? 56   THR A C     1 
ATOM   428  O O     . THR A 1 56 ? -13.406 -4.949  -11.595 1.00 31.03 ? 56   THR A O     1 
ATOM   429  C CB    . THR A 1 56 ? -15.400 -7.548  -11.810 1.00 29.50 ? 56   THR A CB    1 
ATOM   430  O OG1   . THR A 1 56 ? -15.884 -6.708  -10.757 1.00 30.95 ? 56   THR A OG1   1 
ATOM   431  C CG2   . THR A 1 56 ? -15.562 -8.989  -11.419 1.00 27.12 ? 56   THR A CG2   1 
ATOM   432  N N     . ASP A 1 57 ? -13.998 -5.413  -13.716 1.00 33.17 ? 57   ASP A N     1 
ATOM   433  C CA    . ASP A 1 57 ? -13.848 -4.041  -14.203 1.00 34.20 ? 57   ASP A CA    1 
ATOM   434  C C     . ASP A 1 57 ? -14.375 -2.902  -13.362 1.00 33.74 ? 57   ASP A C     1 
ATOM   435  O O     . ASP A 1 57 ? -15.548 -2.863  -13.017 1.00 34.23 ? 57   ASP A O     1 
ATOM   436  C CB    . ASP A 1 57 ? -14.453 -3.905  -15.597 1.00 36.24 ? 57   ASP A CB    1 
ATOM   437  C CG    . ASP A 1 57 ? -13.644 -4.619  -16.655 1.00 36.33 ? 57   ASP A CG    1 
ATOM   438  O OD1   . ASP A 1 57 ? -12.491 -5.029  -16.369 1.00 35.96 ? 57   ASP A OD1   1 
ATOM   439  O OD2   . ASP A 1 57 ? -14.170 -4.752  -17.780 1.00 38.98 ? 57   ASP A OD2   1 
ATOM   440  N N     . ARG A 1 58 ? -13.489 -1.952  -13.063 1.00 34.00 ? 58   ARG A N     1 
ATOM   441  C CA    . ARG A 1 58 ? -13.841 -0.767  -12.295 1.00 32.22 ? 58   ARG A CA    1 
ATOM   442  C C     . ARG A 1 58 ? -14.653 -1.094  -11.060 1.00 32.37 ? 58   ARG A C     1 
ATOM   443  O O     . ARG A 1 58 ? -15.620 -0.401  -10.741 1.00 33.25 ? 58   ARG A O     1 
ATOM   444  C CB    . ARG A 1 58 ? -14.653 0.194   -13.155 1.00 34.48 ? 58   ARG A CB    1 
ATOM   445  C CG    . ARG A 1 58 ? -14.070 0.454   -14.527 1.00 33.84 ? 58   ARG A CG    1 
ATOM   446  C CD    . ARG A 1 58 ? -14.866 1.537   -15.231 1.00 35.76 ? 58   ARG A CD    1 
ATOM   447  N NE    . ARG A 1 58 ? -14.881 2.783   -14.468 1.00 36.70 ? 58   ARG A NE    1 
ATOM   448  C CZ    . ARG A 1 58 ? -15.399 3.924   -14.909 1.00 38.21 ? 58   ARG A CZ    1 
ATOM   449  N NH1   . ARG A 1 58 ? -15.950 3.985   -16.114 1.00 40.13 ? 58   ARG A NH1   1 
ATOM   450  N NH2   . ARG A 1 58 ? -15.356 5.010   -14.152 1.00 39.86 ? 58   ARG A NH2   1 
ATOM   451  N N     . CYS A 1 59 ? -14.249 -2.148  -10.368 1.00 31.32 ? 59   CYS A N     1 
ATOM   452  C CA    . CYS A 1 59 ? -14.914 -2.588  -9.159  1.00 30.39 ? 59   CYS A CA    1 
ATOM   453  C C     . CYS A 1 59 ? -14.490 -1.800  -7.914  1.00 29.60 ? 59   CYS A C     1 
ATOM   454  O O     . CYS A 1 59 ? -15.225 -1.741  -6.942  1.00 29.31 ? 59   CYS A O     1 
ATOM   455  C CB    . CYS A 1 59 ? -14.620 -4.075  -8.939  1.00 29.09 ? 59   CYS A CB    1 
ATOM   456  S SG    . CYS A 1 59 ? -12.848 -4.470  -8.746  1.00 28.26 ? 59   CYS A SG    1 
ATOM   457  N N     . ASN A 1 60 ? -13.311 -1.187  -7.958  1.00 30.21 ? 60   ASN A N     1 
ATOM   458  C CA    . ASN A 1 60 ? -12.766 -0.444  -6.814  1.00 31.06 ? 60   ASN A CA    1 
ATOM   459  C C     . ASN A 1 60 ? -13.245 1.008   -6.735  1.00 31.68 ? 60   ASN A C     1 
ATOM   460  O O     . ASN A 1 60 ? -13.510 1.514   -5.634  1.00 32.91 ? 60   ASN A O     1 
ATOM   461  C CB    . ASN A 1 60 ? -11.239 -0.481  -6.882  1.00 28.48 ? 60   ASN A CB    1 
ATOM   462  C CG    . ASN A 1 60 ? -10.712 0.175   -8.136  1.00 29.43 ? 60   ASN A CG    1 
ATOM   463  O OD1   . ASN A 1 60 ? -11.314 0.059   -9.194  1.00 27.98 ? 60   ASN A OD1   1 
ATOM   464  N ND2   . ASN A 1 60 ? -9.583  0.859   -8.027  1.00 29.09 ? 60   ASN A ND2   1 
ATOM   465  O OXT   . ASN A 1 60 ? -13.332 1.644   -7.786  1.00 34.55 ? 60   ASN A OXT   1 
ATOM   466  N N     . LEU B 1 1  ? 16.475  -10.182 5.226   1.00 28.85 ? 1    LEU B N     1 
ATOM   467  C CA    . LEU B 1 1  ? 16.262  -8.746  5.553   1.00 28.76 ? 1    LEU B CA    1 
ATOM   468  C C     . LEU B 1 1  ? 15.326  -8.590  6.738   1.00 27.26 ? 1    LEU B C     1 
ATOM   469  O O     . LEU B 1 1  ? 14.312  -9.268  6.822   1.00 28.49 ? 1    LEU B O     1 
ATOM   470  C CB    . LEU B 1 1  ? 15.652  -8.013  4.344   1.00 26.66 ? 1    LEU B CB    1 
ATOM   471  C CG    . LEU B 1 1  ? 15.431  -6.506  4.515   1.00 26.91 ? 1    LEU B CG    1 
ATOM   472  C CD1   . LEU B 1 1  ? 16.789  -5.800  4.547   1.00 23.97 ? 1    LEU B CD1   1 
ATOM   473  C CD2   . LEU B 1 1  ? 14.578  -5.961  3.364   1.00 23.74 ? 1    LEU B CD2   1 
ATOM   474  N N     . LYS B 1 2  ? 15.669  -7.677  7.647   1.00 29.65 ? 2    LYS B N     1 
ATOM   475  C CA    . LYS B 1 2  ? 14.823  -7.396  8.804   1.00 28.78 ? 2    LYS B CA    1 
ATOM   476  C C     . LYS B 1 2  ? 14.231  -6.011  8.602   1.00 27.91 ? 2    LYS B C     1 
ATOM   477  O O     . LYS B 1 2  ? 14.933  -5.074  8.199   1.00 26.97 ? 2    LYS B O     1 
ATOM   478  C CB    . LYS B 1 2  ? 15.626  -7.410  10.106  1.00 30.38 ? 2    LYS B CB    1 
ATOM   479  C CG    . LYS B 1 2  ? 16.436  -8.680  10.315  1.00 34.43 ? 2    LYS B CG    1 
ATOM   480  C CD    . LYS B 1 2  ? 16.880  -8.861  11.768  1.00 36.94 ? 2    LYS B CD    1 
ATOM   481  C CE    . LYS B 1 2  ? 18.004  -7.910  12.172  1.00 39.23 ? 2    LYS B CE    1 
ATOM   482  N NZ    . LYS B 1 2  ? 18.284  -7.950  13.645  1.00 41.75 ? 2    LYS B NZ    1 
ATOM   483  N N     . CYS B 1 3  ? 12.933  -5.884  8.862   1.00 26.85 ? 3    CYS B N     1 
ATOM   484  C CA    . CYS B 1 3  ? 12.264  -4.600  8.721   1.00 26.17 ? 3    CYS B CA    1 
ATOM   485  C C     . CYS B 1 3  ? 11.511  -4.248  9.989   1.00 25.55 ? 3    CYS B C     1 
ATOM   486  O O     . CYS B 1 3  ? 10.997  -5.146  10.676  1.00 25.54 ? 3    CYS B O     1 
ATOM   487  C CB    . CYS B 1 3  ? 11.302  -4.627  7.539   1.00 23.28 ? 3    CYS B CB    1 
ATOM   488  S SG    . CYS B 1 3  ? 12.115  -4.861  5.921   1.00 25.82 ? 3    CYS B SG    1 
ATOM   489  N N     . ASN B 1 4  ? 11.464  -2.953  10.309  1.00 24.72 ? 4    ASN B N     1 
ATOM   490  C CA    . ASN B 1 4  ? 10.748  -2.497  11.483  1.00 25.20 ? 4    ASN B CA    1 
ATOM   491  C C     . ASN B 1 4  ? 9.258   -2.596  11.270  1.00 25.90 ? 4    ASN B C     1 
ATOM   492  O O     . ASN B 1 4  ? 8.766   -2.514  10.139  1.00 26.16 ? 4    ASN B O     1 
ATOM   493  C CB    . ASN B 1 4  ? 11.094  -1.032  11.831  1.00 25.03 ? 4    ASN B CB    1 
ATOM   494  C CG    . ASN B 1 4  ? 12.488  -0.888  12.405  1.00 24.75 ? 4    ASN B CG    1 
ATOM   495  O OD1   . ASN B 1 4  ? 12.903  -1.705  13.209  1.00 22.58 ? 4    ASN B OD1   1 
ATOM   496  N ND2   . ASN B 1 4  ? 13.213  0.155   11.998  1.00 25.81 ? 4    ASN B ND2   1 
ATOM   497  N N     . LYS B 1 5  ? 8.544   -2.753  12.381  1.00 28.49 ? 5    LYS B N     1 
ATOM   498  C CA    . LYS B 1 5  ? 7.095   -2.833  12.380  1.00 28.86 ? 5    LYS B CA    1 
ATOM   499  C C     . LYS B 1 5  ? 6.590   -1.448  12.773  1.00 29.97 ? 5    LYS B C     1 
ATOM   500  O O     . LYS B 1 5  ? 7.391   -0.582  13.145  1.00 28.60 ? 5    LYS B O     1 
ATOM   501  C CB    . LYS B 1 5  ? 6.653   -3.898  13.383  1.00 30.55 ? 5    LYS B CB    1 
ATOM   502  C CG    . LYS B 1 5  ? 7.264   -5.256  13.087  1.00 31.43 ? 5    LYS B CG    1 
ATOM   503  C CD    . LYS B 1 5  ? 6.956   -6.284  14.161  1.00 32.82 ? 5    LYS B CD    1 
ATOM   504  C CE    . LYS B 1 5  ? 5.552   -6.832  14.058  1.00 35.01 ? 5    LYS B CE    1 
ATOM   505  N NZ    . LYS B 1 5  ? 5.344   -7.921  15.076  1.00 38.40 ? 5    LYS B NZ    1 
ATOM   506  N N     . LEU B 1 6  ? 5.273   -1.238  12.678  1.00 31.72 ? 6    LEU B N     1 
ATOM   507  C CA    . LEU B 1 6  ? 4.651   0.055   13.000  1.00 32.37 ? 6    LEU B CA    1 
ATOM   508  C C     . LEU B 1 6  ? 5.329   0.751   14.194  1.00 32.10 ? 6    LEU B C     1 
ATOM   509  O O     . LEU B 1 6  ? 5.693   1.923   14.102  1.00 32.11 ? 6    LEU B O     1 
ATOM   510  C CB    . LEU B 1 6  ? 3.137   -0.136  13.256  1.00 31.26 ? 6    LEU B CB    1 
ATOM   511  C CG    . LEU B 1 6  ? 2.313   1.138   13.467  1.00 33.43 ? 6    LEU B CG    1 
ATOM   512  C CD1   . LEU B 1 6  ? 2.401   2.017   12.227  1.00 31.37 ? 6    LEU B CD1   1 
ATOM   513  C CD2   . LEU B 1 6  ? 0.864   0.788   13.742  1.00 32.58 ? 6    LEU B CD2   1 
ATOM   514  N N     . VAL B 1 7  ? 5.480   0.045   15.310  1.00 33.39 ? 7    VAL B N     1 
ATOM   515  C CA    . VAL B 1 7  ? 6.170   0.611   16.468  1.00 34.17 ? 7    VAL B CA    1 
ATOM   516  C C     . VAL B 1 7  ? 7.555   0.042   16.227  1.00 33.48 ? 7    VAL B C     1 
ATOM   517  O O     . VAL B 1 7  ? 7.826   -1.114  16.538  1.00 32.79 ? 7    VAL B O     1 
ATOM   518  C CB    . VAL B 1 7  ? 5.592   0.103   17.811  1.00 35.60 ? 7    VAL B CB    1 
ATOM   519  C CG1   . VAL B 1 7  ? 6.381   0.698   18.977  1.00 35.29 ? 7    VAL B CG1   1 
ATOM   520  C CG2   . VAL B 1 7  ? 4.098   0.490   17.918  1.00 36.82 ? 7    VAL B CG2   1 
ATOM   521  N N     . PRO B 1 8  ? 8.451   0.861   15.651  1.00 33.66 ? 8    PRO B N     1 
ATOM   522  C CA    . PRO B 1 8  ? 9.824   0.483   15.313  1.00 34.17 ? 8    PRO B CA    1 
ATOM   523  C C     . PRO B 1 8  ? 10.733  -0.053  16.410  1.00 34.92 ? 8    PRO B C     1 
ATOM   524  O O     . PRO B 1 8  ? 11.941  -0.176  16.214  1.00 34.17 ? 8    PRO B O     1 
ATOM   525  C CB    . PRO B 1 8  ? 10.356  1.742   14.641  1.00 32.89 ? 8    PRO B CB    1 
ATOM   526  C CG    . PRO B 1 8  ? 9.684   2.819   15.430  1.00 33.83 ? 8    PRO B CG    1 
ATOM   527  C CD    . PRO B 1 8  ? 8.272   2.322   15.587  1.00 32.67 ? 8    PRO B CD    1 
ATOM   528  N N     . LEU B 1 9  ? 10.154  -0.366  17.563  1.00 36.69 ? 9    LEU B N     1 
ATOM   529  C CA    . LEU B 1 9  ? 10.901  -0.951  18.677  1.00 37.23 ? 9    LEU B CA    1 
ATOM   530  C C     . LEU B 1 9  ? 10.902  -2.449  18.368  1.00 36.65 ? 9    LEU B C     1 
ATOM   531  O O     . LEU B 1 9  ? 11.714  -3.216  18.885  1.00 38.09 ? 9    LEU B O     1 
ATOM   532  C CB    . LEU B 1 9  ? 10.166  -0.680  19.993  1.00 39.69 ? 9    LEU B CB    1 
ATOM   533  C CG    . LEU B 1 9  ? 10.786  -1.096  21.325  1.00 42.95 ? 9    LEU B CG    1 
ATOM   534  C CD1   . LEU B 1 9  ? 12.084  -0.344  21.555  1.00 42.35 ? 9    LEU B CD1   1 
ATOM   535  C CD2   . LEU B 1 9  ? 9.796   -0.804  22.450  1.00 44.19 ? 9    LEU B CD2   1 
ATOM   536  N N     . PHE B 1 10 ? 9.975   -2.852  17.503  1.00 36.35 ? 10   PHE B N     1 
ATOM   537  C CA    . PHE B 1 10 ? 9.852   -4.240  17.089  1.00 35.17 ? 10   PHE B CA    1 
ATOM   538  C C     . PHE B 1 10 ? 10.141  -4.398  15.595  1.00 35.86 ? 10   PHE B C     1 
ATOM   539  O O     . PHE B 1 10 ? 10.012  -3.455  14.809  1.00 33.16 ? 10   PHE B O     1 
ATOM   540  C CB    . PHE B 1 10 ? 8.447   -4.758  17.384  1.00 36.33 ? 10   PHE B CB    1 
ATOM   541  C CG    . PHE B 1 10 ? 8.028   -4.563  18.799  1.00 35.63 ? 10   PHE B CG    1 
ATOM   542  C CD1   . PHE B 1 10 ? 7.257   -3.468  19.159  1.00 37.40 ? 10   PHE B CD1   1 
ATOM   543  C CD2   . PHE B 1 10 ? 8.423   -5.461  19.778  1.00 37.80 ? 10   PHE B CD2   1 
ATOM   544  C CE1   . PHE B 1 10 ? 6.883   -3.268  20.469  1.00 37.60 ? 10   PHE B CE1   1 
ATOM   545  C CE2   . PHE B 1 10 ? 8.056   -5.273  21.093  1.00 38.61 ? 10   PHE B CE2   1 
ATOM   546  C CZ    . PHE B 1 10 ? 7.283   -4.172  21.440  1.00 37.93 ? 10   PHE B CZ    1 
ATOM   547  N N     . TYR B 1 11 ? 10.528  -5.604  15.208  1.00 35.55 ? 11   TYR B N     1 
ATOM   548  C CA    . TYR B 1 11 ? 10.833  -5.875  13.816  1.00 36.29 ? 11   TYR B CA    1 
ATOM   549  C C     . TYR B 1 11 ? 10.598  -7.335  13.511  1.00 36.21 ? 11   TYR B C     1 
ATOM   550  O O     . TYR B 1 11 ? 10.286  -8.115  14.405  1.00 36.88 ? 11   TYR B O     1 
ATOM   551  C CB    . TYR B 1 11 ? 12.279  -5.500  13.522  1.00 36.50 ? 11   TYR B CB    1 
ATOM   552  C CG    . TYR B 1 11 ? 13.260  -6.074  14.513  1.00 40.50 ? 11   TYR B CG    1 
ATOM   553  C CD1   . TYR B 1 11 ? 13.893  -7.300  14.274  1.00 41.11 ? 11   TYR B CD1   1 
ATOM   554  C CD2   . TYR B 1 11 ? 13.580  -5.372  15.678  1.00 39.98 ? 11   TYR B CD2   1 
ATOM   555  C CE1   . TYR B 1 11 ? 14.826  -7.803  15.167  1.00 42.96 ? 11   TYR B CE1   1 
ATOM   556  C CE2   . TYR B 1 11 ? 14.503  -5.861  16.572  1.00 43.92 ? 11   TYR B CE2   1 
ATOM   557  C CZ    . TYR B 1 11 ? 15.126  -7.070  16.310  1.00 44.47 ? 11   TYR B CZ    1 
ATOM   558  O OH    . TYR B 1 11 ? 16.070  -7.519  17.194  1.00 47.62 ? 11   TYR B OH    1 
ATOM   559  N N     . LYS B 1 12 ? 10.724  -7.692  12.237  1.00 35.26 ? 12   LYS B N     1 
ATOM   560  C CA    . LYS B 1 12 ? 10.534  -9.062  11.803  1.00 34.99 ? 12   LYS B CA    1 
ATOM   561  C C     . LYS B 1 12 ? 11.411  -9.343  10.597  1.00 35.12 ? 12   LYS B C     1 
ATOM   562  O O     . LYS B 1 12 ? 11.911  -8.415  9.946   1.00 32.82 ? 12   LYS B O     1 
ATOM   563  C CB    . LYS B 1 12 ? 9.076   -9.315  11.418  1.00 36.67 ? 12   LYS B CB    1 
ATOM   564  C CG    . LYS B 1 12 ? 8.546   -8.455  10.270  1.00 39.74 ? 12   LYS B CG    1 
ATOM   565  C CD    . LYS B 1 12 ? 7.312   -9.124  9.651   1.00 44.00 ? 12   LYS B CD    1 
ATOM   566  C CE    . LYS B 1 12 ? 6.759   -8.377  8.444   1.00 44.36 ? 12   LYS B CE    1 
ATOM   567  N NZ    . LYS B 1 12 ? 5.965   -7.182  8.834   1.00 47.45 ? 12   LYS B NZ    1 
ATOM   568  N N     . THR B 1 13 ? 11.594  -10.630 10.315  1.00 33.92 ? 13   THR B N     1 
ATOM   569  C CA    . THR B 1 13 ? 12.368  -11.072 9.169   1.00 32.36 ? 13   THR B CA    1 
ATOM   570  C C     . THR B 1 13 ? 11.385  -11.214 8.022   1.00 32.16 ? 13   THR B C     1 
ATOM   571  O O     . THR B 1 13 ? 10.336  -11.825 8.177   1.00 30.81 ? 13   THR B O     1 
ATOM   572  C CB    . THR B 1 13 ? 12.995  -12.433 9.410   1.00 32.59 ? 13   THR B CB    1 
ATOM   573  O OG1   . THR B 1 13 ? 13.816  -12.377 10.581  1.00 32.36 ? 13   THR B OG1   1 
ATOM   574  C CG2   . THR B 1 13 ? 13.828  -12.845 8.208   1.00 29.86 ? 13   THR B CG2   1 
ATOM   575  N N     . CYS B 1 14 ? 11.734  -10.645 6.872   1.00 30.79 ? 14   CYS B N     1 
ATOM   576  C CA    . CYS B 1 14 ? 10.883  -10.679 5.694   1.00 29.79 ? 14   CYS B CA    1 
ATOM   577  C C     . CYS B 1 14 ? 10.725  -12.074 5.076   1.00 31.36 ? 14   CYS B C     1 
ATOM   578  O O     . CYS B 1 14 ? 11.659  -12.889 5.100   1.00 32.25 ? 14   CYS B O     1 
ATOM   579  C CB    . CYS B 1 14 ? 11.458  -9.725  4.634   1.00 29.14 ? 14   CYS B CB    1 
ATOM   580  S SG    . CYS B 1 14 ? 11.559  -7.969  5.129   1.00 27.71 ? 14   CYS B SG    1 
ATOM   581  N N     . PRO B 1 15 ? 9.531   -12.385 4.535   1.00 31.66 ? 15   PRO B N     1 
ATOM   582  C CA    . PRO B 1 15 ? 9.342   -13.701 3.918   1.00 31.21 ? 15   PRO B CA    1 
ATOM   583  C C     . PRO B 1 15 ? 10.054  -13.692 2.571   1.00 32.24 ? 15   PRO B C     1 
ATOM   584  O O     . PRO B 1 15 ? 10.477  -12.623 2.105   1.00 29.87 ? 15   PRO B O     1 
ATOM   585  C CB    . PRO B 1 15 ? 7.821   -13.808 3.776   1.00 30.52 ? 15   PRO B CB    1 
ATOM   586  C CG    . PRO B 1 15 ? 7.405   -12.419 3.581   1.00 29.72 ? 15   PRO B CG    1 
ATOM   587  C CD    . PRO B 1 15 ? 8.255   -11.647 4.578   1.00 30.88 ? 15   PRO B CD    1 
ATOM   588  N N     . ALA B 1 16 ? 10.188  -14.864 1.946   1.00 31.50 ? 16   ALA B N     1 
ATOM   589  C CA    . ALA B 1 16 ? 10.869  -14.964 0.652   1.00 32.32 ? 16   ALA B CA    1 
ATOM   590  C C     . ALA B 1 16 ? 10.271  -14.039 -0.409  1.00 32.43 ? 16   ALA B C     1 
ATOM   591  O O     . ALA B 1 16 ? 9.052   -13.931 -0.537  1.00 31.41 ? 16   ALA B O     1 
ATOM   592  C CB    . ALA B 1 16 ? 10.828  -16.408 0.144   1.00 31.69 ? 16   ALA B CB    1 
ATOM   593  N N     . GLY B 1 17 ? 11.139  -13.367 -1.161  1.00 31.26 ? 17   GLY B N     1 
ATOM   594  C CA    . GLY B 1 17 ? 10.673  -12.493 -2.222  1.00 30.82 ? 17   GLY B CA    1 
ATOM   595  C C     . GLY B 1 17 ? 10.492  -11.028 -1.872  1.00 29.50 ? 17   GLY B C     1 
ATOM   596  O O     . GLY B 1 17 ? 10.369  -10.196 -2.766  1.00 31.53 ? 17   GLY B O     1 
ATOM   597  N N     . LYS B 1 18 ? 10.445  -10.708 -0.585  1.00 28.68 ? 18   LYS B N     1 
ATOM   598  C CA    . LYS B 1 18 ? 10.288  -9.317  -0.143  1.00 28.08 ? 18   LYS B CA    1 
ATOM   599  C C     . LYS B 1 18 ? 11.628  -8.813  0.371   1.00 27.52 ? 18   LYS B C     1 
ATOM   600  O O     . LYS B 1 18 ? 11.961  -8.996  1.534   1.00 28.57 ? 18   LYS B O     1 
ATOM   601  C CB    . LYS B 1 18 ? 9.225   -9.233  0.951   1.00 26.68 ? 18   LYS B CB    1 
ATOM   602  C CG    . LYS B 1 18 ? 7.861   -9.745  0.477   1.00 27.36 ? 18   LYS B CG    1 
ATOM   603  C CD    . LYS B 1 18 ? 6.764   -9.451  1.480   1.00 24.83 ? 18   LYS B CD    1 
ATOM   604  C CE    . LYS B 1 18 ? 5.436   -9.959  0.971   1.00 28.82 ? 18   LYS B CE    1 
ATOM   605  N NZ    . LYS B 1 18 ? 4.330   -9.639  1.912   1.00 33.76 ? 18   LYS B NZ    1 
ATOM   606  N N     . ASN B 1 19 ? 12.392  -8.171  -0.504  1.00 26.87 ? 19   ASN B N     1 
ATOM   607  C CA    . ASN B 1 19 ? 13.724  -7.709  -0.150  1.00 26.30 ? 19   ASN B CA    1 
ATOM   608  C C     . ASN B 1 19 ? 13.855  -6.199  0.037   1.00 26.81 ? 19   ASN B C     1 
ATOM   609  O O     . ASN B 1 19 ? 14.929  -5.631  -0.115  1.00 27.47 ? 19   ASN B O     1 
ATOM   610  C CB    . ASN B 1 19 ? 14.701  -8.205  -1.223  1.00 26.37 ? 19   ASN B CB    1 
ATOM   611  C CG    . ASN B 1 19 ? 14.543  -9.703  -1.499  1.00 28.15 ? 19   ASN B CG    1 
ATOM   612  O OD1   . ASN B 1 19 ? 14.497  -10.506 -0.569  1.00 29.58 ? 19   ASN B OD1   1 
ATOM   613  N ND2   . ASN B 1 19 ? 14.451  -10.080 -2.774  1.00 27.98 ? 19   ASN B ND2   1 
ATOM   614  N N     . LEU B 1 20 ? 12.753  -5.551  0.397   1.00 25.83 ? 20   LEU B N     1 
ATOM   615  C CA    . LEU B 1 20 ? 12.752  -4.111  0.586   1.00 26.01 ? 20   LEU B CA    1 
ATOM   616  C C     . LEU B 1 20 ? 11.943  -3.850  1.826   1.00 25.44 ? 20   LEU B C     1 
ATOM   617  O O     . LEU B 1 20 ? 11.001  -4.592  2.116   1.00 26.26 ? 20   LEU B O     1 
ATOM   618  C CB    . LEU B 1 20 ? 12.039  -3.437  -0.595  1.00 26.77 ? 20   LEU B CB    1 
ATOM   619  C CG    . LEU B 1 20 ? 12.672  -2.529  -1.654  1.00 28.14 ? 20   LEU B CG    1 
ATOM   620  C CD1   . LEU B 1 20 ? 14.037  -3.003  -2.054  1.00 25.42 ? 20   LEU B CD1   1 
ATOM   621  C CD2   . LEU B 1 20 ? 11.722  -2.455  -2.840  1.00 23.50 ? 20   LEU B CD2   1 
ATOM   622  N N     . CYS B 1 21 ? 12.312  -2.811  2.572   1.00 24.95 ? 21   CYS B N     1 
ATOM   623  C CA    . CYS B 1 21 ? 11.538  -2.411  3.747   1.00 24.03 ? 21   CYS B CA    1 
ATOM   624  C C     . CYS B 1 21 ? 10.803  -1.155  3.267   1.00 22.79 ? 21   CYS B C     1 
ATOM   625  O O     . CYS B 1 21 ? 11.200  -0.536  2.286   1.00 21.53 ? 21   CYS B O     1 
ATOM   626  C CB    . CYS B 1 21 ? 12.430  -2.012  4.939   1.00 24.32 ? 21   CYS B CB    1 
ATOM   627  S SG    . CYS B 1 21 ? 13.430  -3.338  5.698   1.00 23.32 ? 21   CYS B SG    1 
ATOM   628  N N     . TYR B 1 22 ? 9.727   -0.789  3.934   1.00 23.26 ? 22   TYR B N     1 
ATOM   629  C CA    . TYR B 1 22 ? 8.998   0.417   3.564   1.00 24.66 ? 22   TYR B CA    1 
ATOM   630  C C     . TYR B 1 22 ? 8.299   0.974   4.782   1.00 25.05 ? 22   TYR B C     1 
ATOM   631  O O     . TYR B 1 22 ? 8.176   0.293   5.809   1.00 24.58 ? 22   TYR B O     1 
ATOM   632  C CB    . TYR B 1 22 ? 7.939   0.119   2.495   1.00 24.85 ? 22   TYR B CB    1 
ATOM   633  C CG    . TYR B 1 22 ? 6.666   -0.478  3.048   1.00 27.92 ? 22   TYR B CG    1 
ATOM   634  C CD1   . TYR B 1 22 ? 5.635   0.344   3.545   1.00 27.94 ? 22   TYR B CD1   1 
ATOM   635  C CD2   . TYR B 1 22 ? 6.504   -1.872  3.113   1.00 26.41 ? 22   TYR B CD2   1 
ATOM   636  C CE1   . TYR B 1 22 ? 4.471   -0.222  4.093   1.00 28.56 ? 22   TYR B CE1   1 
ATOM   637  C CE2   . TYR B 1 22 ? 5.367   -2.439  3.644   1.00 25.93 ? 22   TYR B CE2   1 
ATOM   638  C CZ    . TYR B 1 22 ? 4.354   -1.618  4.131   1.00 29.82 ? 22   TYR B CZ    1 
ATOM   639  O OH    . TYR B 1 22 ? 3.223   -2.219  4.641   1.00 28.79 ? 22   TYR B OH    1 
ATOM   640  N N     . LYS B 1 23 ? 7.885   2.232   4.659   1.00 26.23 ? 23   LYS B N     1 
ATOM   641  C CA    . LYS B 1 23 ? 7.078   2.916   5.654   1.00 27.12 ? 23   LYS B CA    1 
ATOM   642  C C     . LYS B 1 23 ? 6.139   3.760   4.797   1.00 27.78 ? 23   LYS B C     1 
ATOM   643  O O     . LYS B 1 23 ? 6.518   4.255   3.727   1.00 26.42 ? 23   LYS B O     1 
ATOM   644  C CB    . LYS B 1 23 ? 7.898   3.778   6.626   1.00 27.63 ? 23   LYS B CB    1 
ATOM   645  C CG    . LYS B 1 23 ? 8.761   4.860   6.038   1.00 32.73 ? 23   LYS B CG    1 
ATOM   646  C CD    . LYS B 1 23 ? 9.512   5.550   7.178   1.00 33.43 ? 23   LYS B CD    1 
ATOM   647  C CE    . LYS B 1 23 ? 10.763  6.267   6.706   1.00 33.63 ? 23   LYS B CE    1 
ATOM   648  N NZ    . LYS B 1 23 ? 11.523  6.826   7.873   1.00 37.09 ? 23   LYS B NZ    1 
ATOM   649  N N     . MET B 1 24 ? 4.897   3.880   5.247   1.00 29.25 ? 24   MET B N     1 
ATOM   650  C CA    . MET B 1 24 ? 3.896   4.622   4.514   1.00 28.57 ? 24   MET B CA    1 
ATOM   651  C C     . MET B 1 24 ? 3.382   5.816   5.301   1.00 29.52 ? 24   MET B C     1 
ATOM   652  O O     . MET B 1 24 ? 3.022   5.684   6.469   1.00 31.52 ? 24   MET B O     1 
ATOM   653  C CB    . MET B 1 24 ? 2.738   3.690   4.186   1.00 28.13 ? 24   MET B CB    1 
ATOM   654  C CG    . MET B 1 24 ? 1.622   4.355   3.408   1.00 32.04 ? 24   MET B CG    1 
ATOM   655  S SD    . MET B 1 24 ? 0.036   3.602   3.794   1.00 36.07 ? 24   MET B SD    1 
ATOM   656  C CE    . MET B 1 24 ? 0.246   2.014   2.985   1.00 33.65 ? 24   MET B CE    1 
ATOM   657  N N     . PHE B 1 25 ? 3.361   6.984   4.665   1.00 30.87 ? 25   PHE B N     1 
ATOM   658  C CA    . PHE B 1 25 ? 2.849   8.202   5.302   1.00 31.68 ? 25   PHE B CA    1 
ATOM   659  C C     . PHE B 1 25 ? 1.626   8.639   4.517   1.00 31.70 ? 25   PHE B C     1 
ATOM   660  O O     . PHE B 1 25 ? 1.614   8.548   3.290   1.00 31.12 ? 25   PHE B O     1 
ATOM   661  C CB    . PHE B 1 25 ? 3.831   9.388   5.227   1.00 31.92 ? 25   PHE B CB    1 
ATOM   662  C CG    . PHE B 1 25 ? 5.121   9.180   5.947   1.00 32.71 ? 25   PHE B CG    1 
ATOM   663  C CD1   . PHE B 1 25 ? 6.171   8.512   5.334   1.00 31.97 ? 25   PHE B CD1   1 
ATOM   664  C CD2   . PHE B 1 25 ? 5.300   9.691   7.229   1.00 32.64 ? 25   PHE B CD2   1 
ATOM   665  C CE1   . PHE B 1 25 ? 7.380   8.357   5.981   1.00 33.76 ? 25   PHE B CE1   1 
ATOM   666  C CE2   . PHE B 1 25 ? 6.504   9.540   7.886   1.00 33.16 ? 25   PHE B CE2   1 
ATOM   667  C CZ    . PHE B 1 25 ? 7.552   8.870   7.259   1.00 32.36 ? 25   PHE B CZ    1 
ATOM   668  N N     . MET B 1 26 ? 0.604   9.115   5.221   1.00 32.73 ? 26   MET B N     1 
ATOM   669  C CA    . MET B 1 26 ? -0.602  9.650   4.570   1.00 32.66 ? 26   MET B CA    1 
ATOM   670  C C     . MET B 1 26 ? -0.547  11.145  4.884   1.00 32.04 ? 26   MET B C     1 
ATOM   671  O O     . MET B 1 26 ? -0.223  11.511  6.008   1.00 30.56 ? 26   MET B O     1 
ATOM   672  C CB    . MET B 1 26 ? -1.865  9.004   5.154   1.00 33.81 ? 26   MET B CB    1 
ATOM   673  C CG    . MET B 1 26 ? -2.205  7.662   4.510   1.00 34.08 ? 26   MET B CG    1 
ATOM   674  S SD    . MET B 1 26 ? -3.707  6.946   5.172   1.00 39.49 ? 26   MET B SD    1 
ATOM   675  C CE    . MET B 1 26 ? -3.674  5.302   4.513   1.00 35.63 ? 26   MET B CE    1 
ATOM   676  N N     . VAL B 1 27 ? -0.840  12.006  3.910   1.00 33.06 ? 27   VAL B N     1 
ATOM   677  C CA    . VAL B 1 27 ? -0.752  13.447  4.145   1.00 36.07 ? 27   VAL B CA    1 
ATOM   678  C C     . VAL B 1 27 ? -1.587  14.003  5.300   1.00 37.60 ? 27   VAL B C     1 
ATOM   679  O O     . VAL B 1 27 ? -1.180  14.963  5.961   1.00 37.24 ? 27   VAL B O     1 
ATOM   680  C CB    . VAL B 1 27 ? -1.080  14.268  2.881   1.00 35.83 ? 27   VAL B CB    1 
ATOM   681  C CG1   . VAL B 1 27 ? -0.087  13.939  1.800   1.00 37.91 ? 27   VAL B CG1   1 
ATOM   682  C CG2   . VAL B 1 27 ? -2.496  14.007  2.429   1.00 36.92 ? 27   VAL B CG2   1 
ATOM   683  N N     . ALA B 1 28 ? -2.736  13.397  5.563   1.00 39.28 ? 28   ALA B N     1 
ATOM   684  C CA    . ALA B 1 28 ? -3.599  13.867  6.645   1.00 42.23 ? 28   ALA B CA    1 
ATOM   685  C C     . ALA B 1 28 ? -3.003  13.661  8.044   1.00 44.23 ? 28   ALA B C     1 
ATOM   686  O O     . ALA B 1 28 ? -3.366  14.362  8.993   1.00 44.26 ? 28   ALA B O     1 
ATOM   687  C CB    . ALA B 1 28 ? -4.937  13.176  6.549   1.00 41.69 ? 28   ALA B CB    1 
ATOM   688  N N     . THR B 1 29 ? -2.086  12.703  8.146   1.00 46.77 ? 29   THR B N     1 
ATOM   689  C CA    . THR B 1 29 ? -1.418  12.324  9.391   1.00 49.62 ? 29   THR B CA    1 
ATOM   690  C C     . THR B 1 29 ? 0.008   12.894  9.495   1.00 52.36 ? 29   THR B C     1 
ATOM   691  O O     . THR B 1 29 ? 0.859   12.649  8.637   1.00 52.27 ? 29   THR B O     1 
ATOM   692  C CB    . THR B 1 29 ? -1.367  10.786  9.503   1.00 49.38 ? 29   THR B CB    1 
ATOM   693  O OG1   . THR B 1 29 ? -2.696  10.266  9.357   1.00 48.63 ? 29   THR B OG1   1 
ATOM   694  C CG2   . THR B 1 29 ? -0.804  10.351  10.842  1.00 49.24 ? 29   THR B CG2   1 
ATOM   695  N N     . PRO B 1 30 ? 0.298   13.596  10.606  1.00 54.83 ? 30   PRO B N     1 
ATOM   696  C CA    . PRO B 1 30 ? 1.561   14.256  10.952  1.00 56.38 ? 30   PRO B CA    1 
ATOM   697  C C     . PRO B 1 30 ? 2.907   13.786  10.391  1.00 56.64 ? 30   PRO B C     1 
ATOM   698  O O     . PRO B 1 30 ? 3.216   13.974  9.210   1.00 58.70 ? 30   PRO B O     1 
ATOM   699  C CB    . PRO B 1 30 ? 1.549   14.249  12.489  1.00 56.49 ? 30   PRO B CB    1 
ATOM   700  C CG    . PRO B 1 30 ? 0.612   13.137  12.845  1.00 56.38 ? 30   PRO B CG    1 
ATOM   701  C CD    . PRO B 1 30 ? -0.473  13.317  11.832  1.00 56.08 ? 30   PRO B CD    1 
ATOM   702  N N     . LYS B 1 31 ? 3.714   13.192  11.255  1.00 55.41 ? 31   LYS B N     1 
ATOM   703  C CA    . LYS B 1 31 ? 5.052   12.764  10.881  1.00 53.70 ? 31   LYS B CA    1 
ATOM   704  C C     . LYS B 1 31 ? 5.292   11.320  11.233  1.00 50.66 ? 31   LYS B C     1 
ATOM   705  O O     . LYS B 1 31 ? 6.435   10.877  11.260  1.00 51.52 ? 31   LYS B O     1 
ATOM   706  C CB    . LYS B 1 31 ? 6.073   13.611  11.638  1.00 56.68 ? 31   LYS B CB    1 
ATOM   707  C CG    . LYS B 1 31 ? 5.905   13.504  13.166  1.00 59.21 ? 31   LYS B CG    1 
ATOM   708  C CD    . LYS B 1 31 ? 6.718   14.543  13.935  1.00 62.33 ? 31   LYS B CD    1 
ATOM   709  C CE    . LYS B 1 31 ? 6.465   14.435  15.439  1.00 63.80 ? 31   LYS B CE    1 
ATOM   710  N NZ    . LYS B 1 31 ? 5.013   14.539  15.782  1.00 65.95 ? 31   LYS B NZ    1 
ATOM   711  N N     . VAL B 1 32 ? 4.228   10.592  11.524  1.00 46.38 ? 32   VAL B N     1 
ATOM   712  C CA    . VAL B 1 32 ? 4.380   9.203   11.886  1.00 43.80 ? 32   VAL B CA    1 
ATOM   713  C C     . VAL B 1 32 ? 3.817   8.316   10.806  1.00 40.81 ? 32   VAL B C     1 
ATOM   714  O O     . VAL B 1 32 ? 2.760   8.600   10.250  1.00 39.92 ? 32   VAL B O     1 
ATOM   715  C CB    . VAL B 1 32 ? 3.663   8.880   13.214  1.00 44.05 ? 32   VAL B CB    1 
ATOM   716  C CG1   . VAL B 1 32 ? 4.408   9.519   14.378  1.00 44.97 ? 32   VAL B CG1   1 
ATOM   717  C CG2   . VAL B 1 32 ? 2.231   9.378   13.158  1.00 45.47 ? 32   VAL B CG2   1 
ATOM   718  N N     . PRO B 1 33 ? 4.538   7.237   10.473  1.00 38.29 ? 33   PRO B N     1 
ATOM   719  C CA    . PRO B 1 33 ? 4.049   6.329   9.443   1.00 35.43 ? 33   PRO B CA    1 
ATOM   720  C C     . PRO B 1 33 ? 2.802   5.656   9.974   1.00 34.32 ? 33   PRO B C     1 
ATOM   721  O O     . PRO B 1 33 ? 2.672   5.453   11.186  1.00 34.09 ? 33   PRO B O     1 
ATOM   722  C CB    . PRO B 1 33 ? 5.197   5.330   9.285   1.00 34.17 ? 33   PRO B CB    1 
ATOM   723  C CG    . PRO B 1 33 ? 6.405   6.122   9.684   1.00 36.10 ? 33   PRO B CG    1 
ATOM   724  C CD    . PRO B 1 33 ? 5.907   6.881   10.887  1.00 36.65 ? 33   PRO B CD    1 
ATOM   725  N N     . VAL B 1 34 ? 1.875   5.332   9.079   1.00 32.52 ? 34   VAL B N     1 
ATOM   726  C CA    . VAL B 1 34 ? 0.666   4.647   9.495   1.00 31.54 ? 34   VAL B CA    1 
ATOM   727  C C     . VAL B 1 34 ? 0.815   3.170   9.170   1.00 31.14 ? 34   VAL B C     1 
ATOM   728  O O     . VAL B 1 34 ? -0.070  2.364   9.469   1.00 30.81 ? 34   VAL B O     1 
ATOM   729  C CB    . VAL B 1 34 ? -0.589  5.203   8.767   1.00 31.54 ? 34   VAL B CB    1 
ATOM   730  C CG1   . VAL B 1 34 ? -0.914  6.585   9.298   1.00 32.38 ? 34   VAL B CG1   1 
ATOM   731  C CG2   . VAL B 1 34 ? -0.357  5.242   7.261   1.00 29.46 ? 34   VAL B CG2   1 
ATOM   732  N N     . LYS B 1 35 ? 1.959   2.823   8.573   1.00 30.92 ? 35   LYS B N     1 
ATOM   733  C CA    . LYS B 1 35 ? 2.233   1.442   8.171   1.00 30.89 ? 35   LYS B CA    1 
ATOM   734  C C     . LYS B 1 35 ? 3.726   1.234   7.897   1.00 30.35 ? 35   LYS B C     1 
ATOM   735  O O     . LYS B 1 35 ? 4.380   2.119   7.338   1.00 27.14 ? 35   LYS B O     1 
ATOM   736  C CB    . LYS B 1 35 ? 1.444   1.126   6.899   1.00 30.67 ? 35   LYS B CB    1 
ATOM   737  C CG    . LYS B 1 35 ? 1.169   -0.330  6.658   1.00 31.10 ? 35   LYS B CG    1 
ATOM   738  C CD    . LYS B 1 35 ? 0.376   -0.467  5.365   1.00 33.70 ? 35   LYS B CD    1 
ATOM   739  C CE    . LYS B 1 35 ? -0.315  -1.801  5.239   1.00 33.72 ? 35   LYS B CE    1 
ATOM   740  N NZ    . LYS B 1 35 ? 0.625   -2.929  5.204   1.00 33.14 ? 35   LYS B NZ    1 
ATOM   741  N N     . ARG B 1 36 ? 4.245   0.063   8.294   1.00 29.75 ? 36   ARG B N     1 
ATOM   742  C CA    . ARG B 1 36 ? 5.652   -0.304  8.091   1.00 28.35 ? 36   ARG B CA    1 
ATOM   743  C C     . ARG B 1 36 ? 5.740   -1.810  7.953   1.00 28.40 ? 36   ARG B C     1 
ATOM   744  O O     . ARG B 1 36 ? 5.036   -2.538  8.647   1.00 29.28 ? 36   ARG B O     1 
ATOM   745  C CB    . ARG B 1 36 ? 6.539   0.075   9.281   1.00 27.65 ? 36   ARG B CB    1 
ATOM   746  C CG    . ARG B 1 36 ? 6.571   1.511   9.681   1.00 29.35 ? 36   ARG B CG    1 
ATOM   747  C CD    . ARG B 1 36 ? 7.714   1.731   10.683  1.00 31.56 ? 36   ARG B CD    1 
ATOM   748  N NE    . ARG B 1 36 ? 7.388   2.749   11.678  1.00 35.31 ? 36   ARG B NE    1 
ATOM   749  C CZ    . ARG B 1 36 ? 8.102   3.849   11.898  1.00 36.15 ? 36   ARG B CZ    1 
ATOM   750  N NH1   . ARG B 1 36 ? 9.193   4.088   11.184  1.00 36.70 ? 36   ARG B NH1   1 
ATOM   751  N NH2   . ARG B 1 36 ? 7.726   4.706   12.841  1.00 35.75 ? 36   ARG B NH2   1 
ATOM   752  N N     . GLY B 1 37 ? 6.625   -2.282  7.080   1.00 27.46 ? 37   GLY B N     1 
ATOM   753  C CA    . GLY B 1 37 ? 6.777   -3.714  6.899   1.00 25.94 ? 37   GLY B CA    1 
ATOM   754  C C     . GLY B 1 37 ? 7.733   -4.080  5.781   1.00 26.12 ? 37   GLY B C     1 
ATOM   755  O O     . GLY B 1 37 ? 8.625   -3.299  5.422   1.00 26.36 ? 37   GLY B O     1 
ATOM   756  N N     . CYS B 1 38 ? 7.548   -5.281  5.236   1.00 25.01 ? 38   CYS B N     1 
ATOM   757  C CA    . CYS B 1 38 ? 8.366   -5.781  4.152   1.00 26.24 ? 38   CYS B CA    1 
ATOM   758  C C     . CYS B 1 38 ? 7.527   -5.696  2.897   1.00 26.19 ? 38   CYS B C     1 
ATOM   759  O O     . CYS B 1 38 ? 6.309   -5.681  2.987   1.00 25.71 ? 38   CYS B O     1 
ATOM   760  C CB    . CYS B 1 38 ? 8.734   -7.243  4.383   1.00 25.28 ? 38   CYS B CB    1 
ATOM   761  S SG    . CYS B 1 38 ? 9.701   -7.619  5.872   1.00 28.18 ? 38   CYS B SG    1 
ATOM   762  N N     . ILE B 1 39 ? 8.183   -5.659  1.739   1.00 26.69 ? 39   ILE B N     1 
ATOM   763  C CA    . ILE B 1 39 ? 7.496   -5.585  0.454   1.00 26.28 ? 39   ILE B CA    1 
ATOM   764  C C     . ILE B 1 39 ? 8.449   -5.990  -0.680  1.00 26.96 ? 39   ILE B C     1 
ATOM   765  O O     . ILE B 1 39 ? 9.664   -5.918  -0.536  1.00 25.71 ? 39   ILE B O     1 
ATOM   766  C CB    . ILE B 1 39 ? 6.954   -4.159  0.216   1.00 28.14 ? 39   ILE B CB    1 
ATOM   767  C CG1   . ILE B 1 39 ? 5.914   -4.191  -0.912  1.00 28.29 ? 39   ILE B CG1   1 
ATOM   768  C CG2   . ILE B 1 39 ? 8.113   -3.192  -0.097  1.00 25.62 ? 39   ILE B CG2   1 
ATOM   769  C CD1   . ILE B 1 39 ? 4.904   -3.048  -0.836  1.00 29.50 ? 39   ILE B CD1   1 
ATOM   770  N N     . ASP B 1 40 ? 7.898   -6.415  -1.815  1.00 26.17 ? 40   ASP B N     1 
ATOM   771  C CA    . ASP B 1 40 ? 8.741   -6.835  -2.917  1.00 27.55 ? 40   ASP B CA    1 
ATOM   772  C C     . ASP B 1 40 ? 9.108   -5.700  -3.882  1.00 28.97 ? 40   ASP B C     1 
ATOM   773  O O     . ASP B 1 40 ? 10.261  -5.566  -4.311  1.00 29.21 ? 40   ASP B O     1 
ATOM   774  C CB    . ASP B 1 40 ? 8.054   -8.003  -3.661  1.00 30.21 ? 40   ASP B CB    1 
ATOM   775  C CG    . ASP B 1 40 ? 6.699   -7.613  -4.272  1.00 33.87 ? 40   ASP B CG    1 
ATOM   776  O OD1   . ASP B 1 40 ? 5.991   -6.723  -3.720  1.00 35.60 ? 40   ASP B OD1   1 
ATOM   777  O OD2   . ASP B 1 40 ? 6.335   -8.211  -5.306  1.00 35.52 ? 40   ASP B OD2   1 
ATOM   778  N N     . VAL B 1 41 ? 8.120   -4.877  -4.205  1.00 29.37 ? 41   VAL B N     1 
ATOM   779  C CA    . VAL B 1 41 ? 8.304   -3.764  -5.127  1.00 29.86 ? 41   VAL B CA    1 
ATOM   780  C C     . VAL B 1 41 ? 7.857   -2.509  -4.408  1.00 28.61 ? 41   VAL B C     1 
ATOM   781  O O     . VAL B 1 41 ? 6.812   -2.502  -3.741  1.00 29.00 ? 41   VAL B O     1 
ATOM   782  C CB    . VAL B 1 41 ? 7.432   -3.947  -6.404  1.00 30.37 ? 41   VAL B CB    1 
ATOM   783  C CG1   . VAL B 1 41 ? 7.673   -2.808  -7.392  1.00 31.19 ? 41   VAL B CG1   1 
ATOM   784  C CG2   . VAL B 1 41 ? 7.744   -5.292  -7.043  1.00 32.29 ? 41   VAL B CG2   1 
ATOM   785  N N     . CYS B 1 42 ? 8.650   -1.448  -4.517  1.00 25.79 ? 42   CYS B N     1 
ATOM   786  C CA    . CYS B 1 42 ? 8.265   -0.215  -3.856  1.00 25.45 ? 42   CYS B CA    1 
ATOM   787  C C     . CYS B 1 42 ? 6.973   0.284   -4.479  1.00 25.22 ? 42   CYS B C     1 
ATOM   788  O O     . CYS B 1 42 ? 6.901   0.445   -5.686  1.00 23.30 ? 42   CYS B O     1 
ATOM   789  C CB    . CYS B 1 42 ? 9.322   0.859   -4.021  1.00 24.16 ? 42   CYS B CB    1 
ATOM   790  S SG    . CYS B 1 42 ? 9.006   2.280   -2.908  1.00 27.30 ? 42   CYS B SG    1 
ATOM   791  N N     . PRO B 1 43 ? 5.941   0.541   -3.656  1.00 25.00 ? 43   PRO B N     1 
ATOM   792  C CA    . PRO B 1 43 ? 4.681   1.019   -4.224  1.00 26.88 ? 43   PRO B CA    1 
ATOM   793  C C     . PRO B 1 43 ? 4.843   2.434   -4.766  1.00 27.72 ? 43   PRO B C     1 
ATOM   794  O O     . PRO B 1 43 ? 5.862   3.069   -4.544  1.00 29.94 ? 43   PRO B O     1 
ATOM   795  C CB    . PRO B 1 43 ? 3.719   0.961   -3.035  1.00 27.60 ? 43   PRO B CB    1 
ATOM   796  C CG    . PRO B 1 43 ? 4.334   -0.103  -2.128  1.00 25.93 ? 43   PRO B CG    1 
ATOM   797  C CD    . PRO B 1 43 ? 5.799   0.242   -2.220  1.00 24.21 ? 43   PRO B CD    1 
ATOM   798  N N     . LYS B 1 44 ? 3.846   2.923   -5.489  1.00 29.06 ? 44   LYS B N     1 
ATOM   799  C CA    . LYS B 1 44 ? 3.931   4.282   -6.015  1.00 29.53 ? 44   LYS B CA    1 
ATOM   800  C C     . LYS B 1 44 ? 3.397   5.320   -5.024  1.00 28.80 ? 44   LYS B C     1 
ATOM   801  O O     . LYS B 1 44 ? 2.392   5.090   -4.356  1.00 29.15 ? 44   LYS B O     1 
ATOM   802  C CB    . LYS B 1 44 ? 3.129   4.407   -7.304  1.00 29.84 ? 44   LYS B CB    1 
ATOM   803  C CG    . LYS B 1 44 ? 3.345   3.280   -8.295  1.00 32.86 ? 44   LYS B CG    1 
ATOM   804  C CD    . LYS B 1 44 ? 2.687   3.590   -9.630  1.00 35.82 ? 44   LYS B CD    1 
ATOM   805  C CE    . LYS B 1 44 ? 2.516   2.334   -10.464 1.00 39.47 ? 44   LYS B CE    1 
ATOM   806  N NZ    . LYS B 1 44 ? 3.761   1.515   -10.491 1.00 42.54 ? 44   LYS B NZ    1 
ATOM   807  N N     . SER B 1 45 ? 4.067   6.464   -4.927  1.00 28.16 ? 45   SER B N     1 
ATOM   808  C CA    . SER B 1 45 ? 3.583   7.528   -4.054  1.00 28.97 ? 45   SER B CA    1 
ATOM   809  C C     . SER B 1 45 ? 2.582   8.352   -4.875  1.00 29.56 ? 45   SER B C     1 
ATOM   810  O O     . SER B 1 45 ? 2.779   8.583   -6.066  1.00 28.11 ? 45   SER B O     1 
ATOM   811  C CB    . SER B 1 45 ? 4.738   8.402   -3.571  1.00 29.18 ? 45   SER B CB    1 
ATOM   812  O OG    . SER B 1 45 ? 5.532   7.686   -2.642  1.00 30.68 ? 45   SER B OG    1 
ATOM   813  N N     . SER B 1 46 ? 1.504   8.785   -4.235  1.00 31.71 ? 46   SER B N     1 
ATOM   814  C CA    . SER B 1 46 ? 0.463   9.544   -4.917  1.00 32.06 ? 46   SER B CA    1 
ATOM   815  C C     . SER B 1 46 ? 0.257   10.891  -4.227  1.00 32.10 ? 46   SER B C     1 
ATOM   816  O O     . SER B 1 46 ? 1.134   11.376  -3.507  1.00 30.48 ? 46   SER B O     1 
ATOM   817  C CB    . SER B 1 46 ? -0.840  8.726   -4.910  1.00 34.28 ? 46   SER B CB    1 
ATOM   818  O OG    . SER B 1 46 ? -1.893  9.399   -5.599  1.00 37.74 ? 46   SER B OG    1 
ATOM   819  N N     . LEU B 1 47 ? -0.900  11.498  -4.442  1.00 32.96 ? 47   LEU B N     1 
ATOM   820  C CA    . LEU B 1 47 ? -1.191  12.793  -3.837  1.00 31.84 ? 47   LEU B CA    1 
ATOM   821  C C     . LEU B 1 47 ? -1.380  12.684  -2.322  1.00 31.33 ? 47   LEU B C     1 
ATOM   822  O O     . LEU B 1 47 ? -0.864  13.493  -1.547  1.00 30.38 ? 47   LEU B O     1 
ATOM   823  C CB    . LEU B 1 47 ? -2.465  13.376  -4.462  1.00 32.04 ? 47   LEU B CB    1 
ATOM   824  C CG    . LEU B 1 47 ? -2.634  14.893  -4.576  1.00 33.28 ? 47   LEU B CG    1 
ATOM   825  C CD1   . LEU B 1 47 ? -4.067  15.211  -4.969  1.00 32.64 ? 47   LEU B CD1   1 
ATOM   826  C CD2   . LEU B 1 47 ? -2.298  15.549  -3.263  1.00 35.04 ? 47   LEU B CD2   1 
ATOM   827  N N     . LEU B 1 48 ? -2.119  11.666  -1.899  1.00 30.50 ? 48   LEU B N     1 
ATOM   828  C CA    . LEU B 1 48 ? -2.431  11.513  -0.479  1.00 30.80 ? 48   LEU B CA    1 
ATOM   829  C C     . LEU B 1 48 ? -1.608  10.503  0.286   1.00 29.38 ? 48   LEU B C     1 
ATOM   830  O O     . LEU B 1 48 ? -1.671  10.472  1.513   1.00 27.62 ? 48   LEU B O     1 
ATOM   831  C CB    . LEU B 1 48 ? -3.915  11.160  -0.320  1.00 31.62 ? 48   LEU B CB    1 
ATOM   832  C CG    . LEU B 1 48 ? -5.029  12.199  -0.541  1.00 32.79 ? 48   LEU B CG    1 
ATOM   833  C CD1   . LEU B 1 48 ? -4.486  13.451  -1.167  1.00 34.00 ? 48   LEU B CD1   1 
ATOM   834  C CD2   . LEU B 1 48 ? -6.137  11.580  -1.384  1.00 32.57 ? 48   LEU B CD2   1 
ATOM   835  N N     . VAL B 1 49 ? -0.836  9.685   -0.423  1.00 28.46 ? 49   VAL B N     1 
ATOM   836  C CA    . VAL B 1 49 ? -0.033  8.660   0.228   1.00 29.88 ? 49   VAL B CA    1 
ATOM   837  C C     . VAL B 1 49 ? 1.406   8.623   -0.275  1.00 30.44 ? 49   VAL B C     1 
ATOM   838  O O     . VAL B 1 49 ? 1.647   8.611   -1.479  1.00 32.27 ? 49   VAL B O     1 
ATOM   839  C CB    . VAL B 1 49 ? -0.646  7.272   0.020   1.00 29.70 ? 49   VAL B CB    1 
ATOM   840  C CG1   . VAL B 1 49 ? 0.132   6.240   0.816   1.00 29.37 ? 49   VAL B CG1   1 
ATOM   841  C CG2   . VAL B 1 49 ? -2.131  7.291   0.411   1.00 30.97 ? 49   VAL B CG2   1 
ATOM   842  N N     . LYS B 1 50 ? 2.345   8.579   0.664   1.00 30.69 ? 50   LYS B N     1 
ATOM   843  C CA    . LYS B 1 50 ? 3.774   8.544   0.364   1.00 30.51 ? 50   LYS B CA    1 
ATOM   844  C C     . LYS B 1 50 ? 4.446   7.296   0.936   1.00 28.93 ? 50   LYS B C     1 
ATOM   845  O O     . LYS B 1 50 ? 4.143   6.863   2.051   1.00 25.96 ? 50   LYS B O     1 
ATOM   846  C CB    . LYS B 1 50 ? 4.482   9.787   0.936   1.00 33.00 ? 50   LYS B CB    1 
ATOM   847  C CG    . LYS B 1 50 ? 4.219   11.082  0.172   1.00 34.99 ? 50   LYS B CG    1 
ATOM   848  C CD    . LYS B 1 50 ? 2.940   11.736  0.623   1.00 38.92 ? 50   LYS B CD    1 
ATOM   849  C CE    . LYS B 1 50 ? 2.662   13.026  -0.136  1.00 40.27 ? 50   LYS B CE    1 
ATOM   850  N NZ    . LYS B 1 50 ? 2.390   12.787  -1.578  1.00 40.80 ? 50   LYS B NZ    1 
ATOM   851  N N     . TYR B 1 51 ? 5.354   6.716   0.155   1.00 27.73 ? 51   TYR B N     1 
ATOM   852  C CA    . TYR B 1 51 ? 6.088   5.541   0.588   1.00 27.36 ? 51   TYR B CA    1 
ATOM   853  C C     . TYR B 1 51 ? 7.562   5.849   0.543   1.00 28.99 ? 51   TYR B C     1 
ATOM   854  O O     . TYR B 1 51 ? 8.017   6.593   -0.314  1.00 30.81 ? 51   TYR B O     1 
ATOM   855  C CB    . TYR B 1 51 ? 5.853   4.354   -0.345  1.00 27.11 ? 51   TYR B CB    1 
ATOM   856  C CG    . TYR B 1 51 ? 4.457   3.809   -0.348  1.00 27.74 ? 51   TYR B CG    1 
ATOM   857  C CD1   . TYR B 1 51 ? 4.091   2.760   0.508   1.00 28.01 ? 51   TYR B CD1   1 
ATOM   858  C CD2   . TYR B 1 51 ? 3.496   4.330   -1.231  1.00 28.04 ? 51   TYR B CD2   1 
ATOM   859  C CE1   . TYR B 1 51 ? 2.792   2.229   0.478   1.00 28.17 ? 51   TYR B CE1   1 
ATOM   860  C CE2   . TYR B 1 51 ? 2.209   3.821   -1.273  1.00 29.30 ? 51   TYR B CE2   1 
ATOM   861  C CZ    . TYR B 1 51 ? 1.870   2.779   -0.420  1.00 26.82 ? 51   TYR B CZ    1 
ATOM   862  O OH    . TYR B 1 51 ? 0.606   2.318   -0.474  1.00 30.12 ? 51   TYR B OH    1 
ATOM   863  N N     . VAL B 1 52 ? 8.298   5.317   1.511   1.00 29.51 ? 52   VAL B N     1 
ATOM   864  C CA    . VAL B 1 52 ? 9.735   5.454   1.504   1.00 27.73 ? 52   VAL B CA    1 
ATOM   865  C C     . VAL B 1 52 ? 10.182  4.013   1.503   1.00 24.69 ? 52   VAL B C     1 
ATOM   866  O O     . VAL B 1 52 ? 9.763   3.227   2.355   1.00 27.06 ? 52   VAL B O     1 
ATOM   867  C CB    . VAL B 1 52 ? 10.292  6.171   2.756   1.00 30.35 ? 52   VAL B CB    1 
ATOM   868  C CG1   . VAL B 1 52 ? 11.836  6.249   2.672   1.00 29.06 ? 52   VAL B CG1   1 
ATOM   869  C CG2   . VAL B 1 52 ? 9.722   7.578   2.832   1.00 31.23 ? 52   VAL B CG2   1 
ATOM   870  N N     . CYS B 1 53 ? 10.988  3.634   0.517   1.00 23.18 ? 53   CYS B N     1 
ATOM   871  C CA    . CYS B 1 53 ? 11.469  2.270   0.482   1.00 23.50 ? 53   CYS B CA    1 
ATOM   872  C C     . CYS B 1 53 ? 12.975  2.254   0.646   1.00 24.00 ? 53   CYS B C     1 
ATOM   873  O O     . CYS B 1 53 ? 13.672  3.140   0.149   1.00 24.93 ? 53   CYS B O     1 
ATOM   874  C CB    . CYS B 1 53 ? 11.066  1.586   -0.828  1.00 23.44 ? 53   CYS B CB    1 
ATOM   875  S SG    . CYS B 1 53 ? 9.264   1.466   -1.068  1.00 27.40 ? 53   CYS B SG    1 
ATOM   876  N N     . CYS B 1 54 ? 13.480  1.256   1.372   1.00 23.56 ? 54   CYS B N     1 
ATOM   877  C CA    . CYS B 1 54 ? 14.919  1.130   1.579   1.00 23.99 ? 54   CYS B CA    1 
ATOM   878  C C     . CYS B 1 54 ? 15.294  -0.357  1.625   1.00 23.47 ? 54   CYS B C     1 
ATOM   879  O O     . CYS B 1 54 ? 14.440  -1.206  1.885   1.00 23.55 ? 54   CYS B O     1 
ATOM   880  C CB    . CYS B 1 54 ? 15.326  1.879   2.853   1.00 22.34 ? 54   CYS B CB    1 
ATOM   881  S SG    . CYS B 1 54 ? 14.314  1.455   4.300   1.00 25.94 ? 54   CYS B SG    1 
ATOM   882  N N     . ASN B 1 55 ? 16.562  -0.670  1.378   1.00 24.14 ? 55   ASN B N     1 
ATOM   883  C CA    . ASN B 1 55 ? 16.996  -2.064  1.313   1.00 25.63 ? 55   ASN B CA    1 
ATOM   884  C C     . ASN B 1 55 ? 17.976  -2.583  2.364   1.00 25.54 ? 55   ASN B C     1 
ATOM   885  O O     . ASN B 1 55 ? 18.672  -3.577  2.114   1.00 24.62 ? 55   ASN B O     1 
ATOM   886  C CB    . ASN B 1 55 ? 17.588  -2.344  -0.075  1.00 25.68 ? 55   ASN B CB    1 
ATOM   887  C CG    . ASN B 1 55 ? 18.814  -1.489  -0.370  1.00 27.40 ? 55   ASN B CG    1 
ATOM   888  O OD1   . ASN B 1 55 ? 19.103  -0.544  0.353   1.00 29.83 ? 55   ASN B OD1   1 
ATOM   889  N ND2   . ASN B 1 55 ? 19.546  -1.823  -1.435  1.00 30.19 ? 55   ASN B ND2   1 
ATOM   890  N N     . THR B 1 56 ? 18.057  -1.926  3.519   1.00 25.65 ? 56   THR B N     1 
ATOM   891  C CA    . THR B 1 56 ? 18.960  -2.397  4.569   1.00 26.21 ? 56   THR B CA    1 
ATOM   892  C C     . THR B 1 56 ? 18.173  -2.732  5.841   1.00 25.68 ? 56   THR B C     1 
ATOM   893  O O     . THR B 1 56 ? 17.071  -2.245  6.038   1.00 26.14 ? 56   THR B O     1 
ATOM   894  C CB    . THR B 1 56 ? 20.116  -1.381  4.867   1.00 27.23 ? 56   THR B CB    1 
ATOM   895  O OG1   . THR B 1 56 ? 19.589  -0.123  5.295   1.00 29.63 ? 56   THR B OG1   1 
ATOM   896  C CG2   . THR B 1 56 ? 20.978  -1.172  3.605   1.00 28.69 ? 56   THR B CG2   1 
ATOM   897  N N     . ASP B 1 57 ? 18.737  -3.587  6.685   1.00 25.21 ? 57   ASP B N     1 
ATOM   898  C CA    . ASP B 1 57 ? 18.072  -4.020  7.909   1.00 24.24 ? 57   ASP B CA    1 
ATOM   899  C C     . ASP B 1 57 ? 17.545  -2.881  8.766   1.00 24.17 ? 57   ASP B C     1 
ATOM   900  O O     . ASP B 1 57 ? 18.277  -1.964  9.129   1.00 21.65 ? 57   ASP B O     1 
ATOM   901  C CB    . ASP B 1 57 ? 19.014  -4.890  8.754   1.00 25.48 ? 57   ASP B CB    1 
ATOM   902  C CG    . ASP B 1 57 ? 19.403  -6.180  8.057   1.00 25.54 ? 57   ASP B CG    1 
ATOM   903  O OD1   . ASP B 1 57 ? 18.522  -7.024  7.823   1.00 29.93 ? 57   ASP B OD1   1 
ATOM   904  O OD2   . ASP B 1 57 ? 20.593  -6.359  7.734   1.00 27.89 ? 57   ASP B OD2   1 
ATOM   905  N N     . ARG B 1 58 ? 16.256  -2.951  9.074   1.00 24.45 ? 58   ARG B N     1 
ATOM   906  C CA    . ARG B 1 58 ? 15.584  -1.961  9.912   1.00 25.36 ? 58   ARG B CA    1 
ATOM   907  C C     . ARG B 1 58 ? 15.829  -0.520  9.474   1.00 25.63 ? 58   ARG B C     1 
ATOM   908  O O     . ARG B 1 58 ? 16.030  0.351   10.298  1.00 26.43 ? 58   ARG B O     1 
ATOM   909  C CB    . ARG B 1 58 ? 16.024  -2.145  11.368  1.00 25.73 ? 58   ARG B CB    1 
ATOM   910  C CG    . ARG B 1 58 ? 15.835  -3.576  11.879  1.00 27.39 ? 58   ARG B CG    1 
ATOM   911  C CD    . ARG B 1 58 ? 16.078  -3.711  13.383  1.00 30.33 ? 58   ARG B CD    1 
ATOM   912  N NE    . ARG B 1 58 ? 15.194  -2.846  14.167  1.00 32.68 ? 58   ARG B NE    1 
ATOM   913  C CZ    . ARG B 1 58 ? 15.330  -2.596  15.472  1.00 36.20 ? 58   ARG B CZ    1 
ATOM   914  N NH1   . ARG B 1 58 ? 14.473  -1.781  16.075  1.00 37.35 ? 58   ARG B NH1   1 
ATOM   915  N NH2   . ARG B 1 58 ? 16.309  -3.157  16.177  1.00 35.69 ? 58   ARG B NH2   1 
ATOM   916  N N     . CYS B 1 59 ? 15.783  -0.274  8.173   1.00 24.83 ? 59   CYS B N     1 
ATOM   917  C CA    . CYS B 1 59 ? 16.023  1.059   7.632   1.00 25.08 ? 59   CYS B CA    1 
ATOM   918  C C     . CYS B 1 59 ? 14.746  1.888   7.555   1.00 24.51 ? 59   CYS B C     1 
ATOM   919  O O     . CYS B 1 59 ? 14.793  3.099   7.316   1.00 22.82 ? 59   CYS B O     1 
ATOM   920  C CB    . CYS B 1 59 ? 16.626  0.918   6.232   1.00 24.28 ? 59   CYS B CB    1 
ATOM   921  S SG    . CYS B 1 59 ? 15.496  0.018   5.115   1.00 23.00 ? 59   CYS B SG    1 
ATOM   922  N N     . ASN B 1 60 ? 13.602  1.229   7.761   1.00 23.63 ? 60   ASN B N     1 
ATOM   923  C CA    . ASN B 1 60 ? 12.301  1.881   7.716   1.00 24.05 ? 60   ASN B CA    1 
ATOM   924  C C     . ASN B 1 60 ? 11.751  2.298   9.099   1.00 25.84 ? 60   ASN B C     1 
ATOM   925  O O     . ASN B 1 60 ? 12.470  2.237   10.116  1.00 27.30 ? 60   ASN B O     1 
ATOM   926  C CB    . ASN B 1 60 ? 11.288  0.952   7.035   1.00 22.43 ? 60   ASN B CB    1 
ATOM   927  C CG    . ASN B 1 60 ? 11.023  -0.313  7.848   1.00 25.45 ? 60   ASN B CG    1 
ATOM   928  O OD1   . ASN B 1 60 ? 11.949  -0.924  8.387   1.00 23.63 ? 60   ASN B OD1   1 
ATOM   929  N ND2   . ASN B 1 60 ? 9.767   -0.717  7.920   1.00 22.95 ? 60   ASN B ND2   1 
ATOM   930  O OXT   . ASN B 1 60 ? 10.567  2.694   9.146   1.00 27.90 ? 60   ASN B OXT   1 
HETATM 931  C C42   . SFT C 2 .  ? 3.724   -2.932  -18.533 1.00 47.43 ? 1061 SFT A C42   1 
HETATM 932  C C32   . SFT C 2 .  ? 3.536   -4.382  -18.984 1.00 48.92 ? 1061 SFT A C32   1 
HETATM 933  C C22   . SFT C 2 .  ? 4.392   -4.653  -20.222 1.00 49.30 ? 1061 SFT A C22   1 
HETATM 934  C CCA   . SFT C 2 .  ? 4.151   -6.044  -20.813 1.00 49.61 ? 1061 SFT A CCA   1 
HETATM 935  C C02   . SFT C 2 .  ? 4.910   -6.143  -22.140 1.00 50.30 ? 1061 SFT A C02   1 
HETATM 936  C C91   . SFT C 2 .  ? 4.651   -7.436  -22.921 1.00 50.72 ? 1061 SFT A C91   1 
HETATM 937  C C81   . SFT C 2 .  ? 5.334   -8.665  -22.317 1.00 51.47 ? 1061 SFT A C81   1 
HETATM 938  C C71   . SFT C 2 .  ? 4.550   -9.240  -21.135 1.00 51.55 ? 1061 SFT A C71   1 
HETATM 939  C C61   . SFT C 2 .  ? 5.244   -10.470 -20.548 1.00 51.56 ? 1061 SFT A C61   1 
HETATM 940  C C51   . SFT C 2 .  ? 6.410   -10.084 -19.636 1.00 51.86 ? 1061 SFT A C51   1 
HETATM 941  C C41   . SFT C 2 .  ? 7.106   -11.339 -19.103 1.00 52.67 ? 1061 SFT A C41   1 
HETATM 942  C C31   . SFT C 2 .  ? 8.155   -11.014 -18.036 1.00 53.10 ? 1061 SFT A C31   1 
HETATM 943  C C21   . SFT C 2 .  ? 7.536   -10.514 -16.726 1.00 54.91 ? 1061 SFT A C21   1 
HETATM 944  C CBA   . SFT C 2 .  ? 6.888   -9.133  -16.849 1.00 54.31 ? 1061 SFT A CBA   1 
HETATM 945  C C01   . SFT C 2 .  ? 6.069   -8.820  -15.595 1.00 54.70 ? 1061 SFT A C01   1 
HETATM 946  C "C9'" . SFT C 2 .  ? 5.333   -7.481  -15.700 1.00 55.80 ? 1061 SFT A "C9'" 1 
HETATM 947  C "C8'" . SFT C 2 .  ? 6.196   -6.292  -15.270 1.00 56.08 ? 1061 SFT A "C8'" 1 
HETATM 948  C "C7'" . SFT C 2 .  ? 5.484   -4.955  -15.506 1.00 56.48 ? 1061 SFT A "C7'" 1 
HETATM 949  C "C6'" . SFT C 2 .  ? 4.171   -4.823  -14.728 1.00 57.58 ? 1061 SFT A "C6'" 1 
HETATM 950  C "C5'" . SFT C 2 .  ? 4.371   -4.618  -13.223 1.00 57.59 ? 1061 SFT A "C5'" 1 
HETATM 951  C "C4'" . SFT C 2 .  ? 4.631   -3.161  -12.831 1.00 58.26 ? 1061 SFT A "C4'" 1 
HETATM 952  C "C3'" . SFT C 2 .  ? 3.473   -2.246  -13.236 1.00 58.77 ? 1061 SFT A "C3'" 1 
HETATM 953  C "C2'" . SFT C 2 .  ? 3.433   -0.964  -12.397 1.00 60.80 ? 1061 SFT A "C2'" 1 
HETATM 954  O "O2'" . SFT C 2 .  ? 4.716   -0.329  -12.377 1.00 58.50 ? 1061 SFT A "O2'" 1 
HETATM 955  C "C1'" . SFT C 2 .  ? 2.376   -0.018  -12.957 1.00 62.23 ? 1061 SFT A "C1'" 1 
HETATM 956  O "O1'" . SFT C 2 .  ? 2.669   1.129   -13.320 1.00 64.36 ? 1061 SFT A "O1'" 1 
HETATM 957  N N1    . SFT C 2 .  ? 1.147   -0.530  -13.016 1.00 63.58 ? 1061 SFT A N1    1 
HETATM 958  C C2    . SFT C 2 .  ? -0.040  0.184   -13.506 1.00 63.30 ? 1061 SFT A C2    1 
HETATM 959  C C1    . SFT C 2 .  ? -0.617  1.061   -12.390 1.00 64.94 ? 1061 SFT A C1    1 
HETATM 960  O O1    . SFT C 2 .  ? -1.283  0.247   -11.413 1.00 66.57 ? 1061 SFT A O1    1 
HETATM 961  C C1B   . SFT C 2 .  ? -1.511  0.941   -10.177 1.00 67.31 ? 1061 SFT A C1B   1 
HETATM 962  C C2B   . SFT C 2 .  ? -0.256  0.908   -9.302  1.00 67.84 ? 1061 SFT A C2B   1 
HETATM 963  O O2B   . SFT C 2 .  ? 0.107   -0.447  -9.034  1.00 67.80 ? 1061 SFT A O2B   1 
HETATM 964  O "O5'" . SFT C 2 .  ? -1.964  2.291   -10.358 1.00 69.22 ? 1061 SFT A "O5'" 1 
HETATM 965  C C5B   . SFT C 2 .  ? -2.328  2.927   -9.123  1.00 68.42 ? 1061 SFT A C5B   1 
HETATM 966  C C6B   . SFT C 2 .  ? -2.830  4.355   -9.355  1.00 67.01 ? 1061 SFT A C6B   1 
HETATM 967  O "O6'" . SFT C 2 .  ? -4.019  4.356   -10.148 1.00 64.55 ? 1061 SFT A "O6'" 1 
HETATM 968  C C4B   . SFT C 2 .  ? -1.107  3.009   -8.209  1.00 68.98 ? 1061 SFT A C4B   1 
HETATM 969  O "O4'" . SFT C 2 .  ? -0.151  3.889   -8.803  1.00 69.72 ? 1061 SFT A "O4'" 1 
HETATM 970  C C3B   . SFT C 2 .  ? -0.470  1.638   -7.975  1.00 68.70 ? 1061 SFT A C3B   1 
HETATM 971  O "O3'" . SFT C 2 .  ? 0.784   1.843   -7.314  1.00 71.18 ? 1061 SFT A "O3'" 1 
HETATM 972  S S     . SFT C 2 .  ? 1.231   0.751   -6.504  1.00 70.42 ? 1061 SFT A S     1 
HETATM 973  O O3S   . SFT C 2 .  ? 1.487   1.207   -5.171  1.00 70.54 ? 1061 SFT A O3S   1 
HETATM 974  O O1S   . SFT C 2 .  ? 0.398   -0.492  -6.597  1.00 70.62 ? 1061 SFT A O1S   1 
HETATM 975  O O2S   . SFT C 2 .  ? 2.573   0.372   -7.052  1.00 69.55 ? 1061 SFT A O2S   1 
HETATM 976  C C3    . SFT C 2 .  ? 0.216   1.012   -14.772 1.00 62.76 ? 1061 SFT A C3    1 
HETATM 977  O O2    . SFT C 2 .  ? -1.041  1.540   -15.203 1.00 63.19 ? 1061 SFT A O2    1 
HETATM 978  C C4    . SFT C 2 .  ? 0.829   0.142   -15.875 1.00 60.89 ? 1061 SFT A C4    1 
HETATM 979  C C5    . SFT C 2 .  ? 0.969   0.606   -17.181 1.00 59.40 ? 1061 SFT A C5    1 
HETATM 980  C C6    . SFT C 2 .  ? 1.534   -0.211  -18.156 1.00 59.09 ? 1061 SFT A C6    1 
HETATM 981  C C7    . SFT C 2 .  ? 1.047   0.042   -19.588 1.00 58.98 ? 1061 SFT A C7    1 
HETATM 982  C C8    . SFT C 2 .  ? 1.421   1.429   -20.123 1.00 58.03 ? 1061 SFT A C8    1 
HETATM 983  C C9    . SFT C 2 .  ? 1.854   1.424   -21.593 1.00 58.73 ? 1061 SFT A C9    1 
HETATM 984  C C10   . SFT C 2 .  ? 0.744   1.109   -22.600 1.00 58.69 ? 1061 SFT A C10   1 
HETATM 985  C C11   . SFT C 2 .  ? 1.312   1.172   -24.021 1.00 59.33 ? 1061 SFT A C11   1 
HETATM 986  C C12   . SFT C 2 .  ? 0.224   1.009   -25.085 1.00 60.48 ? 1061 SFT A C12   1 
HETATM 987  C C13   . SFT C 2 .  ? 0.745   1.176   -26.517 1.00 60.85 ? 1061 SFT A C13   1 
HETATM 988  C C14   . SFT C 2 .  ? 1.617   0.013   -26.998 1.00 61.86 ? 1061 SFT A C14   1 
HETATM 989  C C15   . SFT C 2 .  ? 3.066   0.093   -26.510 1.00 61.62 ? 1061 SFT A C15   1 
HETATM 990  C C16   . SFT C 2 .  ? 3.820   1.242   -27.188 1.00 61.50 ? 1061 SFT A C16   1 
HETATM 991  C C17   . SFT C 2 .  ? 5.290   1.303   -26.768 1.00 60.49 ? 1061 SFT A C17   1 
HETATM 992  C C18   . SFT C 2 .  ? 6.068   0.070   -27.236 1.00 60.23 ? 1061 SFT A C18   1 
HETATM 993  C C1    . C10 D 3 .  ? -10.016 7.327   -19.078 1.00 57.73 ? 1062 C10 A C1    1 
HETATM 994  C C2    . C10 D 3 .  ? -9.826  5.940   -19.696 1.00 57.54 ? 1062 C10 A C2    1 
HETATM 995  C C3    . C10 D 3 .  ? -8.338  5.656   -19.912 1.00 57.96 ? 1062 C10 A C3    1 
HETATM 996  C C4    . C10 D 3 .  ? -8.115  4.327   -20.638 1.00 58.49 ? 1062 C10 A C4    1 
HETATM 997  C C5    . C10 D 3 .  ? -6.620  4.076   -20.848 1.00 59.58 ? 1062 C10 A C5    1 
HETATM 998  C C6    . C10 D 3 .  ? -5.926  3.636   -19.557 1.00 60.25 ? 1062 C10 A C6    1 
HETATM 999  C C7    . C10 D 3 .  ? -4.464  4.088   -19.541 1.00 61.96 ? 1062 C10 A C7    1 
HETATM 1000 C C8    . C10 D 3 .  ? -4.389  5.599   -19.322 1.00 62.42 ? 1062 C10 A C8    1 
HETATM 1001 C C9    . C10 D 3 .  ? -2.972  6.135   -19.536 1.00 62.49 ? 1062 C10 A C9    1 
HETATM 1002 C C10   . C10 D 3 .  ? -2.910  7.622   -19.178 1.00 62.53 ? 1062 C10 A C10   1 
HETATM 1003 O O11   . C10 D 3 .  ? -3.800  8.426   -19.969 1.00 63.68 ? 1062 C10 A O11   1 
HETATM 1004 C C12   . C10 D 3 .  ? -3.261  8.652   -21.279 1.00 62.80 ? 1062 C10 A C12   1 
HETATM 1005 C C13   . C10 D 3 .  ? -4.001  9.811   -21.928 1.00 62.85 ? 1062 C10 A C13   1 
HETATM 1006 O O14   . C10 D 3 .  ? -3.681  11.039  -21.256 1.00 63.09 ? 1062 C10 A O14   1 
HETATM 1007 C C15   . C10 D 3 .  ? -2.500  11.625  -21.826 1.00 62.71 ? 1062 C10 A C15   1 
HETATM 1008 C C16   . C10 D 3 .  ? -1.504  11.944  -20.723 1.00 62.80 ? 1062 C10 A C16   1 
HETATM 1009 O O17   . C10 D 3 .  ? -1.069  10.724  -20.105 1.00 62.76 ? 1062 C10 A O17   1 
HETATM 1010 C C18   . C10 D 3 .  ? -0.517  11.003  -18.810 1.00 62.02 ? 1062 C10 A C18   1 
HETATM 1011 C C19   . C10 D 3 .  ? -1.559  10.762  -17.728 1.00 61.37 ? 1062 C10 A C19   1 
HETATM 1012 O O20   . C10 D 3 .  ? -1.009  11.185  -16.473 1.00 61.11 ? 1062 C10 A O20   1 
HETATM 1013 C C21   . C10 D 3 .  ? -1.836  10.805  -15.362 1.00 60.22 ? 1062 C10 A C21   1 
HETATM 1014 C C22   . C10 D 3 .  ? -2.762  11.944  -14.962 1.00 59.86 ? 1062 C10 A C22   1 
HETATM 1015 O O23   . C10 D 3 .  ? -4.011  11.873  -15.665 1.00 58.85 ? 1062 C10 A O23   1 
HETATM 1016 C C24   . C10 D 3 .  ? -4.996  11.247  -14.829 1.00 59.13 ? 1062 C10 A C24   1 
HETATM 1017 C C25   . C10 D 3 .  ? -5.576  12.248  -13.839 1.00 59.68 ? 1062 C10 A C25   1 
HETATM 1018 O O26   . C10 D 3 .  ? -6.412  11.569  -12.888 1.00 59.54 ? 1062 C10 A O26   1 
HETATM 1019 C C27   . C10 D 3 .  ? -5.668  11.355  -11.679 1.00 59.89 ? 1062 C10 A C27   1 
HETATM 1020 C C28   . C10 D 3 .  ? -6.214  10.152  -10.906 1.00 58.51 ? 1062 C10 A C28   1 
HETATM 1021 O O29   . C10 D 3 .  ? -7.583  10.377  -10.567 1.00 56.68 ? 1062 C10 A O29   1 
HETATM 1022 C C1    . C10 E 3 .  ? 4.792   6.462   20.411  1.00 60.33 ? 1063 C10 A C1    1 
HETATM 1023 C C2    . C10 E 3 .  ? 4.709   5.572   21.653  1.00 60.44 ? 1063 C10 A C2    1 
HETATM 1024 C C3    . C10 E 3 .  ? 5.427   4.245   21.400  1.00 60.84 ? 1063 C10 A C3    1 
HETATM 1025 C C4    . C10 E 3 .  ? 5.338   3.320   22.615  1.00 60.71 ? 1063 C10 A C4    1 
HETATM 1026 C C5    . C10 E 3 .  ? 6.062   2.006   22.316  1.00 61.42 ? 1063 C10 A C5    1 
HETATM 1027 C C6    . C10 E 3 .  ? 6.059   1.043   23.506  1.00 62.19 ? 1063 C10 A C6    1 
HETATM 1028 C C7    . C10 E 3 .  ? 4.680   0.461   23.826  1.00 63.05 ? 1063 C10 A C7    1 
HETATM 1029 C C8    . C10 E 3 .  ? 4.117   -0.383  22.678  1.00 64.14 ? 1063 C10 A C8    1 
HETATM 1030 C C9    . C10 E 3 .  ? 2.860   -1.120  23.142  1.00 65.56 ? 1063 C10 A C9    1 
HETATM 1031 C C10   . C10 E 3 .  ? 2.074   -1.748  21.989  1.00 67.00 ? 1063 C10 A C10   1 
HETATM 1032 O O11   . C10 E 3 .  ? 2.790   -2.776  21.287  1.00 68.56 ? 1063 C10 A O11   1 
HETATM 1033 C C12   . C10 E 3 .  ? 1.850   -3.473  20.453  1.00 68.16 ? 1063 C10 A C12   1 
HETATM 1034 C C13   . C10 E 3 .  ? 2.528   -4.453  19.510  1.00 67.96 ? 1063 C10 A C13   1 
HETATM 1035 O O14   . C10 E 3 .  ? 3.254   -3.755  18.487  1.00 67.60 ? 1063 C10 A O14   1 
HETATM 1036 C C15   . C10 E 3 .  ? 3.744   -4.693  17.517  1.00 66.50 ? 1063 C10 A C15   1 
HETATM 1037 C C16   . C10 E 3 .  ? 4.389   -3.929  16.371  1.00 65.69 ? 1063 C10 A C16   1 
HETATM 1038 O O17   . C10 E 3 .  ? 3.417   -3.093  15.727  1.00 65.48 ? 1063 C10 A O17   1 
HETATM 1039 C C18   . C10 E 3 .  ? 2.837   -3.770  14.601  1.00 65.57 ? 1063 C10 A C18   1 
HETATM 1040 C C19   . C10 E 3 .  ? 1.479   -3.155  14.308  1.00 65.32 ? 1063 C10 A C19   1 
HETATM 1041 O O20   . C10 E 3 .  ? 0.877   -3.758  13.152  1.00 65.74 ? 1063 C10 A O20   1 
HETATM 1042 C C21   . C10 E 3 .  ? -0.508  -3.387  13.120  1.00 65.97 ? 1063 C10 A C21   1 
HETATM 1043 C C22   . C10 E 3 .  ? -1.223  -4.208  12.060  1.00 66.04 ? 1063 C10 A C22   1 
HETATM 1044 O O23   . C10 E 3 .  ? -1.011  -5.603  12.327  1.00 65.97 ? 1063 C10 A O23   1 
HETATM 1045 C C24   . C10 E 3 .  ? -2.257  -6.263  12.596  1.00 65.91 ? 1063 C10 A C24   1 
HETATM 1046 C C25   . C10 E 3 .  ? -2.003  -7.760  12.654  1.00 67.33 ? 1063 C10 A C25   1 
HETATM 1047 O O26   . C10 E 3 .  ? -1.381  -8.170  11.427  1.00 67.99 ? 1063 C10 A O26   1 
HETATM 1048 C C27   . C10 E 3 .  ? -1.295  -9.601  11.370  1.00 68.08 ? 1063 C10 A C27   1 
HETATM 1049 C C28   . C10 E 3 .  ? -0.670  -10.016 10.036  1.00 68.24 ? 1063 C10 A C28   1 
HETATM 1050 O O29   . C10 E 3 .  ? -1.457  -9.502  8.959   1.00 67.91 ? 1063 C10 A O29   1 
HETATM 1051 O O11   . C10 F 3 .  ? -9.764  -7.919  6.391   1.00 63.31 ? 1064 C10 A O11   1 
HETATM 1052 C C12   . C10 F 3 .  ? -9.876  -6.566  6.840   1.00 63.34 ? 1064 C10 A C12   1 
HETATM 1053 C C13   . C10 F 3 .  ? -10.006 -6.541  8.364   1.00 64.23 ? 1064 C10 A C13   1 
HETATM 1054 O O14   . C10 F 3 .  ? -10.241 -5.187  8.775   1.00 65.14 ? 1064 C10 A O14   1 
HETATM 1055 C C15   . C10 F 3 .  ? -10.580 -5.158  10.168  1.00 65.73 ? 1064 C10 A C15   1 
HETATM 1056 C C16   . C10 F 3 .  ? -11.073 -3.771  10.549  1.00 65.59 ? 1064 C10 A C16   1 
HETATM 1057 O O17   . C10 F 3 .  ? -12.323 -3.437  9.925   1.00 65.18 ? 1064 C10 A O17   1 
HETATM 1058 C C18   . C10 F 3 .  ? -12.156 -3.069  8.545   1.00 65.20 ? 1064 C10 A C18   1 
HETATM 1059 C C19   . C10 F 3 .  ? -13.379 -2.300  8.068   1.00 65.04 ? 1064 C10 A C19   1 
HETATM 1060 O O20   . C10 F 3 .  ? -13.485 -1.081  8.820   1.00 64.66 ? 1064 C10 A O20   1 
HETATM 1061 C C21   . C10 F 3 .  ? -14.682 -0.377  8.460   1.00 64.70 ? 1064 C10 A C21   1 
HETATM 1062 C C22   . C10 F 3 .  ? -14.656 1.011   9.082   1.00 65.11 ? 1064 C10 A C22   1 
HETATM 1063 O O23   . C10 F 3 .  ? -14.533 0.905   10.509  1.00 64.80 ? 1064 C10 A O23   1 
HETATM 1064 C C24   . C10 F 3 .  ? -14.370 2.207   11.093  1.00 64.57 ? 1064 C10 A C24   1 
HETATM 1065 C C25   . C10 F 3 .  ? -14.063 2.059   12.576  1.00 63.65 ? 1064 C10 A C25   1 
HETATM 1066 O O26   . C10 F 3 .  ? -13.848 3.339   13.189  1.00 63.27 ? 1064 C10 A O26   1 
HETATM 1067 C C27   . C10 F 3 .  ? -15.053 3.791   13.828  1.00 63.52 ? 1064 C10 A C27   1 
HETATM 1068 C C28   . C10 F 3 .  ? -14.845 5.202   14.382  1.00 63.42 ? 1064 C10 A C28   1 
HETATM 1069 O O29   . C10 F 3 .  ? -16.045 5.626   15.037  1.00 64.01 ? 1064 C10 A O29   1 
HETATM 1070 O O11   . C10 G 3 .  ? -19.162 10.811  -3.823  1.00 61.16 ? 1065 C10 A O11   1 
HETATM 1071 C C12   . C10 G 3 .  ? -18.345 10.006  -2.968  1.00 61.00 ? 1065 C10 A C12   1 
HETATM 1072 C C13   . C10 G 3 .  ? -18.742 8.536   -3.120  1.00 60.83 ? 1065 C10 A C13   1 
HETATM 1073 O O14   . C10 G 3 .  ? -18.569 8.131   -4.486  1.00 61.69 ? 1065 C10 A O14   1 
HETATM 1074 C C15   . C10 G 3 .  ? -18.835 6.727   -4.622  1.00 61.80 ? 1065 C10 A C15   1 
HETATM 1075 C C16   . C10 G 3 .  ? -17.548 5.937   -4.803  1.00 61.89 ? 1065 C10 A C16   1 
HETATM 1076 O O17   . C10 G 3 .  ? -16.679 6.122   -3.676  1.00 62.43 ? 1065 C10 A O17   1 
HETATM 1077 C C18   . C10 G 3 .  ? -15.466 6.765   -4.092  1.00 61.71 ? 1065 C10 A C18   1 
HETATM 1078 C C19   . C10 G 3 .  ? -15.361 8.117   -3.406  1.00 61.95 ? 1065 C10 A C19   1 
HETATM 1079 O O20   . C10 G 3 .  ? -14.178 8.827   -3.804  1.00 62.46 ? 1065 C10 A O20   1 
HETATM 1080 C C21   . C10 G 3 .  ? -14.467 9.644   -4.949  1.00 62.19 ? 1065 C10 A C21   1 
HETATM 1081 C C22   . C10 G 3 .  ? -13.307 10.590  -5.217  1.00 61.94 ? 1065 C10 A C22   1 
HETATM 1082 O O23   . C10 G 3 .  ? -13.190 11.578  -4.181  1.00 62.62 ? 1065 C10 A O23   1 
HETATM 1083 C C24   . C10 G 3 .  ? -14.208 12.590  -4.265  1.00 62.55 ? 1065 C10 A C24   1 
HETATM 1084 C C25   . C10 G 3 .  ? -13.885 13.644  -5.327  1.00 63.15 ? 1065 C10 A C25   1 
HETATM 1085 O O26   . C10 G 3 .  ? -13.869 13.038  -6.623  1.00 63.37 ? 1065 C10 A O26   1 
HETATM 1086 O O11   . C10 H 3 .  ? -16.606 -3.862  0.107   1.00 62.58 ? 1066 C10 A O11   1 
HETATM 1087 C C12   . C10 H 3 .  ? -16.411 -3.084  -1.077  1.00 61.91 ? 1066 C10 A C12   1 
HETATM 1088 C C13   . C10 H 3 .  ? -17.003 -1.688  -0.879  1.00 61.70 ? 1066 C10 A C13   1 
HETATM 1089 O O14   . C10 H 3 .  ? -16.304 -0.960  0.142   1.00 62.08 ? 1066 C10 A O14   1 
HETATM 1090 C C15   . C10 H 3 .  ? -17.109 0.173   0.498   1.00 63.49 ? 1066 C10 A C15   1 
HETATM 1091 C C16   . C10 H 3 .  ? -16.279 1.219   1.228   1.00 64.19 ? 1066 C10 A C16   1 
HETATM 1092 O O17   . C10 H 3 .  ? -15.756 0.717   2.468   1.00 65.85 ? 1066 C10 A O17   1 
HETATM 1093 C C18   . C10 H 3 .  ? -16.754 0.565   3.490   1.00 66.11 ? 1066 C10 A C18   1 
HETATM 1094 C C19   . C10 H 3 .  ? -17.049 1.889   4.179   1.00 66.07 ? 1066 C10 A C19   1 
HETATM 1095 O O20   . C10 H 3 .  ? -17.835 2.752   3.344   1.00 66.51 ? 1066 C10 A O20   1 
HETATM 1096 C C21   . C10 H 3 .  ? -19.225 2.459   3.549   1.00 66.67 ? 1066 C10 A C21   1 
HETATM 1097 C C22   . C10 H 3 .  ? -20.044 2.966   2.361   1.00 66.37 ? 1066 C10 A C22   1 
HETATM 1098 O O23   . C10 H 3 .  ? -21.423 2.652   2.572   1.00 65.55 ? 1066 C10 A O23   1 
HETATM 1099 O O11   . C10 I 3 .  ? 5.135   -4.028  -27.748 1.00 72.21 ? 1067 C10 A O11   1 
HETATM 1100 C C12   . C10 I 3 .  ? 5.970   -3.928  -26.590 1.00 72.82 ? 1067 C10 A C12   1 
HETATM 1101 C C13   . C10 I 3 .  ? 5.166   -4.286  -25.339 1.00 73.06 ? 1067 C10 A C13   1 
HETATM 1102 O O14   . C10 I 3 .  ? 4.063   -3.379  -25.190 1.00 72.90 ? 1067 C10 A O14   1 
HETATM 1103 C C15   . C10 I 3 .  ? 3.309   -3.727  -24.020 1.00 72.74 ? 1067 C10 A C15   1 
HETATM 1104 C C16   . C10 I 3 .  ? 2.167   -2.742  -23.832 1.00 72.43 ? 1067 C10 A C16   1 
HETATM 1105 O O17   . C10 I 3 .  ? 1.445   -3.057  -22.630 1.00 71.66 ? 1067 C10 A O17   1 
HETATM 1106 C C18   . C10 I 3 .  ? 0.225   -3.749  -22.935 1.00 70.69 ? 1067 C10 A C18   1 
HETATM 1107 C C19   . C10 I 3 .  ? -0.951  -2.785  -22.962 1.00 69.25 ? 1067 C10 A C19   1 
HETATM 1108 O O20   . C10 I 3 .  ? -1.160  -2.245  -21.648 1.00 69.12 ? 1067 C10 A O20   1 
HETATM 1109 C C21   . C10 I 3 .  ? -2.487  -1.706  -21.551 1.00 67.70 ? 1067 C10 A C21   1 
HETATM 1110 C C22   . C10 I 3 .  ? -2.477  -0.182  -21.695 1.00 67.75 ? 1067 C10 A C22   1 
HETATM 1111 O O23   . C10 I 3 .  ? -1.734  0.393   -20.616 1.00 67.94 ? 1067 C10 A O23   1 
HETATM 1112 O O11   . C10 J 3 .  ? -0.469  0.535   -2.261  1.00 55.20 ? 1061 C10 B O11   1 
HETATM 1113 C C12   . C10 J 3 .  ? 0.151   -0.427  -3.117  1.00 57.04 ? 1061 C10 B C12   1 
HETATM 1114 C C13   . C10 J 3 .  ? 0.290   -1.766  -2.388  1.00 57.69 ? 1061 C10 B C13   1 
HETATM 1115 O O14   . C10 J 3 .  ? 1.155   -1.704  -1.242  1.00 58.98 ? 1061 C10 B O14   1 
HETATM 1116 C C15   . C10 J 3 .  ? 0.440   -1.307  -0.061  1.00 60.48 ? 1061 C10 B C15   1 
HETATM 1117 C C16   . C10 J 3 .  ? 1.218   -1.709  1.183   1.00 60.60 ? 1061 C10 B C16   1 
HETATM 1118 O O17   . C10 J 3 .  ? 1.331   -3.138  1.285   1.00 63.11 ? 1061 C10 B O17   1 
HETATM 1119 C C18   . C10 J 3 .  ? 2.094   -3.453  2.460   1.00 62.98 ? 1061 C10 B C18   1 
HETATM 1120 C C19   . C10 J 3 .  ? 2.157   -4.943  2.763   1.00 62.02 ? 1061 C10 B C19   1 
HETATM 1121 O O20   . C10 J 3 .  ? 3.013   -5.117  3.905   1.00 61.68 ? 1061 C10 B O20   1 
HETATM 1122 C C21   . C10 J 3 .  ? 3.191   -6.500  4.242   1.00 60.82 ? 1061 C10 B C21   1 
HETATM 1123 C C22   . C10 J 3 .  ? 4.346   -6.612  5.227   1.00 60.55 ? 1061 C10 B C22   1 
HETATM 1124 O O23   . C10 J 3 .  ? 4.512   -7.964  5.679   1.00 61.16 ? 1061 C10 B O23   1 
HETATM 1125 C C24   . C10 J 3 .  ? 5.461   -8.679  4.873   1.00 60.02 ? 1061 C10 B C24   1 
HETATM 1126 C C25   . C10 J 3 .  ? 5.267   -10.182 5.089   1.00 59.34 ? 1061 C10 B C25   1 
HETATM 1127 O O26   . C10 J 3 .  ? 5.342   -10.481 6.485   1.00 60.55 ? 1061 C10 B O26   1 
HETATM 1128 O O11   . C10 K 3 .  ? 2.267   17.887  3.224   1.00 68.45 ? 1062 C10 B O11   1 
HETATM 1129 C C12   . C10 K 3 .  ? 1.083   18.298  2.535   1.00 68.48 ? 1062 C10 B C12   1 
HETATM 1130 C C13   . C10 K 3 .  ? 0.777   19.763  2.857   1.00 68.54 ? 1062 C10 B C13   1 
HETATM 1131 O O14   . C10 K 3 .  ? -0.413  20.173  2.167   1.00 69.13 ? 1062 C10 B O14   1 
HETATM 1132 C C15   . C10 K 3 .  ? -1.562  19.972  3.004   1.00 69.18 ? 1062 C10 B C15   1 
HETATM 1133 C C16   . C10 K 3 .  ? -2.796  19.764  2.141   1.00 69.31 ? 1062 C10 B C16   1 
HETATM 1134 O O17   . C10 K 3 .  ? -3.918  19.479  2.991   1.00 70.44 ? 1062 C10 B O17   1 
HETATM 1135 C C18   . C10 K 3 .  ? -4.914  18.776  2.234   1.00 69.81 ? 1062 C10 B C18   1 
HETATM 1136 C C19   . C10 K 3 .  ? -5.495  17.671  3.102   1.00 69.07 ? 1062 C10 B C19   1 
HETATM 1137 O O20   . C10 K 3 .  ? -6.452  16.898  2.362   1.00 68.95 ? 1062 C10 B O20   1 
HETATM 1138 C C21   . C10 K 3 .  ? -6.791  15.714  3.103   1.00 68.74 ? 1062 C10 B C21   1 
HETATM 1139 C C22   . C10 K 3 .  ? -6.083  14.511  2.501   1.00 68.35 ? 1062 C10 B C22   1 
HETATM 1140 O O23   . C10 K 3 .  ? -6.255  13.349  3.325   1.00 67.51 ? 1062 C10 B O23   1 
HETATM 1141 C C24   . C10 K 3 .  ? -5.377  12.325  2.837   1.00 67.47 ? 1062 C10 B C24   1 
HETATM 1142 C C25   . C10 K 3 .  ? -5.162  11.253  3.908   1.00 67.00 ? 1062 C10 B C25   1 
HETATM 1143 O O26   . C10 K 3 .  ? -4.211  10.294  3.436   1.00 66.00 ? 1062 C10 B O26   1 
HETATM 1144 O O11   . C10 L 3 .  ? 10.998  7.190   11.435  1.00 66.21 ? 1063 C10 B O11   1 
HETATM 1145 C C12   . C10 L 3 .  ? 9.810   7.809   10.936  1.00 65.38 ? 1063 C10 B C12   1 
HETATM 1146 C C13   . C10 L 3 .  ? 9.167   8.655   12.037  1.00 65.26 ? 1063 C10 B C13   1 
HETATM 1147 O O14   . C10 L 3 .  ? 8.886   7.830   13.178  1.00 64.92 ? 1063 C10 B O14   1 
HETATM 1148 C C15   . C10 L 3 .  ? 8.113   8.584   14.125  1.00 65.01 ? 1063 C10 B C15   1 
HETATM 1149 C C16   . C10 L 3 .  ? 7.962   7.783   15.408  1.00 64.78 ? 1063 C10 B C16   1 
HETATM 1150 O O17   . C10 L 3 .  ? 7.321   6.527   15.139  1.00 65.21 ? 1063 C10 B O17   1 
HETATM 1151 C C18   . C10 L 3 .  ? 6.063   6.470   15.827  1.00 64.85 ? 1063 C10 B C18   1 
HETATM 1152 C C19   . C10 L 3 .  ? 5.390   5.133   15.560  1.00 63.88 ? 1063 C10 B C19   1 
HETATM 1153 O O20   . C10 L 3 .  ? 4.087   5.126   16.162  1.00 64.50 ? 1063 C10 B O20   1 
HETATM 1154 C C21   . C10 L 3 .  ? 3.411   3.901   15.838  1.00 62.85 ? 1063 C10 B C21   1 
HETATM 1155 C C22   . C10 L 3 .  ? 1.943   3.987   16.265  1.00 62.24 ? 1063 C10 B C22   1 
HETATM 1156 O O23   . C10 L 3 .  ? 1.300   5.045   15.550  1.00 61.36 ? 1063 C10 B O23   1 
HETATM 1157 O O11   . C10 M 3 .  ? 11.430  10.569  5.347   1.00 62.35 ? 1064 C10 B O11   1 
HETATM 1158 C C12   . C10 M 3 .  ? 10.275  11.306  5.757   1.00 63.58 ? 1064 C10 B C12   1 
HETATM 1159 C C13   . C10 M 3 .  ? 10.482  11.812  7.186   1.00 64.13 ? 1064 C10 B C13   1 
HETATM 1160 O O14   . C10 M 3 .  ? 10.645  10.681  8.052   1.00 64.84 ? 1064 C10 B O14   1 
HETATM 1161 C C15   . C10 M 3 .  ? 10.940  11.105  9.391   1.00 63.99 ? 1064 C10 B C15   1 
HETATM 1162 C C16   . C10 M 3 .  ? 12.446  11.142  9.601   1.00 64.19 ? 1064 C10 B C16   1 
HETATM 1163 O O17   . C10 M 3 .  ? 12.732  11.354  10.992  1.00 64.29 ? 1064 C10 B O17   1 
HETATM 1164 C C18   . C10 M 3 .  ? 12.658  12.752  11.310  1.00 63.89 ? 1064 C10 B C18   1 
HETATM 1165 C C19   . C10 M 3 .  ? 11.913  12.947  12.633  1.00 63.86 ? 1064 C10 B C19   1 
HETATM 1166 O O20   . C10 M 3 .  ? 11.860  14.346  12.923  1.00 63.24 ? 1064 C10 B O20   1 
HETATM 1167 O O11   . C10 N 3 .  ? 15.796  1.321   -2.504  1.00 51.07 ? 1065 C10 B O11   1 
HETATM 1168 C C12   . C10 N 3 .  ? 15.118  1.316   -3.764  1.00 53.16 ? 1065 C10 B C12   1 
HETATM 1169 C C13   . C10 N 3 .  ? 15.320  -0.041  -4.442  1.00 54.55 ? 1065 C10 B C13   1 
HETATM 1170 O O14   . C10 N 3 .  ? 14.683  -0.038  -5.729  1.00 56.98 ? 1065 C10 B O14   1 
HETATM 1171 C C15   . C10 N 3 .  ? 14.869  -1.306  -6.375  1.00 57.90 ? 1065 C10 B C15   1 
HETATM 1172 C C16   . C10 N 3 .  ? 16.125  -1.331  -7.235  1.00 59.85 ? 1065 C10 B C16   1 
HETATM 1173 O O17   . C10 N 3 .  ? 15.946  -0.553  -8.428  1.00 61.70 ? 1065 C10 B O17   1 
HETATM 1174 C C18   . C10 N 3 .  ? 17.073  -0.768  -9.292  1.00 62.40 ? 1065 C10 B C18   1 
HETATM 1175 C C19   . C10 N 3 .  ? 16.706  -0.481  -10.750 1.00 63.27 ? 1065 C10 B C19   1 
HETATM 1176 O O20   . C10 N 3 .  ? 16.342  0.892   -10.910 1.00 64.09 ? 1065 C10 B O20   1 
HETATM 1177 O O     . HOH O 4 .  ? -9.672  -5.089  -19.704 1.00 40.47 ? 2001 HOH A O     1 
HETATM 1178 O O     . HOH O 4 .  ? -5.726  -6.077  -18.012 1.00 41.95 ? 2002 HOH A O     1 
HETATM 1179 O O     . HOH O 4 .  ? -9.207  -9.160  -17.564 1.00 45.30 ? 2003 HOH A O     1 
HETATM 1180 O O     . HOH O 4 .  ? -6.671  -6.682  -21.222 1.00 50.16 ? 2004 HOH A O     1 
HETATM 1181 O O     . HOH O 4 .  ? -5.021  -4.764  -22.869 0.50 70.78 ? 2005 HOH A O     1 
HETATM 1182 O O     . HOH O 4 .  ? -13.056 -3.528  -21.455 1.00 57.35 ? 2006 HOH A O     1 
HETATM 1183 O O     . HOH O 4 .  ? -8.552  -4.151  -21.917 1.00 61.17 ? 2007 HOH A O     1 
HETATM 1184 O O     . HOH O 4 .  ? -6.959  8.946   -15.542 1.00 67.05 ? 2008 HOH A O     1 
HETATM 1185 O O     . HOH O 4 .  ? -5.049  7.313   -9.163  1.00 33.51 ? 2009 HOH A O     1 
HETATM 1186 O O     . HOH O 4 .  ? -5.242  -12.567 -7.990  1.00 41.12 ? 2010 HOH A O     1 
HETATM 1187 O O     . HOH O 4 .  ? -7.131  1.203   -22.073 1.00 67.92 ? 2011 HOH A O     1 
HETATM 1188 O O     . HOH O 4 .  ? -4.209  -7.447  -16.213 1.00 36.96 ? 2012 HOH A O     1 
HETATM 1189 O O     . HOH O 4 .  ? -0.527  -12.009 -10.633 0.50 65.69 ? 2013 HOH A O     1 
HETATM 1190 O O     . HOH O 4 .  ? -2.417  -11.087 -16.084 1.00 55.90 ? 2014 HOH A O     1 
HETATM 1191 O O     . HOH O 4 .  ? -3.136  -10.336 -9.843  1.00 28.47 ? 2015 HOH A O     1 
HETATM 1192 O O     . HOH O 4 .  ? -4.523  -10.054 -17.323 1.00 48.97 ? 2016 HOH A O     1 
HETATM 1193 O O     . HOH O 4 .  ? -8.987  7.240   4.548   1.00 38.26 ? 2017 HOH A O     1 
HETATM 1194 O O     . HOH O 4 .  ? -14.145 3.990   0.486   1.00 55.43 ? 2018 HOH A O     1 
HETATM 1195 O O     . HOH O 4 .  ? -4.544  6.307   -6.765  1.00 33.78 ? 2019 HOH A O     1 
HETATM 1196 O O     . HOH O 4 .  ? 4.102   -11.419 -7.358  1.00 47.91 ? 2020 HOH A O     1 
HETATM 1197 O O     . HOH O 4 .  ? -3.400  -12.560 -5.962  1.00 40.41 ? 2021 HOH A O     1 
HETATM 1198 O O     . HOH O 4 .  ? -3.168  -10.297 0.883   1.00 35.57 ? 2022 HOH A O     1 
HETATM 1199 O O     . HOH O 4 .  ? -6.143  -7.105  2.914   1.00 38.83 ? 2023 HOH A O     1 
HETATM 1200 O O     . HOH O 4 .  ? 1.707   -4.008  8.382   1.00 50.80 ? 2024 HOH A O     1 
HETATM 1201 O O     . HOH O 4 .  ? -7.696  -2.712  9.600   1.00 45.74 ? 2025 HOH A O     1 
HETATM 1202 O O     . HOH O 4 .  ? -15.091 -5.284  4.515   1.00 58.75 ? 2026 HOH A O     1 
HETATM 1203 O O     . HOH O 4 .  ? -8.662  -7.178  1.892   1.00 35.64 ? 2027 HOH A O     1 
HETATM 1204 O O     . HOH O 4 .  ? -11.666 -6.698  -0.256  1.00 58.38 ? 2028 HOH A O     1 
HETATM 1205 O O     . HOH O 4 .  ? -13.986 -7.367  -2.399  1.00 44.55 ? 2029 HOH A O     1 
HETATM 1206 O O     . HOH O 4 .  ? -13.480 -9.707  -15.013 1.00 60.47 ? 2030 HOH A O     1 
HETATM 1207 O O     . HOH O 4 .  ? -13.972 -9.066  -6.632  1.00 35.47 ? 2031 HOH A O     1 
HETATM 1208 O O     . HOH O 4 .  ? -14.559 -11.345 -7.512  0.50 30.19 ? 2032 HOH A O     1 
HETATM 1209 O O     . HOH O 4 .  ? -17.077 -4.636  -11.512 1.00 33.98 ? 2033 HOH A O     1 
HETATM 1210 O O     . HOH O 4 .  ? -15.961 -7.611  -8.029  1.00 30.74 ? 2034 HOH A O     1 
HETATM 1211 O O     . HOH O 4 .  ? -12.320 -5.570  -19.857 1.00 58.09 ? 2035 HOH A O     1 
HETATM 1212 O O     . HOH O 4 .  ? -14.881 -7.578  -15.172 1.00 33.61 ? 2036 HOH A O     1 
HETATM 1213 O O     . HOH O 4 .  ? -15.322 -7.147  -17.815 1.00 28.10 ? 2037 HOH A O     1 
HETATM 1214 O O     . HOH O 4 .  ? -18.270 6.184   -14.336 1.00 66.76 ? 2038 HOH A O     1 
HETATM 1215 O O     . HOH O 4 .  ? -18.255 0.713   -11.227 1.00 55.05 ? 2039 HOH A O     1 
HETATM 1216 O O     . HOH O 4 .  ? -16.772 2.164   -17.659 1.00 67.24 ? 2040 HOH A O     1 
HETATM 1217 O O     . HOH O 4 .  ? -17.209 1.159   -8.501  1.00 43.43 ? 2041 HOH A O     1 
HETATM 1218 O O     . HOH O 4 .  ? -17.772 -3.086  -7.061  1.00 54.28 ? 2042 HOH A O     1 
HETATM 1219 O O     . HOH O 4 .  ? -15.523 -0.006  -4.675  1.00 49.29 ? 2043 HOH A O     1 
HETATM 1220 O O     . HOH O 4 .  ? 5.190   1.808   -13.926 1.00 72.21 ? 2044 HOH A O     1 
HETATM 1221 O O     . HOH O 4 .  ? 0.795   -1.350  11.636  1.00 75.98 ? 2045 HOH A O     1 
HETATM 1222 O O     . HOH O 4 .  ? 3.050   -3.974  11.668  1.00 40.86 ? 2046 HOH A O     1 
HETATM 1223 O O     . HOH O 4 .  ? -13.347 -4.658  12.422  1.00 65.92 ? 2047 HOH A O     1 
HETATM 1224 O O     . HOH O 4 .  ? -16.160 4.910   -1.013  1.00 58.44 ? 2048 HOH A O     1 
HETATM 1225 O O     . HOH O 4 .  ? 1.040   -5.577  -20.609 1.00 48.67 ? 2049 HOH A O     1 
HETATM 1226 O O     . HOH P 4 .  ? -10.386 12.606  4.260   1.00 68.15 ? 2001 HOH B O     1 
HETATM 1227 O O     . HOH P 4 .  ? 17.337  -11.222 7.624   1.00 29.70 ? 2002 HOH B O     1 
HETATM 1228 O O     . HOH P 4 .  ? 16.341  -12.079 3.964   0.50 62.25 ? 2003 HOH B O     1 
HETATM 1229 O O     . HOH P 4 .  ? 18.828  -6.091  15.551  1.00 58.75 ? 2004 HOH B O     1 
HETATM 1230 O O     . HOH P 4 .  ? 3.456   -9.427  11.170  1.00 44.30 ? 2005 HOH B O     1 
HETATM 1231 O O     . HOH P 4 .  ? 7.146   -8.131  17.208  1.00 49.20 ? 2006 HOH B O     1 
HETATM 1232 O O     . HOH P 4 .  ? 5.750   -10.097 13.426  1.00 64.87 ? 2007 HOH B O     1 
HETATM 1233 O O     . HOH P 4 .  ? 7.309   -10.083 15.714  1.00 50.49 ? 2008 HOH B O     1 
HETATM 1234 O O     . HOH P 4 .  ? 11.494  -18.231 3.590   1.00 50.83 ? 2009 HOH B O     1 
HETATM 1235 O O     . HOH P 4 .  ? 12.363  -8.181  -5.802  1.00 38.83 ? 2010 HOH B O     1 
HETATM 1236 O O     . HOH P 4 .  ? 17.718  -8.714  1.244   0.50 29.97 ? 2011 HOH B O     1 
HETATM 1237 O O     . HOH P 4 .  ? 4.949   -4.945  9.992   1.00 36.70 ? 2012 HOH B O     1 
HETATM 1238 O O     . HOH P 4 .  ? 10.885  -12.540 12.811  1.00 42.89 ? 2013 HOH B O     1 
HETATM 1239 O O     . HOH P 4 .  ? 14.109  -11.996 4.474   1.00 30.25 ? 2014 HOH B O     1 
HETATM 1240 O O     . HOH P 4 .  ? 13.015  -11.694 2.261   1.00 26.32 ? 2015 HOH B O     1 
HETATM 1241 O O     . HOH P 4 .  ? 9.261   -16.893 3.860   1.00 45.95 ? 2016 HOH B O     1 
HETATM 1242 O O     . HOH P 4 .  ? 4.031   -7.134  1.546   1.00 39.99 ? 2017 HOH B O     1 
HETATM 1243 O O     . HOH P 4 .  ? 15.883  -10.368 1.680   1.00 30.84 ? 2018 HOH B O     1 
HETATM 1244 O O     . HOH P 4 .  ? 14.711  -8.570  -5.203  1.00 40.17 ? 2019 HOH B O     1 
HETATM 1245 O O     . HOH P 4 .  ? 3.419   -4.221  6.367   1.00 70.18 ? 2020 HOH B O     1 
HETATM 1246 O O     . HOH P 4 .  ? 13.170  5.342   9.506   1.00 55.11 ? 2021 HOH B O     1 
HETATM 1247 O O     . HOH P 4 .  ? 1.293   9.609   8.031   1.00 62.04 ? 2022 HOH B O     1 
HETATM 1248 O O     . HOH P 4 .  ? -0.829  0.207   10.372  1.00 29.02 ? 2023 HOH B O     1 
HETATM 1249 O O     . HOH P 4 .  ? 2.484   -1.772  9.877   1.00 26.31 ? 2024 HOH B O     1 
HETATM 1250 O O     . HOH P 4 .  ? 5.039   4.258   12.790  1.00 44.49 ? 2025 HOH B O     1 
HETATM 1251 O O     . HOH P 4 .  ? 12.281  -4.296  -5.809  1.00 52.69 ? 2026 HOH B O     1 
HETATM 1252 O O     . HOH P 4 .  ? 12.169  -7.335  -3.364  1.00 34.24 ? 2027 HOH B O     1 
HETATM 1253 O O     . HOH P 4 .  ? 4.176   -2.936  -4.936  1.00 38.13 ? 2028 HOH B O     1 
HETATM 1254 O O     . HOH P 4 .  ? 6.578   0.589   -8.325  1.00 59.12 ? 2029 HOH B O     1 
HETATM 1255 O O     . HOH P 4 .  ? 10.866  -1.677  -6.297  1.00 33.79 ? 2030 HOH B O     1 
HETATM 1256 O O     . HOH P 4 .  ? 7.035   5.600   -3.470  1.00 26.26 ? 2031 HOH B O     1 
HETATM 1257 O O     . HOH P 4 .  ? -2.349  9.946   -8.172  1.00 60.50 ? 2032 HOH B O     1 
HETATM 1258 O O     . HOH P 4 .  ? -3.374  9.606   -3.570  1.00 37.51 ? 2033 HOH B O     1 
HETATM 1259 O O     . HOH P 4 .  ? 0.861   15.273  -2.157  1.00 62.03 ? 2034 HOH B O     1 
HETATM 1260 O O     . HOH P 4 .  ? 11.694  5.221   -1.912  1.00 25.22 ? 2035 HOH B O     1 
HETATM 1261 O O     . HOH P 4 .  ? 17.990  -5.962  0.843   1.00 48.53 ? 2036 HOH B O     1 
HETATM 1262 O O     . HOH P 4 .  ? 18.245  1.666   1.010   1.00 24.36 ? 2037 HOH B O     1 
HETATM 1263 O O     . HOH P 4 .  ? 19.663  -0.023  7.885   1.00 28.37 ? 2038 HOH B O     1 
HETATM 1264 O O     . HOH P 4 .  ? 19.215  2.344   3.511   1.00 27.39 ? 2039 HOH B O     1 
HETATM 1265 O O     . HOH P 4 .  ? 21.800  -4.072  6.628   1.00 39.46 ? 2040 HOH B O     1 
HETATM 1266 O O     . HOH P 4 .  ? 19.423  -9.312  6.958   1.00 31.37 ? 2041 HOH B O     1 
HETATM 1267 O O     . HOH P 4 .  ? 16.823  -2.055  18.782  1.00 42.89 ? 2042 HOH B O     1 
HETATM 1268 O O     . HOH P 4 .  ? 16.834  4.324   6.673   1.00 32.31 ? 2043 HOH B O     1 
HETATM 1269 O O     . HOH P 4 .  ? 11.984  4.227   12.225  1.00 35.55 ? 2044 HOH B O     1 
HETATM 1270 O O     . HOH P 4 .  ? 2.005   -4.011  -1.698  1.00 66.61 ? 2045 HOH B O     1 
HETATM 1271 O O     . HOH P 4 .  ? 2.784   -9.601  7.101   1.00 68.32 ? 2046 HOH B O     1 
HETATM 1272 O O     . HOH P 4 .  ? -8.065  11.632  5.197   1.00 61.10 ? 2047 HOH B O     1 
HETATM 1273 O O     . HOH P 4 .  ? 12.577  9.192   7.363   1.00 56.92 ? 2048 HOH B O     1 
HETATM 1274 O O     . HOH P 4 .  ? 13.865  0.416   -9.954  1.00 49.40 ? 2049 HOH B O     1 
HETATM 1275 O O     . HOH P 4 .  ? 13.460  -2.271  -10.010 1.00 76.46 ? 2050 HOH B O     1 
HETATM 1276 O O     . HOH P 4 .  ? 19.028  3.044   -3.252  0.50 33.38 ? 2051 HOH B O     1 
# 
